data_7T7I
#
_entry.id   7T7I
#
_cell.length_a   238.153
_cell.length_b   238.153
_cell.length_c   137.532
_cell.angle_alpha   90.000
_cell.angle_beta   90.000
_cell.angle_gamma   90.000
#
_symmetry.space_group_name_H-M   'P 43 21 2'
#
loop_
_entity.id
_entity.type
_entity.pdbx_description
1 polymer 'Nuclear egress protein 2'
2 polymer 'Nuclear egress protein 1'
3 non-polymer 'ZINC ION'
4 water water
#
loop_
_entity_poly.entity_id
_entity_poly.type
_entity_poly.pdbx_seq_one_letter_code
_entity_poly.pdbx_strand_id
1 'polypeptide(L)'
;GPLGSMASPEERLLDELNNVIVSFLCDSGSLEVERCSGAHVFSRGSSQPLCTVKLRHGQIYHLEFVYKFLAFKLKNCNYP
SSPVFVISNNGLATTLRCFLHEPSGLRSGQSGPCLGLSTDVDLPKNSIIMLGQDDFIKFKSPLVFPAELDLLKSMVVCRA
YITEHRTTMQFLVFQAANAQKASRVMDMISDMSQQLSRSG
;
A,C,E,G,I
2 'polypeptide(L)'
;GPGSRSICSRHTRHGVDRSHFSLRDFFRGISANFELGKDFLREMNTPIHVSEAVFLPLSLCTLSPGRCLRLSPFGHSLTL
GSHCEICINRSQVHVPQEFSSTQLSFFNNVHKIIPNKTFYVSLLSSSPSAVKAGLSQPSLLYAYLVTGHFCGTICPIFST
NGKGRLIMHLLLQGTSLHIPETCLKLLCENIGPTYELAVDLVGDAFCIKVSPRDTVYEKAVNVDEDAIYEAIKDLECGDE
LRLQIINYTQLILENKQ
;
B,D,F,H,J
#
loop_
_chem_comp.id
_chem_comp.type
_chem_comp.name
_chem_comp.formula
ZN non-polymer 'ZINC ION' 'Zn 2'
#
# COMPACT_ATOMS: atom_id res chain seq x y z
N MET A 6 19.57 -12.42 4.85
CA MET A 6 20.27 -11.13 4.59
C MET A 6 20.14 -10.75 3.13
N ALA A 7 20.69 -11.56 2.24
CA ALA A 7 20.71 -11.25 0.82
C ALA A 7 21.00 -9.77 0.64
N SER A 8 21.99 -9.29 1.39
CA SER A 8 22.20 -7.85 1.52
C SER A 8 22.47 -7.19 0.17
N PRO A 9 23.21 -7.81 -0.76
CA PRO A 9 23.45 -7.14 -2.05
C PRO A 9 22.19 -6.53 -2.67
N GLU A 10 21.10 -7.29 -2.74
CA GLU A 10 19.84 -6.78 -3.27
C GLU A 10 18.87 -6.32 -2.20
N GLU A 11 18.70 -7.13 -1.14
CA GLU A 11 17.71 -6.80 -0.10
C GLU A 11 18.07 -5.51 0.61
N ARG A 12 19.33 -5.33 1.00
CA ARG A 12 19.71 -4.14 1.73
C ARG A 12 19.50 -2.89 0.89
N LEU A 13 19.85 -2.96 -0.40
CA LEU A 13 19.65 -1.82 -1.28
C LEU A 13 18.16 -1.47 -1.42
N LEU A 14 17.32 -2.49 -1.63
CA LEU A 14 15.89 -2.23 -1.75
C LEU A 14 15.34 -1.58 -0.49
N ASP A 15 15.77 -2.08 0.68
CA ASP A 15 15.32 -1.50 1.94
C ASP A 15 15.75 -0.05 2.08
N GLU A 16 17.00 0.27 1.73
CA GLU A 16 17.47 1.65 1.84
C GLU A 16 16.67 2.57 0.92
N LEU A 17 16.40 2.12 -0.31
CA LEU A 17 15.65 2.96 -1.23
C LEU A 17 14.24 3.23 -0.70
N ASN A 18 13.58 2.18 -0.19
CA ASN A 18 12.25 2.38 0.38
C ASN A 18 12.30 3.35 1.55
N ASN A 19 13.34 3.26 2.38
CA ASN A 19 13.46 4.17 3.51
C ASN A 19 13.66 5.62 3.05
N VAL A 20 14.46 5.81 2.00
CA VAL A 20 14.63 7.15 1.44
C VAL A 20 13.28 7.71 1.00
N ILE A 21 12.53 6.92 0.23
CA ILE A 21 11.26 7.41 -0.29
C ILE A 21 10.29 7.71 0.85
N VAL A 22 10.29 6.88 1.88
CA VAL A 22 9.38 7.12 3.00
C VAL A 22 9.78 8.38 3.76
N SER A 23 11.08 8.65 3.87
CA SER A 23 11.54 9.74 4.71
C SER A 23 11.42 11.09 4.02
N PHE A 24 11.73 11.17 2.73
CA PHE A 24 11.88 12.46 2.07
C PHE A 24 10.79 12.83 1.08
N LEU A 25 9.96 11.88 0.63
CA LEU A 25 8.97 12.20 -0.38
C LEU A 25 8.04 13.32 0.10
N CYS A 26 7.26 13.04 1.14
CA CYS A 26 6.31 14.02 1.68
C CYS A 26 6.81 14.50 3.02
N ASP A 27 6.83 15.82 3.20
CA ASP A 27 7.42 16.40 4.41
C ASP A 27 6.61 16.08 5.65
N SER A 28 5.29 15.92 5.52
CA SER A 28 4.45 15.67 6.67
C SER A 28 3.23 14.84 6.27
N GLY A 29 2.60 14.25 7.27
CA GLY A 29 1.40 13.45 7.08
C GLY A 29 1.70 11.97 6.94
N SER A 30 0.63 11.18 7.00
CA SER A 30 0.74 9.73 6.85
C SER A 30 0.87 9.39 5.37
N LEU A 31 1.97 8.72 5.02
CA LEU A 31 2.23 8.34 3.64
C LEU A 31 1.77 6.90 3.45
N GLU A 32 0.76 6.71 2.60
CA GLU A 32 0.24 5.38 2.30
C GLU A 32 1.14 4.74 1.25
N VAL A 33 2.11 3.96 1.69
CA VAL A 33 3.10 3.34 0.83
C VAL A 33 2.98 1.83 0.91
N GLU A 34 2.96 1.18 -0.24
CA GLU A 34 2.98 -0.28 -0.34
C GLU A 34 4.36 -0.63 -0.88
N ARG A 35 5.16 -1.29 -0.04
CA ARG A 35 6.49 -1.76 -0.40
C ARG A 35 6.37 -3.11 -1.10
N CYS A 36 7.31 -3.37 -2.00
CA CYS A 36 7.37 -4.64 -2.71
C CYS A 36 8.47 -5.52 -2.13
N SER A 37 8.15 -6.80 -1.94
CA SER A 37 9.09 -7.80 -1.48
C SER A 37 9.29 -8.82 -2.60
N GLY A 38 9.96 -8.38 -3.67
CA GLY A 38 10.20 -9.24 -4.82
C GLY A 38 11.50 -8.92 -5.50
N ALA A 39 12.29 -9.94 -5.85
CA ALA A 39 13.51 -9.71 -6.59
C ALA A 39 13.25 -9.26 -8.02
N HIS A 40 12.00 -9.39 -8.50
CA HIS A 40 11.72 -9.00 -9.88
C HIS A 40 11.92 -7.51 -10.08
N VAL A 41 11.95 -6.73 -9.00
CA VAL A 41 12.29 -5.31 -9.06
C VAL A 41 13.50 -5.12 -9.97
N PHE A 42 14.56 -5.89 -9.70
CA PHE A 42 15.82 -5.69 -10.42
C PHE A 42 15.80 -6.23 -11.85
N SER A 43 15.05 -7.29 -12.11
CA SER A 43 15.09 -7.91 -13.43
C SER A 43 14.58 -6.97 -14.51
N ARG A 44 15.26 -6.98 -15.65
CA ARG A 44 14.91 -6.14 -16.79
C ARG A 44 13.46 -6.33 -17.20
N GLY A 45 12.86 -5.27 -17.75
CA GLY A 45 11.48 -5.32 -18.16
C GLY A 45 10.60 -5.53 -16.96
N SER A 46 10.78 -4.72 -15.92
CA SER A 46 10.04 -4.93 -14.70
C SER A 46 8.67 -4.27 -14.78
N SER A 47 7.67 -5.00 -14.32
CA SER A 47 6.31 -4.54 -14.23
C SER A 47 5.92 -4.27 -12.78
N GLN A 48 6.85 -4.52 -11.85
CA GLN A 48 6.62 -4.32 -10.42
C GLN A 48 7.53 -3.23 -9.83
N PRO A 49 6.97 -2.38 -8.96
CA PRO A 49 7.70 -1.23 -8.41
C PRO A 49 8.50 -1.50 -7.15
N LEU A 50 9.50 -0.65 -6.92
CA LEU A 50 10.14 -0.59 -5.61
C LEU A 50 9.09 -0.27 -4.56
N CYS A 51 8.28 0.75 -4.81
CA CYS A 51 7.21 1.15 -3.92
C CYS A 51 6.12 1.86 -4.70
N THR A 52 4.89 1.75 -4.19
CA THR A 52 3.73 2.42 -4.74
C THR A 52 3.15 3.33 -3.64
N VAL A 53 3.03 4.61 -3.95
CA VAL A 53 2.62 5.62 -2.97
C VAL A 53 1.28 6.19 -3.41
N LYS A 54 0.32 6.19 -2.48
CA LYS A 54 -0.98 6.81 -2.73
C LYS A 54 -0.87 8.32 -2.61
N LEU A 55 -1.61 9.03 -3.45
CA LEU A 55 -1.57 10.49 -3.53
C LEU A 55 -2.85 11.06 -2.95
N ARG A 56 -2.70 12.04 -2.05
CA ARG A 56 -3.80 12.65 -1.32
C ARG A 56 -3.92 14.12 -1.72
N HIS A 57 -5.17 14.59 -1.81
CA HIS A 57 -5.39 15.98 -2.23
C HIS A 57 -4.73 16.96 -1.27
N GLY A 58 -4.07 17.95 -1.85
CA GLY A 58 -3.47 19.04 -1.10
C GLY A 58 -2.03 18.81 -0.69
N GLN A 59 -1.61 17.56 -0.53
CA GLN A 59 -0.27 17.28 -0.05
C GLN A 59 0.76 17.61 -1.12
N ILE A 60 1.95 18.00 -0.68
CA ILE A 60 3.07 18.30 -1.56
C ILE A 60 4.02 17.12 -1.52
N TYR A 61 4.50 16.71 -2.69
CA TYR A 61 5.38 15.55 -2.82
C TYR A 61 6.66 15.99 -3.53
N HIS A 62 7.77 15.97 -2.80
CA HIS A 62 9.07 16.39 -3.31
C HIS A 62 9.60 15.32 -4.26
N LEU A 63 9.19 15.40 -5.52
CA LEU A 63 9.53 14.37 -6.48
C LEU A 63 11.00 14.42 -6.87
N GLU A 64 11.48 15.59 -7.29
CA GLU A 64 12.81 15.66 -7.90
C GLU A 64 13.91 15.29 -6.90
N PHE A 65 13.80 15.76 -5.65
CA PHE A 65 14.81 15.42 -4.65
C PHE A 65 14.91 13.90 -4.50
N VAL A 66 13.76 13.24 -4.34
CA VAL A 66 13.74 11.79 -4.21
C VAL A 66 14.35 11.13 -5.43
N TYR A 67 13.99 11.60 -6.63
CA TYR A 67 14.47 10.97 -7.85
C TYR A 67 15.99 11.07 -7.95
N LYS A 68 16.54 12.26 -7.73
CA LYS A 68 17.98 12.44 -7.87
C LYS A 68 18.72 11.67 -6.79
N PHE A 69 18.16 11.60 -5.58
CA PHE A 69 18.78 10.80 -4.52
C PHE A 69 18.81 9.32 -4.90
N LEU A 70 17.71 8.81 -5.45
CA LEU A 70 17.68 7.42 -5.88
C LEU A 70 18.69 7.16 -6.99
N ALA A 71 18.80 8.09 -7.95
CA ALA A 71 19.78 7.93 -9.02
C ALA A 71 21.20 7.91 -8.47
N PHE A 72 21.48 8.76 -7.47
CA PHE A 72 22.79 8.75 -6.85
C PHE A 72 23.08 7.40 -6.20
N LYS A 73 22.14 6.91 -5.39
CA LYS A 73 22.35 5.62 -4.73
C LYS A 73 22.56 4.51 -5.76
N LEU A 74 21.79 4.51 -6.84
CA LEU A 74 21.92 3.46 -7.84
C LEU A 74 23.27 3.53 -8.55
N LYS A 75 23.70 4.74 -8.93
CA LYS A 75 24.99 4.87 -9.60
C LYS A 75 26.14 4.51 -8.68
N ASN A 76 25.98 4.73 -7.37
CA ASN A 76 26.98 4.27 -6.42
C ASN A 76 27.09 2.76 -6.38
N CYS A 77 25.99 2.05 -6.65
CA CYS A 77 25.98 0.60 -6.67
C CYS A 77 26.21 0.02 -8.06
N ASN A 78 26.73 0.82 -8.99
CA ASN A 78 27.07 0.36 -10.33
C ASN A 78 25.86 -0.28 -11.03
N TYR A 79 24.67 0.21 -10.75
CA TYR A 79 23.48 -0.14 -11.51
C TYR A 79 23.37 0.76 -12.74
N PRO A 80 23.31 0.21 -13.96
CA PRO A 80 23.37 1.08 -15.14
C PRO A 80 22.14 1.96 -15.32
N SER A 81 20.96 1.36 -15.21
CA SER A 81 19.72 2.05 -15.55
C SER A 81 19.42 3.17 -14.56
N SER A 82 18.64 4.16 -15.03
CA SER A 82 18.15 5.27 -14.23
C SER A 82 16.65 5.10 -13.94
N PRO A 83 16.18 5.56 -12.78
CA PRO A 83 14.79 5.27 -12.39
C PRO A 83 13.77 5.94 -13.29
N VAL A 84 12.50 5.62 -13.03
CA VAL A 84 11.36 6.15 -13.76
C VAL A 84 10.18 6.19 -12.81
N PHE A 85 9.47 7.32 -12.78
CA PHE A 85 8.27 7.48 -11.97
C PHE A 85 7.03 7.44 -12.86
N VAL A 86 5.98 6.77 -12.38
CA VAL A 86 4.75 6.63 -13.15
C VAL A 86 3.59 7.02 -12.25
N ILE A 87 3.01 8.20 -12.49
CA ILE A 87 1.84 8.66 -11.75
C ILE A 87 0.61 8.35 -12.59
N SER A 88 -0.32 7.56 -12.06
CA SER A 88 -1.43 7.08 -12.85
C SER A 88 -2.73 7.16 -12.08
N ASN A 89 -3.84 7.30 -12.82
CA ASN A 89 -5.18 7.29 -12.24
C ASN A 89 -5.86 5.99 -12.63
N ASN A 90 -6.07 5.12 -11.66
CA ASN A 90 -6.74 3.84 -11.84
C ASN A 90 -8.25 3.92 -11.71
N GLY A 91 -8.79 5.11 -11.49
CA GLY A 91 -10.22 5.27 -11.26
C GLY A 91 -10.59 5.39 -9.80
N LEU A 92 -9.92 4.63 -8.93
CA LEU A 92 -10.18 4.71 -7.50
C LEU A 92 -9.25 5.68 -6.79
N ALA A 93 -7.96 5.67 -7.14
CA ALA A 93 -6.99 6.54 -6.49
C ALA A 93 -5.83 6.81 -7.43
N THR A 94 -5.10 7.88 -7.15
CA THR A 94 -3.92 8.25 -7.93
C THR A 94 -2.69 7.66 -7.27
N THR A 95 -1.85 6.99 -8.05
CA THR A 95 -0.71 6.27 -7.50
C THR A 95 0.58 6.68 -8.19
N LEU A 96 1.62 6.88 -7.38
CA LEU A 96 2.98 7.11 -7.86
C LEU A 96 3.75 5.81 -7.67
N ARG A 97 4.17 5.19 -8.77
CA ARG A 97 4.93 3.95 -8.71
C ARG A 97 6.37 4.25 -9.12
N CYS A 98 7.32 3.70 -8.37
CA CYS A 98 8.74 3.97 -8.60
C CYS A 98 9.39 2.72 -9.19
N PHE A 99 9.58 2.71 -10.51
CA PHE A 99 10.23 1.59 -11.21
C PHE A 99 11.69 1.95 -11.39
N LEU A 100 12.59 1.01 -11.12
CA LEU A 100 14.01 1.33 -11.25
C LEU A 100 14.41 1.51 -12.72
N HIS A 101 13.76 0.80 -13.64
CA HIS A 101 14.01 0.95 -15.08
C HIS A 101 12.69 1.01 -15.82
N GLU A 102 12.71 1.66 -16.99
CA GLU A 102 11.50 1.86 -17.78
C GLU A 102 10.73 0.55 -17.93
N PRO A 103 9.43 0.52 -17.61
CA PRO A 103 8.69 -0.75 -17.71
C PRO A 103 8.44 -1.19 -19.15
N SER A 104 7.47 -2.09 -19.35
CA SER A 104 7.11 -2.57 -20.67
C SER A 104 5.90 -1.85 -21.23
N GLY A 105 5.12 -1.19 -20.37
CA GLY A 105 4.03 -0.33 -20.80
C GLY A 105 4.57 0.82 -21.61
N LEU A 106 4.58 0.68 -22.94
CA LEU A 106 5.22 1.65 -23.80
C LEU A 106 4.21 2.67 -24.33
N ARG A 107 4.71 3.64 -25.09
CA ARG A 107 3.85 4.63 -25.76
C ARG A 107 2.88 4.01 -26.76
N SER A 108 3.22 2.87 -27.35
CA SER A 108 2.37 2.26 -28.37
C SER A 108 1.08 1.75 -27.74
N GLY A 109 0.00 2.52 -27.92
CA GLY A 109 -1.31 2.29 -27.37
C GLY A 109 -1.46 1.55 -26.06
N GLN A 110 -0.45 1.62 -25.18
CA GLN A 110 -0.57 1.01 -23.85
C GLN A 110 -1.24 2.05 -22.93
N SER A 111 -2.54 1.88 -22.70
CA SER A 111 -3.32 2.73 -21.80
C SER A 111 -3.47 4.14 -22.37
N GLY A 112 -3.69 5.11 -21.48
CA GLY A 112 -3.84 6.50 -21.85
C GLY A 112 -2.45 7.08 -22.06
N PRO A 113 -2.25 7.89 -23.12
CA PRO A 113 -0.88 8.29 -23.48
C PRO A 113 0.01 8.66 -22.31
N CYS A 114 1.32 8.44 -22.46
CA CYS A 114 2.32 8.79 -21.45
C CYS A 114 2.44 10.31 -21.43
N LEU A 115 1.46 10.94 -20.79
CA LEU A 115 1.40 12.40 -20.73
C LEU A 115 2.70 12.97 -20.17
N GLY A 116 3.15 14.05 -20.80
CA GLY A 116 4.36 14.73 -20.39
C GLY A 116 4.12 15.73 -19.28
N LEU A 117 5.20 16.42 -18.91
CA LEU A 117 5.15 17.42 -17.85
C LEU A 117 4.54 18.72 -18.36
N SER A 118 3.82 19.39 -17.46
CA SER A 118 3.27 20.71 -17.72
C SER A 118 2.81 21.29 -16.39
N THR A 119 2.56 22.60 -16.38
CA THR A 119 2.16 23.28 -15.14
C THR A 119 0.96 22.59 -14.52
N ASP A 120 -0.05 22.29 -15.33
CA ASP A 120 -1.28 21.62 -14.89
C ASP A 120 -1.59 20.50 -15.87
N VAL A 121 -1.80 19.30 -15.35
CA VAL A 121 -2.05 18.11 -16.17
C VAL A 121 -3.34 17.49 -15.67
N ASP A 122 -4.38 17.48 -16.50
CA ASP A 122 -5.59 16.74 -16.17
C ASP A 122 -5.30 15.26 -16.31
N LEU A 123 -5.53 14.52 -15.23
CA LEU A 123 -5.19 13.10 -15.21
C LEU A 123 -6.47 12.28 -15.13
N PRO A 124 -7.13 12.03 -16.26
CA PRO A 124 -8.38 11.25 -16.24
C PRO A 124 -8.11 9.81 -15.86
N LYS A 125 -9.20 9.07 -15.67
CA LYS A 125 -9.10 7.65 -15.38
C LYS A 125 -8.40 6.93 -16.51
N ASN A 126 -7.65 5.88 -16.16
CA ASN A 126 -6.92 5.08 -17.15
C ASN A 126 -5.94 5.95 -17.95
N SER A 127 -5.27 6.87 -17.26
CA SER A 127 -4.26 7.72 -17.86
C SER A 127 -3.04 7.79 -16.94
N ILE A 128 -1.87 8.08 -17.54
CA ILE A 128 -0.61 8.02 -16.82
C ILE A 128 0.26 9.22 -17.21
N ILE A 129 1.22 9.52 -16.32
CA ILE A 129 2.26 10.51 -16.51
C ILE A 129 3.58 9.82 -16.19
N MET A 130 4.55 9.96 -17.09
CA MET A 130 5.81 9.23 -16.99
C MET A 130 6.96 10.23 -16.87
N LEU A 131 7.65 10.18 -15.74
CA LEU A 131 8.77 11.08 -15.46
C LEU A 131 10.07 10.30 -15.54
N GLY A 132 11.00 10.80 -16.36
CA GLY A 132 12.26 10.13 -16.61
C GLY A 132 13.48 10.79 -16.01
N GLN A 133 14.61 10.71 -16.71
CA GLN A 133 15.88 11.17 -16.15
C GLN A 133 16.06 12.68 -16.32
N ASP A 134 15.81 13.20 -17.52
CA ASP A 134 16.07 14.61 -17.83
C ASP A 134 14.78 15.40 -18.02
N ASP A 135 13.64 14.85 -17.60
CA ASP A 135 12.38 15.58 -17.75
C ASP A 135 12.32 16.79 -16.80
N PHE A 136 12.89 16.66 -15.61
CA PHE A 136 12.86 17.76 -14.65
C PHE A 136 13.60 18.98 -15.17
N ILE A 137 14.80 18.77 -15.74
CA ILE A 137 15.56 19.89 -16.26
C ILE A 137 14.85 20.50 -17.47
N LYS A 138 14.26 19.66 -18.32
CA LYS A 138 13.50 20.18 -19.46
C LYS A 138 12.32 21.02 -18.99
N PHE A 139 11.67 20.62 -17.90
CA PHE A 139 10.53 21.37 -17.40
C PHE A 139 10.97 22.68 -16.75
N LYS A 140 12.11 22.66 -16.05
CA LYS A 140 12.56 23.86 -15.35
C LYS A 140 13.28 24.85 -16.26
N SER A 141 13.74 24.42 -17.43
CA SER A 141 14.55 25.28 -18.28
C SER A 141 13.89 26.61 -18.58
N PRO A 142 12.67 26.67 -19.11
CA PRO A 142 12.07 27.96 -19.48
C PRO A 142 11.48 28.74 -18.33
N LEU A 143 11.58 28.26 -17.09
CA LEU A 143 10.99 28.92 -15.94
C LEU A 143 11.98 29.56 -14.99
N VAL A 144 13.26 29.20 -15.06
CA VAL A 144 14.28 29.80 -14.20
C VAL A 144 15.49 30.16 -15.06
N PHE A 145 16.33 31.03 -14.51
CA PHE A 145 17.53 31.46 -15.23
C PHE A 145 18.59 30.37 -15.17
N PRO A 146 19.60 30.44 -16.05
CA PRO A 146 20.57 29.34 -16.13
C PRO A 146 21.17 28.95 -14.79
N ALA A 147 21.57 29.91 -13.97
CA ALA A 147 22.22 29.59 -12.70
C ALA A 147 21.30 28.79 -11.78
N GLU A 148 19.99 29.01 -11.87
CA GLU A 148 19.03 28.39 -10.97
C GLU A 148 18.56 27.01 -11.40
N LEU A 149 19.01 26.50 -12.54
CA LEU A 149 18.45 25.27 -13.07
C LEU A 149 18.77 24.07 -12.18
N ASP A 150 19.91 24.09 -11.48
CA ASP A 150 20.31 22.95 -10.67
C ASP A 150 19.35 22.72 -9.51
N LEU A 151 19.20 21.45 -9.13
CA LEU A 151 18.34 21.10 -8.00
C LEU A 151 18.74 21.82 -6.72
N LEU A 152 20.01 22.14 -6.56
CA LEU A 152 20.47 22.81 -5.34
C LEU A 152 19.76 24.14 -5.12
N LYS A 153 19.17 24.70 -6.17
CA LYS A 153 18.52 26.01 -6.10
C LYS A 153 17.08 26.03 -6.58
N SER A 154 16.63 25.04 -7.35
CA SER A 154 15.27 25.01 -7.87
C SER A 154 14.81 23.56 -7.89
N MET A 155 13.80 23.24 -7.07
CA MET A 155 13.32 21.88 -6.89
C MET A 155 11.95 21.74 -7.52
N VAL A 156 11.72 20.63 -8.20
CA VAL A 156 10.40 20.34 -8.76
C VAL A 156 9.60 19.56 -7.73
N VAL A 157 8.31 19.84 -7.64
CA VAL A 157 7.42 19.14 -6.74
C VAL A 157 6.08 18.95 -7.44
N CYS A 158 5.29 18.03 -6.91
CA CYS A 158 4.00 17.66 -7.51
C CYS A 158 2.93 17.76 -6.43
N ARG A 159 1.97 18.65 -6.65
CA ARG A 159 0.79 18.74 -5.80
C ARG A 159 -0.36 18.04 -6.50
N ALA A 160 -1.26 17.47 -5.70
CA ALA A 160 -2.41 16.74 -6.21
C ALA A 160 -3.66 17.56 -5.93
N TYR A 161 -4.49 17.73 -6.95
CA TYR A 161 -5.78 18.41 -6.83
C TYR A 161 -6.78 17.33 -7.18
N ILE A 162 -7.18 16.55 -6.18
CA ILE A 162 -8.05 15.40 -6.37
C ILE A 162 -9.43 15.84 -5.91
N THR A 163 -10.36 15.90 -6.86
CA THR A 163 -11.76 16.16 -6.56
C THR A 163 -12.57 15.07 -7.24
N GLU A 164 -13.70 14.73 -6.63
CA GLU A 164 -14.56 13.67 -7.18
C GLU A 164 -14.93 13.93 -8.63
N HIS A 165 -15.00 15.20 -9.04
CA HIS A 165 -15.40 15.54 -10.41
C HIS A 165 -14.21 15.61 -11.36
N ARG A 166 -12.98 15.82 -10.87
CA ARG A 166 -11.80 15.79 -11.72
C ARG A 166 -10.57 15.66 -10.82
N THR A 167 -9.55 14.96 -11.34
CA THR A 167 -8.25 14.84 -10.68
C THR A 167 -7.19 15.46 -11.58
N THR A 168 -6.36 16.34 -11.03
CA THR A 168 -5.35 17.08 -11.77
C THR A 168 -4.06 17.08 -10.97
N MET A 169 -2.94 17.04 -11.70
CA MET A 169 -1.60 17.09 -11.09
C MET A 169 -0.98 18.43 -11.43
N GLN A 170 -0.58 19.17 -10.40
CA GLN A 170 -0.03 20.51 -10.54
C GLN A 170 1.46 20.43 -10.21
N PHE A 171 2.30 20.61 -11.22
CA PHE A 171 3.74 20.55 -11.04
C PHE A 171 4.28 21.97 -10.82
N LEU A 172 5.06 22.13 -9.75
CA LEU A 172 5.54 23.45 -9.34
C LEU A 172 7.05 23.40 -9.10
N VAL A 173 7.64 24.59 -9.02
CA VAL A 173 9.07 24.78 -8.83
C VAL A 173 9.28 25.63 -7.58
N PHE A 174 9.95 25.07 -6.59
CA PHE A 174 10.22 25.73 -5.32
C PHE A 174 11.66 26.23 -5.27
N GLN A 175 11.84 27.41 -4.69
CA GLN A 175 13.15 27.98 -4.42
C GLN A 175 13.22 28.37 -2.95
N ALA A 176 14.44 28.67 -2.51
CA ALA A 176 14.67 29.13 -1.15
C ALA A 176 14.53 30.64 -1.06
N ALA A 177 13.78 31.12 -0.07
CA ALA A 177 13.63 32.56 0.09
C ALA A 177 14.85 33.16 0.78
N ASN A 178 15.28 32.57 1.89
CA ASN A 178 16.47 33.04 2.61
C ASN A 178 17.67 32.34 2.02
N ALA A 179 18.23 32.93 0.95
CA ALA A 179 19.36 32.31 0.28
C ALA A 179 20.54 32.12 1.22
N GLN A 180 20.73 33.05 2.16
CA GLN A 180 21.83 32.92 3.11
C GLN A 180 21.66 31.69 4.00
N LYS A 181 20.45 31.46 4.50
CA LYS A 181 20.22 30.30 5.36
C LYS A 181 20.38 29.00 4.59
N ALA A 182 19.91 28.97 3.34
CA ALA A 182 20.14 27.81 2.48
C ALA A 182 21.63 27.58 2.28
N SER A 183 22.39 28.66 2.11
CA SER A 183 23.83 28.53 1.99
C SER A 183 24.44 27.90 3.25
N ARG A 184 23.95 28.30 4.42
CA ARG A 184 24.46 27.71 5.66
C ARG A 184 24.16 26.21 5.73
N VAL A 185 22.94 25.81 5.36
CA VAL A 185 22.61 24.38 5.37
C VAL A 185 23.51 23.63 4.38
N MET A 186 23.74 24.22 3.22
CA MET A 186 24.63 23.60 2.24
C MET A 186 26.04 23.48 2.80
N ASP A 187 26.49 24.46 3.59
CA ASP A 187 27.78 24.36 4.23
C ASP A 187 27.83 23.18 5.19
N MET A 188 26.77 22.97 5.97
CA MET A 188 26.71 21.81 6.84
C MET A 188 26.84 20.52 6.03
N ILE A 189 26.11 20.43 4.92
CA ILE A 189 26.14 19.21 4.12
C ILE A 189 27.53 18.98 3.54
N SER A 190 28.18 20.06 3.07
CA SER A 190 29.52 19.93 2.51
C SER A 190 30.52 19.49 3.57
N ASP A 191 30.39 20.00 4.79
CA ASP A 191 31.26 19.56 5.88
C ASP A 191 31.08 18.08 6.15
N MET A 192 29.82 17.62 6.21
CA MET A 192 29.58 16.20 6.44
C MET A 192 30.18 15.34 5.33
N SER A 193 30.00 15.76 4.07
CA SER A 193 30.56 15.01 2.97
C SER A 193 32.08 14.96 3.04
N GLN A 194 32.71 16.10 3.35
CA GLN A 194 34.17 16.14 3.43
C GLN A 194 34.71 15.27 4.55
N GLN A 195 33.97 15.17 5.67
CA GLN A 195 34.43 14.33 6.76
C GLN A 195 34.35 12.84 6.40
N LEU A 196 33.28 12.41 5.76
CA LEU A 196 33.12 11.00 5.41
C LEU A 196 34.17 10.57 4.38
N SER A 197 34.59 9.31 4.47
CA SER A 197 35.59 8.74 3.59
C SER A 197 35.02 8.18 2.30
N ARG A 198 35.67 8.53 1.18
CA ARG A 198 35.41 7.94 -0.12
C ARG A 198 36.15 6.60 -0.22
N SER A 199 35.84 5.84 -1.26
CA SER A 199 36.48 4.54 -1.49
C SER A 199 37.94 4.52 -1.03
N ASP B 17 37.77 25.07 -2.11
CA ASP B 17 37.12 24.57 -0.91
C ASP B 17 35.61 24.47 -1.08
N ARG B 18 34.90 25.61 -1.01
CA ARG B 18 33.47 25.57 -1.23
C ARG B 18 33.17 25.14 -2.65
N SER B 19 34.05 25.48 -3.60
CA SER B 19 33.89 25.04 -4.97
C SER B 19 33.93 23.52 -5.00
N HIS B 20 33.56 22.96 -6.15
CA HIS B 20 33.54 21.51 -6.37
C HIS B 20 32.49 20.82 -5.51
N PHE B 21 31.30 21.41 -5.38
CA PHE B 21 30.25 20.79 -4.59
C PHE B 21 29.33 20.05 -5.56
N SER B 22 29.77 18.86 -5.93
CA SER B 22 29.02 18.00 -6.82
C SER B 22 27.75 17.52 -6.14
N LEU B 23 26.76 17.15 -6.97
CA LEU B 23 25.55 16.54 -6.42
C LEU B 23 25.88 15.32 -5.58
N ARG B 24 26.95 14.60 -5.92
CA ARG B 24 27.33 13.41 -5.17
C ARG B 24 27.74 13.78 -3.74
N ASP B 25 28.52 14.85 -3.57
CA ASP B 25 28.86 15.29 -2.23
C ASP B 25 27.62 15.61 -1.42
N PHE B 26 26.68 16.34 -2.02
CA PHE B 26 25.42 16.68 -1.36
C PHE B 26 24.68 15.43 -0.89
N PHE B 27 24.46 14.48 -1.81
CA PHE B 27 23.71 13.29 -1.46
C PHE B 27 24.44 12.41 -0.47
N ARG B 28 25.77 12.36 -0.52
CA ARG B 28 26.55 11.63 0.46
C ARG B 28 26.41 12.24 1.84
N GLY B 29 26.63 13.55 1.95
CA GLY B 29 26.45 14.22 3.23
C GLY B 29 25.07 13.98 3.80
N ILE B 30 24.05 13.93 2.94
CA ILE B 30 22.71 13.65 3.42
C ILE B 30 22.59 12.20 3.87
N SER B 31 23.10 11.27 3.07
CA SER B 31 23.07 9.85 3.44
C SER B 31 23.68 9.64 4.82
N ALA B 32 24.64 10.49 5.20
CA ALA B 32 25.16 10.42 6.56
C ALA B 32 24.03 10.66 7.58
N ASN B 33 23.22 11.70 7.35
CA ASN B 33 22.17 12.07 8.29
C ASN B 33 21.00 12.63 7.48
N PHE B 34 19.88 11.90 7.46
CA PHE B 34 18.71 12.35 6.71
C PHE B 34 18.20 13.71 7.17
N GLU B 35 18.48 14.08 8.43
CA GLU B 35 17.95 15.33 8.96
C GLU B 35 18.50 16.53 8.19
N LEU B 36 19.73 16.44 7.67
CA LEU B 36 20.24 17.52 6.83
C LEU B 36 19.44 17.66 5.55
N GLY B 37 19.07 16.53 4.94
CA GLY B 37 18.21 16.60 3.76
C GLY B 37 16.85 17.19 4.08
N LYS B 38 16.31 16.86 5.26
CA LYS B 38 15.06 17.48 5.67
C LYS B 38 15.22 18.98 5.87
N ASP B 39 16.35 19.42 6.43
CA ASP B 39 16.61 20.84 6.55
C ASP B 39 16.59 21.51 5.18
N PHE B 40 17.31 20.92 4.22
CA PHE B 40 17.30 21.46 2.86
C PHE B 40 15.89 21.56 2.32
N LEU B 41 15.14 20.47 2.38
CA LEU B 41 13.76 20.47 1.89
C LEU B 41 12.92 21.54 2.59
N ARG B 42 13.19 21.78 3.87
CA ARG B 42 12.44 22.78 4.61
C ARG B 42 12.74 24.19 4.12
N GLU B 43 14.01 24.47 3.81
CA GLU B 43 14.35 25.83 3.38
C GLU B 43 13.77 26.16 2.01
N MET B 44 13.61 25.16 1.15
CA MET B 44 13.01 25.36 -0.17
C MET B 44 11.50 25.33 0.02
N ASN B 45 10.92 26.50 0.29
CA ASN B 45 9.54 26.60 0.73
C ASN B 45 8.67 27.54 -0.08
N THR B 46 9.24 28.36 -0.97
CA THR B 46 8.47 29.34 -1.72
C THR B 46 8.29 28.90 -3.17
N PRO B 47 7.07 28.82 -3.68
CA PRO B 47 6.89 28.53 -5.11
C PRO B 47 7.46 29.66 -5.95
N ILE B 48 7.70 29.35 -7.23
CA ILE B 48 8.37 30.29 -8.12
C ILE B 48 7.38 31.24 -8.78
N HIS B 49 6.27 30.72 -9.33
CA HIS B 49 5.37 31.56 -10.12
C HIS B 49 3.93 31.15 -9.80
N VAL B 50 3.41 31.67 -8.68
CA VAL B 50 2.02 31.41 -8.32
C VAL B 50 1.09 32.34 -9.09
N SER B 51 1.44 33.61 -9.16
CA SER B 51 0.58 34.62 -9.77
C SER B 51 0.86 34.66 -11.27
N GLU B 52 -0.21 34.58 -12.05
CA GLU B 52 -0.14 34.65 -13.50
C GLU B 52 -1.06 35.76 -13.98
N ALA B 53 -0.51 36.72 -14.71
CA ALA B 53 -1.33 37.80 -15.25
C ALA B 53 -2.30 37.25 -16.28
N VAL B 54 -3.45 37.90 -16.39
CA VAL B 54 -4.48 37.50 -17.34
C VAL B 54 -5.16 38.77 -17.84
N PHE B 55 -5.49 38.78 -19.14
CA PHE B 55 -6.19 39.90 -19.73
C PHE B 55 -7.58 39.51 -20.22
N LEU B 56 -8.49 40.47 -20.14
CA LEU B 56 -9.88 40.28 -20.55
C LEU B 56 -9.98 40.36 -22.08
N PRO B 57 -11.02 39.75 -22.67
CA PRO B 57 -11.99 38.84 -22.03
C PRO B 57 -11.40 37.45 -21.86
N LEU B 58 -11.97 36.69 -20.92
CA LEU B 58 -11.44 35.40 -20.52
C LEU B 58 -12.57 34.39 -20.50
N SER B 59 -12.36 33.24 -21.14
CA SER B 59 -13.33 32.14 -21.06
C SER B 59 -12.95 31.35 -19.82
N LEU B 60 -13.83 31.39 -18.81
CA LEU B 60 -13.53 30.75 -17.54
C LEU B 60 -13.54 29.24 -17.67
N CYS B 61 -14.36 28.71 -18.56
CA CYS B 61 -14.45 27.27 -18.78
C CYS B 61 -13.04 26.74 -19.08
N THR B 62 -12.49 27.11 -20.23
CA THR B 62 -11.14 26.73 -20.63
C THR B 62 -10.05 27.26 -19.70
N LEU B 63 -10.18 27.01 -18.41
CA LEU B 63 -9.25 27.50 -17.41
C LEU B 63 -8.71 26.36 -16.56
N SER B 64 -7.47 26.52 -16.08
CA SER B 64 -6.87 25.52 -15.20
C SER B 64 -7.79 25.33 -13.99
N PRO B 65 -7.73 24.15 -13.34
CA PRO B 65 -8.76 23.84 -12.34
C PRO B 65 -8.73 24.66 -11.04
N GLY B 66 -7.62 24.70 -10.32
CA GLY B 66 -7.59 25.46 -9.08
C GLY B 66 -6.92 26.82 -9.16
N ARG B 67 -7.70 27.88 -9.36
CA ARG B 67 -7.13 29.22 -9.50
C ARG B 67 -8.11 30.28 -9.01
N CYS B 68 -7.64 31.22 -8.21
CA CYS B 68 -8.42 32.38 -7.83
C CYS B 68 -8.20 33.51 -8.85
N LEU B 69 -9.16 34.42 -8.91
CA LEU B 69 -9.08 35.59 -9.80
C LEU B 69 -9.04 36.86 -8.97
N ARG B 70 -7.95 37.61 -9.08
CA ARG B 70 -7.80 38.90 -8.40
C ARG B 70 -7.96 39.97 -9.48
N LEU B 71 -9.20 40.27 -9.85
CA LEU B 71 -9.45 41.23 -10.89
C LEU B 71 -9.46 42.63 -10.28
N SER B 72 -8.89 43.58 -10.99
CA SER B 72 -8.75 44.95 -10.51
C SER B 72 -8.72 45.87 -11.71
N PRO B 73 -9.05 47.15 -11.53
CA PRO B 73 -9.12 48.04 -12.70
C PRO B 73 -7.81 48.21 -13.45
N PHE B 74 -6.69 48.33 -12.73
CA PHE B 74 -5.41 48.55 -13.42
C PHE B 74 -4.91 47.25 -14.06
N GLY B 75 -4.88 46.15 -13.29
CA GLY B 75 -4.49 44.86 -13.81
C GLY B 75 -5.45 43.78 -13.37
N HIS B 76 -5.37 42.64 -14.05
CA HIS B 76 -6.23 41.49 -13.76
C HIS B 76 -5.35 40.24 -13.70
N SER B 77 -5.19 39.67 -12.50
CA SER B 77 -4.26 38.56 -12.28
C SER B 77 -5.00 37.30 -11.82
N LEU B 78 -4.37 36.15 -12.08
CA LEU B 78 -4.86 34.85 -11.63
C LEU B 78 -3.79 34.18 -10.78
N THR B 79 -4.16 33.78 -9.56
CA THR B 79 -3.27 33.13 -8.61
C THR B 79 -3.84 31.78 -8.19
N LEU B 80 -3.08 31.07 -7.36
CA LEU B 80 -3.47 29.74 -6.90
C LEU B 80 -4.06 29.81 -5.50
N GLY B 81 -4.96 28.87 -5.21
CA GLY B 81 -5.63 28.91 -3.92
C GLY B 81 -4.69 28.69 -2.76
N SER B 82 -3.67 27.84 -2.96
CA SER B 82 -2.74 27.54 -1.88
C SER B 82 -2.04 28.80 -1.38
N HIS B 83 -1.79 29.76 -2.26
CA HIS B 83 -1.01 30.95 -1.96
C HIS B 83 -1.80 32.19 -2.34
N CYS B 84 -3.06 32.21 -1.99
CA CYS B 84 -3.94 33.38 -2.13
C CYS B 84 -4.15 33.97 -0.74
N GLU B 85 -3.52 35.11 -0.48
CA GLU B 85 -3.53 35.70 0.86
C GLU B 85 -4.95 35.91 1.37
N ILE B 86 -5.83 36.44 0.52
CA ILE B 86 -7.19 36.73 0.97
C ILE B 86 -7.91 35.43 1.31
N CYS B 87 -7.76 34.41 0.46
CA CYS B 87 -8.37 33.11 0.70
C CYS B 87 -7.74 32.37 1.88
N ILE B 88 -6.63 32.87 2.41
CA ILE B 88 -5.91 32.20 3.48
C ILE B 88 -6.21 32.84 4.83
N ASN B 89 -6.22 34.17 4.86
CA ASN B 89 -6.51 34.90 6.08
C ASN B 89 -7.91 34.59 6.57
N ARG B 90 -8.89 34.74 5.69
CA ARG B 90 -10.26 34.34 6.00
C ARG B 90 -10.30 32.85 6.33
N SER B 91 -11.33 32.46 7.07
CA SER B 91 -11.55 31.05 7.36
C SER B 91 -11.46 30.25 6.06
N GLN B 92 -10.38 29.49 5.88
CA GLN B 92 -10.20 28.73 4.64
C GLN B 92 -11.32 27.71 4.47
N VAL B 93 -11.79 27.13 5.58
CA VAL B 93 -12.99 26.31 5.53
C VAL B 93 -14.18 27.15 5.10
N HIS B 94 -14.30 28.36 5.65
CA HIS B 94 -15.37 29.30 5.31
C HIS B 94 -16.70 28.60 5.64
N VAL B 95 -17.66 28.57 4.74
CA VAL B 95 -18.96 27.93 5.01
C VAL B 95 -19.31 26.99 3.86
N PRO B 96 -18.91 25.72 3.92
CA PRO B 96 -19.28 24.76 2.88
C PRO B 96 -20.78 24.54 2.76
N GLN B 97 -21.41 25.11 1.73
CA GLN B 97 -22.84 24.99 1.53
C GLN B 97 -23.13 23.88 0.54
N GLU B 98 -24.31 23.27 0.67
CA GLU B 98 -24.68 22.17 -0.21
C GLU B 98 -25.38 22.80 -1.40
N PHE B 99 -24.57 23.17 -2.40
CA PHE B 99 -25.03 23.62 -3.70
C PHE B 99 -24.66 22.59 -4.76
N SER B 100 -24.31 21.38 -4.34
CA SER B 100 -23.59 20.45 -5.19
C SER B 100 -24.39 20.13 -6.45
N SER B 101 -25.68 19.91 -6.32
CA SER B 101 -26.53 19.52 -7.44
C SER B 101 -27.26 20.75 -7.99
N THR B 102 -27.11 20.98 -9.28
CA THR B 102 -27.80 22.09 -9.94
C THR B 102 -29.28 22.07 -9.62
N GLN B 103 -29.95 20.95 -9.93
CA GLN B 103 -31.39 20.84 -9.72
C GLN B 103 -31.76 20.91 -8.24
N LEU B 104 -30.94 20.33 -7.37
CA LEU B 104 -31.20 20.40 -5.94
C LEU B 104 -31.26 21.84 -5.47
N SER B 105 -30.24 22.62 -5.80
CA SER B 105 -30.23 24.01 -5.40
C SER B 105 -31.32 24.81 -6.10
N PHE B 106 -31.69 24.44 -7.33
CA PHE B 106 -32.76 25.17 -8.00
C PHE B 106 -34.06 25.04 -7.21
N PHE B 107 -34.48 23.81 -6.93
CA PHE B 107 -35.72 23.63 -6.20
C PHE B 107 -35.56 23.85 -4.69
N ASN B 108 -34.35 24.21 -4.23
CA ASN B 108 -34.19 24.58 -2.83
C ASN B 108 -34.51 26.04 -2.58
N ASN B 109 -34.00 26.94 -3.43
CA ASN B 109 -34.20 28.37 -3.22
C ASN B 109 -34.88 29.03 -4.40
N VAL B 110 -35.84 28.33 -4.99
CA VAL B 110 -36.86 29.05 -5.74
C VAL B 110 -37.90 29.54 -4.76
N HIS B 111 -37.92 28.96 -3.56
CA HIS B 111 -38.94 29.36 -2.58
C HIS B 111 -38.62 30.75 -2.04
N LYS B 112 -37.33 31.10 -1.99
CA LYS B 112 -36.86 32.37 -1.44
C LYS B 112 -37.01 33.45 -2.49
N ILE B 113 -38.27 33.79 -2.77
CA ILE B 113 -38.57 34.86 -3.69
C ILE B 113 -38.41 36.22 -3.03
N ILE B 114 -38.54 36.31 -1.70
CA ILE B 114 -38.24 37.57 -1.02
C ILE B 114 -36.79 37.94 -1.22
N PRO B 115 -35.80 37.05 -1.05
CA PRO B 115 -34.46 37.32 -1.57
C PRO B 115 -34.46 37.10 -3.08
N ASN B 116 -33.29 37.12 -3.70
CA ASN B 116 -33.16 36.92 -5.15
C ASN B 116 -34.08 37.85 -5.95
N LYS B 117 -34.59 38.92 -5.33
CA LYS B 117 -35.60 39.72 -6.00
C LYS B 117 -35.05 40.30 -7.30
N THR B 118 -33.78 40.71 -7.31
CA THR B 118 -33.23 41.37 -8.50
C THR B 118 -33.31 40.47 -9.74
N PHE B 119 -33.02 39.18 -9.56
CA PHE B 119 -33.10 38.22 -10.67
C PHE B 119 -34.50 38.22 -11.28
N TYR B 120 -35.52 38.01 -10.44
CA TYR B 120 -36.88 38.00 -10.91
C TYR B 120 -37.27 39.35 -11.51
N VAL B 121 -36.74 40.43 -10.93
CA VAL B 121 -37.06 41.78 -11.41
C VAL B 121 -36.57 41.93 -12.84
N SER B 122 -35.32 41.55 -13.10
CA SER B 122 -34.77 41.72 -14.44
C SER B 122 -35.53 40.88 -15.46
N LEU B 123 -35.73 39.59 -15.18
CA LEU B 123 -36.47 38.77 -16.13
C LEU B 123 -37.87 39.31 -16.36
N LEU B 124 -38.53 39.77 -15.30
CA LEU B 124 -39.88 40.30 -15.44
C LEU B 124 -39.89 41.59 -16.25
N SER B 125 -38.92 42.47 -15.99
CA SER B 125 -38.83 43.72 -16.73
C SER B 125 -38.75 43.44 -18.22
N SER B 126 -38.07 42.35 -18.60
CA SER B 126 -38.03 42.04 -20.03
C SER B 126 -39.38 41.52 -20.54
N SER B 127 -40.10 40.75 -19.72
CA SER B 127 -41.41 40.18 -20.05
C SER B 127 -41.59 39.89 -21.54
N PRO B 128 -40.55 39.47 -22.26
CA PRO B 128 -40.67 39.28 -23.70
C PRO B 128 -41.44 38.03 -24.12
N SER B 129 -42.04 37.31 -23.18
CA SER B 129 -42.57 35.97 -23.33
C SER B 129 -41.42 34.99 -23.13
N ALA B 130 -40.18 35.47 -23.11
CA ALA B 130 -39.00 34.70 -22.79
C ALA B 130 -38.78 34.60 -21.30
N VAL B 131 -39.76 35.02 -20.49
CA VAL B 131 -39.67 34.79 -19.05
C VAL B 131 -39.82 33.31 -18.85
N LYS B 132 -40.59 32.68 -19.75
CA LYS B 132 -40.68 31.22 -19.81
C LYS B 132 -39.32 30.60 -20.13
N ALA B 133 -38.53 31.28 -20.97
CA ALA B 133 -37.24 30.72 -21.33
C ALA B 133 -36.22 30.93 -20.23
N GLY B 134 -36.39 31.97 -19.41
CA GLY B 134 -35.57 32.11 -18.22
C GLY B 134 -35.89 31.05 -17.19
N LEU B 135 -37.19 30.77 -16.99
CA LEU B 135 -37.59 29.73 -16.05
C LEU B 135 -37.13 28.35 -16.54
N SER B 136 -37.13 28.14 -17.85
CA SER B 136 -36.75 26.83 -18.40
C SER B 136 -35.31 26.46 -18.06
N GLN B 137 -34.45 27.46 -17.84
CA GLN B 137 -33.04 27.19 -17.57
C GLN B 137 -32.76 27.38 -16.08
N PRO B 138 -32.70 26.31 -15.28
CA PRO B 138 -32.44 26.52 -13.86
C PRO B 138 -31.00 26.91 -13.59
N SER B 139 -30.11 26.56 -14.52
CA SER B 139 -28.69 26.89 -14.36
C SER B 139 -28.54 28.34 -13.94
N LEU B 140 -29.34 29.22 -14.55
CA LEU B 140 -29.21 30.65 -14.30
C LEU B 140 -29.24 30.95 -12.81
N LEU B 141 -30.30 30.50 -12.13
CA LEU B 141 -30.40 30.81 -10.70
C LEU B 141 -29.16 30.32 -9.97
N TYR B 142 -28.70 29.10 -10.30
CA TYR B 142 -27.52 28.55 -9.64
C TYR B 142 -26.40 29.56 -9.69
N ALA B 143 -26.08 30.04 -10.90
CA ALA B 143 -25.00 31.01 -11.05
C ALA B 143 -25.24 32.18 -10.10
N TYR B 144 -26.41 32.80 -10.19
CA TYR B 144 -26.69 33.97 -9.37
C TYR B 144 -26.40 33.66 -7.92
N LEU B 145 -26.99 32.57 -7.40
CA LEU B 145 -26.85 32.30 -5.97
C LEU B 145 -25.38 32.23 -5.60
N VAL B 146 -24.59 31.49 -6.38
CA VAL B 146 -23.22 31.27 -5.94
C VAL B 146 -22.44 32.56 -6.07
N THR B 147 -22.66 33.31 -7.15
CA THR B 147 -21.96 34.58 -7.30
C THR B 147 -22.35 35.54 -6.19
N GLY B 148 -23.55 35.37 -5.64
CA GLY B 148 -24.01 36.22 -4.56
C GLY B 148 -23.37 35.79 -3.26
N HIS B 149 -23.24 34.48 -3.09
CA HIS B 149 -22.64 33.92 -1.88
C HIS B 149 -21.20 34.40 -1.73
N PHE B 150 -20.33 33.94 -2.62
CA PHE B 150 -18.90 34.22 -2.51
C PHE B 150 -18.50 35.63 -2.94
N CYS B 151 -19.32 36.32 -3.74
CA CYS B 151 -18.88 37.58 -4.33
C CYS B 151 -19.97 38.64 -4.26
N GLY B 152 -20.67 38.73 -3.13
CA GLY B 152 -21.60 39.82 -2.92
C GLY B 152 -22.71 40.07 -3.91
N THR B 153 -23.59 41.01 -3.54
CA THR B 153 -24.76 41.38 -4.33
C THR B 153 -24.44 41.55 -5.81
N ILE B 154 -25.17 40.82 -6.63
CA ILE B 154 -25.08 40.88 -8.07
C ILE B 154 -26.25 41.67 -8.64
N CYS B 155 -26.08 42.17 -9.85
CA CYS B 155 -27.13 42.87 -10.59
C CYS B 155 -27.38 42.05 -11.85
N PRO B 156 -28.48 41.30 -11.93
CA PRO B 156 -28.70 40.46 -13.11
C PRO B 156 -29.19 41.28 -14.30
N ILE B 157 -28.86 40.78 -15.49
CA ILE B 157 -29.38 41.33 -16.74
C ILE B 157 -29.62 40.16 -17.67
N PHE B 158 -30.69 40.26 -18.45
CA PHE B 158 -31.10 39.20 -19.37
C PHE B 158 -31.20 39.83 -20.76
N SER B 159 -30.59 39.20 -21.74
CA SER B 159 -30.67 39.67 -23.12
C SER B 159 -31.11 38.52 -23.99
N THR B 160 -31.53 38.87 -25.21
CA THR B 160 -32.10 37.92 -26.16
C THR B 160 -31.14 37.79 -27.32
N ASN B 161 -30.62 36.59 -27.52
CA ASN B 161 -29.82 36.28 -28.69
C ASN B 161 -30.72 35.86 -29.84
N GLY B 162 -30.12 35.68 -31.01
CA GLY B 162 -30.85 35.09 -32.11
C GLY B 162 -31.41 33.73 -31.74
N LYS B 163 -30.75 33.04 -30.81
CA LYS B 163 -31.23 31.76 -30.32
C LYS B 163 -32.32 32.01 -29.30
N GLY B 164 -33.35 31.17 -29.30
CA GLY B 164 -34.43 31.32 -28.34
C GLY B 164 -33.91 31.38 -26.92
N ARG B 165 -32.88 30.60 -26.63
CA ARG B 165 -32.23 30.63 -25.32
C ARG B 165 -31.76 32.05 -24.99
N LEU B 166 -32.20 32.59 -23.87
CA LEU B 166 -31.72 33.90 -23.43
C LEU B 166 -30.31 33.79 -22.85
N ILE B 167 -29.51 34.83 -23.07
CA ILE B 167 -28.18 34.93 -22.46
C ILE B 167 -28.29 35.80 -21.22
N MET B 168 -27.48 35.49 -20.19
CA MET B 168 -27.51 36.22 -18.95
C MET B 168 -26.18 36.92 -18.73
N HIS B 169 -26.25 38.07 -18.07
CA HIS B 169 -25.09 38.89 -17.75
C HIS B 169 -25.26 39.23 -16.27
N LEU B 170 -24.55 38.52 -15.40
CA LEU B 170 -24.57 38.86 -13.99
C LEU B 170 -23.46 39.87 -13.75
N LEU B 171 -23.80 41.03 -13.23
CA LEU B 171 -22.82 42.08 -13.02
C LEU B 171 -22.46 42.08 -11.54
N LEU B 172 -21.18 42.27 -11.24
CA LEU B 172 -20.67 42.26 -9.88
C LEU B 172 -20.24 43.66 -9.51
N GLN B 173 -20.56 44.07 -8.30
CA GLN B 173 -20.35 45.44 -7.85
C GLN B 173 -19.03 45.48 -7.10
N GLY B 174 -18.00 46.02 -7.73
CA GLY B 174 -16.69 45.98 -7.12
C GLY B 174 -15.62 46.72 -7.87
N THR B 175 -14.80 47.49 -7.15
CA THR B 175 -13.63 48.10 -7.77
C THR B 175 -12.56 47.03 -8.00
N SER B 176 -12.21 46.30 -6.95
CA SER B 176 -11.28 45.18 -7.01
C SER B 176 -12.00 43.95 -6.46
N LEU B 177 -12.28 43.00 -7.34
CA LEU B 177 -13.06 41.81 -7.02
C LEU B 177 -12.15 40.59 -6.90
N HIS B 178 -12.41 39.76 -5.88
CA HIS B 178 -11.61 38.57 -5.62
C HIS B 178 -12.55 37.38 -5.78
N ILE B 179 -12.50 36.74 -6.94
CA ILE B 179 -13.33 35.57 -7.21
C ILE B 179 -12.60 34.37 -6.62
N PRO B 180 -13.15 33.72 -5.59
CA PRO B 180 -12.41 32.65 -4.92
C PRO B 180 -12.30 31.41 -5.78
N GLU B 181 -11.53 30.45 -5.26
CA GLU B 181 -11.29 29.20 -5.98
C GLU B 181 -12.55 28.32 -5.93
N THR B 182 -13.16 28.23 -4.76
CA THR B 182 -14.33 27.34 -4.59
C THR B 182 -15.48 27.77 -5.49
N CYS B 183 -15.65 29.09 -5.66
CA CYS B 183 -16.73 29.59 -6.51
C CYS B 183 -16.53 29.15 -7.95
N LEU B 184 -15.32 29.35 -8.48
CA LEU B 184 -15.03 28.94 -9.84
C LEU B 184 -15.19 27.44 -9.99
N LYS B 185 -14.77 26.68 -8.98
CA LYS B 185 -14.96 25.23 -9.02
C LYS B 185 -16.44 24.90 -9.18
N LEU B 186 -17.27 25.40 -8.27
CA LEU B 186 -18.70 25.12 -8.34
C LEU B 186 -19.26 25.48 -9.71
N LEU B 187 -19.00 26.70 -10.18
CA LEU B 187 -19.57 27.16 -11.43
C LEU B 187 -19.15 26.27 -12.59
N CYS B 188 -17.84 26.13 -12.81
CA CYS B 188 -17.36 25.38 -13.96
C CYS B 188 -17.79 23.92 -13.88
N GLU B 189 -17.72 23.31 -12.70
CA GLU B 189 -17.97 21.88 -12.59
C GLU B 189 -19.45 21.57 -12.77
N ASN B 190 -20.34 22.30 -12.10
CA ASN B 190 -21.76 21.94 -12.15
C ASN B 190 -22.52 22.57 -13.29
N ILE B 191 -22.13 23.75 -13.76
CA ILE B 191 -22.90 24.44 -14.80
C ILE B 191 -22.05 24.61 -16.06
N GLY B 192 -20.74 24.78 -15.88
CA GLY B 192 -19.79 24.96 -16.95
C GLY B 192 -20.17 24.34 -18.27
N PRO B 193 -20.09 23.01 -18.34
CA PRO B 193 -20.32 22.32 -19.62
C PRO B 193 -21.62 22.70 -20.30
N THR B 194 -22.71 22.76 -19.53
CA THR B 194 -24.02 23.04 -20.15
C THR B 194 -24.10 24.46 -20.67
N TYR B 195 -23.51 25.42 -19.98
CA TYR B 195 -23.58 26.82 -20.36
C TYR B 195 -22.20 27.44 -20.33
N GLU B 196 -21.85 28.14 -21.41
CA GLU B 196 -20.56 28.83 -21.49
C GLU B 196 -20.50 29.94 -20.46
N LEU B 197 -19.51 29.85 -19.57
CA LEU B 197 -19.23 30.87 -18.57
C LEU B 197 -18.09 31.74 -19.08
N ALA B 198 -18.24 33.05 -18.98
CA ALA B 198 -17.16 33.95 -19.40
C ALA B 198 -17.15 35.16 -18.49
N VAL B 199 -16.03 35.86 -18.45
CA VAL B 199 -15.90 37.08 -17.65
C VAL B 199 -15.44 38.22 -18.55
N ASP B 200 -16.10 39.37 -18.41
CA ASP B 200 -15.71 40.59 -19.13
C ASP B 200 -16.24 41.73 -18.29
N LEU B 201 -15.92 42.97 -18.66
CA LEU B 201 -16.35 44.12 -17.87
C LEU B 201 -17.15 45.07 -18.75
N VAL B 202 -18.30 45.52 -18.26
CA VAL B 202 -19.00 46.62 -18.92
C VAL B 202 -18.50 47.88 -18.23
N GLY B 203 -18.80 49.04 -18.81
CA GLY B 203 -18.41 50.32 -18.24
C GLY B 203 -18.26 50.33 -16.74
N ASP B 204 -19.40 50.27 -16.06
CA ASP B 204 -19.45 50.44 -14.62
C ASP B 204 -18.72 49.34 -13.84
N ALA B 205 -18.71 48.11 -14.33
CA ALA B 205 -18.18 47.04 -13.48
C ALA B 205 -18.06 45.74 -14.26
N PHE B 206 -17.34 44.80 -13.66
CA PHE B 206 -17.11 43.50 -14.26
C PHE B 206 -18.35 42.63 -14.14
N CYS B 207 -18.43 41.62 -15.01
CA CYS B 207 -19.61 40.79 -15.20
C CYS B 207 -19.18 39.39 -15.62
N ILE B 208 -20.09 38.46 -15.37
CA ILE B 208 -19.96 37.05 -15.74
C ILE B 208 -21.13 36.74 -16.66
N LYS B 209 -20.81 36.41 -17.92
CA LYS B 209 -21.81 36.07 -18.92
C LYS B 209 -22.06 34.57 -18.91
N VAL B 210 -23.31 34.19 -18.67
CA VAL B 210 -23.78 32.81 -18.79
C VAL B 210 -24.50 32.70 -20.14
N SER B 211 -24.09 31.75 -20.95
CA SER B 211 -24.59 31.62 -22.32
C SER B 211 -24.93 30.19 -22.61
N PRO B 212 -25.82 29.93 -23.58
CA PRO B 212 -26.01 28.56 -24.05
C PRO B 212 -24.85 28.15 -24.95
N ARG B 213 -24.41 26.89 -24.84
CA ARG B 213 -23.36 26.38 -25.70
C ARG B 213 -23.92 26.25 -27.11
N ASP B 214 -23.76 27.29 -27.93
CA ASP B 214 -24.48 27.44 -29.19
C ASP B 214 -25.86 26.78 -29.06
N THR B 215 -26.24 25.93 -30.02
CA THR B 215 -27.42 25.09 -29.89
C THR B 215 -27.06 23.61 -29.77
N VAL B 216 -25.80 23.32 -29.43
CA VAL B 216 -25.32 21.94 -29.40
C VAL B 216 -25.93 21.18 -28.22
N TYR B 217 -26.22 21.86 -27.11
CA TYR B 217 -26.66 21.18 -25.90
C TYR B 217 -27.77 21.98 -25.20
N GLU B 218 -28.94 21.36 -25.08
CA GLU B 218 -30.03 21.85 -24.23
C GLU B 218 -30.43 20.72 -23.30
N LYS B 219 -30.48 21.01 -21.99
CA LYS B 219 -30.68 19.97 -20.99
C LYS B 219 -31.61 20.44 -19.89
N ALA B 220 -32.33 19.48 -19.29
CA ALA B 220 -33.16 19.70 -18.10
C ALA B 220 -34.40 20.54 -18.40
N VAL B 221 -35.43 20.42 -17.58
CA VAL B 221 -36.67 21.16 -17.78
C VAL B 221 -37.56 21.01 -16.55
N ASN B 222 -38.50 21.94 -16.40
CA ASN B 222 -39.57 21.91 -15.42
C ASN B 222 -40.51 23.04 -15.82
N VAL B 223 -41.78 22.93 -15.45
CA VAL B 223 -42.73 23.97 -15.83
C VAL B 223 -43.71 24.35 -14.71
N ASP B 224 -43.31 25.30 -13.87
CA ASP B 224 -44.24 25.85 -12.89
C ASP B 224 -45.24 26.77 -13.58
N GLU B 225 -44.78 27.53 -14.57
CA GLU B 225 -45.63 28.39 -15.42
C GLU B 225 -46.30 29.46 -14.58
N ASP B 226 -47.61 29.66 -14.70
CA ASP B 226 -48.28 30.77 -14.04
C ASP B 226 -48.13 30.72 -12.53
N ALA B 227 -47.83 29.54 -11.97
CA ALA B 227 -47.62 29.47 -10.53
C ALA B 227 -46.63 30.54 -10.11
N ILE B 228 -45.56 30.72 -10.88
CA ILE B 228 -44.58 31.74 -10.51
C ILE B 228 -45.01 33.13 -11.00
N TYR B 229 -45.76 33.22 -12.10
CA TYR B 229 -46.19 34.53 -12.59
C TYR B 229 -47.17 35.17 -11.63
N GLU B 230 -48.18 34.43 -11.18
CA GLU B 230 -49.01 34.96 -10.11
C GLU B 230 -48.15 35.31 -8.90
N ALA B 231 -47.09 34.54 -8.65
CA ALA B 231 -46.25 34.76 -7.48
C ALA B 231 -45.51 36.10 -7.57
N ILE B 232 -44.95 36.45 -8.72
CA ILE B 232 -44.12 37.65 -8.80
C ILE B 232 -44.94 38.89 -8.49
N LYS B 233 -46.21 38.91 -8.91
CA LYS B 233 -47.13 40.02 -8.64
C LYS B 233 -46.52 41.38 -8.99
N ASP B 234 -45.51 41.39 -9.85
CA ASP B 234 -44.84 42.61 -10.28
C ASP B 234 -44.42 43.47 -9.09
N LEU B 235 -43.55 42.91 -8.25
CA LEU B 235 -43.02 43.64 -7.11
C LEU B 235 -42.37 44.93 -7.61
N GLU B 236 -42.23 45.89 -6.69
CA GLU B 236 -41.75 47.23 -7.06
C GLU B 236 -40.27 47.19 -7.43
N CYS B 237 -39.90 47.99 -8.42
CA CYS B 237 -38.51 48.11 -8.87
C CYS B 237 -37.93 49.37 -8.25
N GLY B 238 -36.95 49.20 -7.37
CA GLY B 238 -36.29 50.36 -6.78
C GLY B 238 -35.65 51.21 -7.87
N ASP B 239 -35.74 52.52 -7.70
CA ASP B 239 -35.23 53.42 -8.74
C ASP B 239 -33.73 53.25 -8.92
N GLU B 240 -33.01 52.86 -7.87
CA GLU B 240 -31.60 52.55 -8.01
C GLU B 240 -31.41 51.36 -8.94
N LEU B 241 -32.15 50.28 -8.69
CA LEU B 241 -32.15 49.15 -9.61
C LEU B 241 -32.68 49.55 -10.97
N ARG B 242 -33.71 50.40 -10.99
CA ARG B 242 -34.30 50.80 -12.26
C ARG B 242 -33.28 51.47 -13.16
N LEU B 243 -32.54 52.43 -12.61
CA LEU B 243 -31.50 53.11 -13.40
C LEU B 243 -30.38 52.15 -13.79
N GLN B 244 -29.91 51.34 -12.84
CA GLN B 244 -28.83 50.41 -13.16
C GLN B 244 -29.22 49.45 -14.28
N ILE B 245 -30.37 48.78 -14.14
CA ILE B 245 -30.79 47.81 -15.13
C ILE B 245 -31.03 48.48 -16.48
N ILE B 246 -31.65 49.66 -16.49
CA ILE B 246 -31.93 50.32 -17.76
C ILE B 246 -30.63 50.68 -18.47
N ASN B 247 -29.69 51.30 -17.75
CA ASN B 247 -28.43 51.69 -18.35
C ASN B 247 -27.65 50.48 -18.85
N TYR B 248 -27.65 49.39 -18.07
CA TYR B 248 -26.89 48.21 -18.45
C TYR B 248 -27.51 47.51 -19.66
N THR B 249 -28.85 47.50 -19.75
CA THR B 249 -29.49 46.95 -20.94
C THR B 249 -29.14 47.78 -22.17
N GLN B 250 -29.23 49.10 -22.05
CA GLN B 250 -28.81 49.97 -23.16
C GLN B 250 -27.38 49.65 -23.58
N LEU B 251 -26.47 49.56 -22.61
CA LEU B 251 -25.06 49.35 -22.93
C LEU B 251 -24.83 47.98 -23.55
N ILE B 252 -25.59 46.96 -23.15
CA ILE B 252 -25.49 45.66 -23.77
C ILE B 252 -25.94 45.74 -25.22
N LEU B 253 -27.03 46.47 -25.48
CA LEU B 253 -27.50 46.64 -26.84
C LEU B 253 -26.46 47.35 -27.71
N GLU B 254 -25.62 48.19 -27.10
CA GLU B 254 -24.55 48.87 -27.84
C GLU B 254 -23.37 47.95 -28.15
N ASN B 255 -23.39 46.72 -27.65
CA ASN B 255 -22.27 45.80 -27.83
C ASN B 255 -22.52 44.78 -28.92
N MET C 6 36.83 27.39 37.13
CA MET C 6 35.99 26.28 37.69
C MET C 6 34.95 25.83 36.67
N ALA C 7 35.40 25.41 35.49
CA ALA C 7 34.50 25.04 34.41
C ALA C 7 33.43 26.12 34.25
N SER C 8 33.83 27.36 34.47
CA SER C 8 32.88 28.45 34.59
C SER C 8 32.06 28.74 33.35
N PRO C 9 32.53 28.55 32.10
CA PRO C 9 31.63 28.81 30.97
C PRO C 9 30.24 28.24 31.21
N GLU C 10 30.19 27.00 31.74
CA GLU C 10 28.91 26.39 32.05
C GLU C 10 28.40 26.80 33.43
N GLU C 11 29.30 26.85 34.42
CA GLU C 11 28.88 27.11 35.81
C GLU C 11 28.26 28.48 35.98
N ARG C 12 28.90 29.52 35.43
CA ARG C 12 28.37 30.88 35.57
C ARG C 12 27.02 31.01 34.89
N LEU C 13 26.87 30.41 33.70
CA LEU C 13 25.60 30.50 32.99
C LEU C 13 24.50 29.79 33.78
N LEU C 14 24.81 28.60 34.29
CA LEU C 14 23.81 27.87 35.09
C LEU C 14 23.45 28.66 36.34
N ASP C 15 24.45 29.27 36.99
CA ASP C 15 24.18 30.06 38.19
C ASP C 15 23.28 31.25 37.86
N GLU C 16 23.55 31.94 36.76
CA GLU C 16 22.73 33.08 36.38
C GLU C 16 21.30 32.65 36.10
N LEU C 17 21.12 31.55 35.38
CA LEU C 17 19.77 31.09 35.06
C LEU C 17 19.02 30.69 36.33
N ASN C 18 19.68 29.96 37.22
CA ASN C 18 19.05 29.56 38.48
C ASN C 18 18.70 30.78 39.32
N ASN C 19 19.59 31.77 39.36
CA ASN C 19 19.30 32.99 40.12
C ASN C 19 18.12 33.74 39.51
N VAL C 20 18.04 33.77 38.17
CA VAL C 20 16.89 34.38 37.52
C VAL C 20 15.60 33.71 37.98
N ILE C 21 15.56 32.38 37.90
CA ILE C 21 14.34 31.68 38.28
C ILE C 21 14.01 31.92 39.76
N VAL C 22 15.03 31.96 40.62
CA VAL C 22 14.78 32.19 42.03
C VAL C 22 14.25 33.59 42.26
N SER C 23 14.75 34.58 41.52
CA SER C 23 14.44 35.97 41.79
C SER C 23 13.09 36.38 41.23
N PHE C 24 12.76 35.96 40.02
CA PHE C 24 11.59 36.50 39.33
C PHE C 24 10.44 35.53 39.17
N LEU C 25 10.66 34.22 39.35
CA LEU C 25 9.58 33.25 39.13
C LEU C 25 8.40 33.55 40.04
N CYS C 26 8.62 33.48 41.35
CA CYS C 26 7.58 33.71 42.35
C CYS C 26 7.82 35.07 43.00
N ASP C 27 6.76 35.87 43.10
CA ASP C 27 6.92 37.25 43.54
C ASP C 27 7.36 37.37 44.98
N SER C 28 6.93 36.44 45.85
CA SER C 28 7.26 36.52 47.26
C SER C 28 7.26 35.13 47.87
N GLY C 29 7.86 35.02 49.05
CA GLY C 29 7.89 33.78 49.80
C GLY C 29 9.15 32.97 49.53
N SER C 30 9.30 31.93 50.34
CA SER C 30 10.44 31.02 50.20
C SER C 30 10.18 30.08 49.03
N LEU C 31 11.06 30.12 48.03
CA LEU C 31 10.93 29.31 46.82
C LEU C 31 11.74 28.03 46.98
N GLU C 32 11.05 26.90 46.99
CA GLU C 32 11.69 25.59 47.14
C GLU C 32 12.18 25.11 45.78
N VAL C 33 13.45 25.35 45.49
CA VAL C 33 14.07 25.02 44.22
C VAL C 33 15.20 24.03 44.46
N GLU C 34 15.22 22.93 43.71
CA GLU C 34 16.32 21.97 43.72
C GLU C 34 16.99 22.04 42.36
N ARG C 35 18.23 22.54 42.35
CA ARG C 35 19.04 22.62 41.14
C ARG C 35 19.85 21.34 40.93
N CYS C 36 20.12 21.05 39.66
CA CYS C 36 20.97 19.95 39.24
C CYS C 36 22.36 20.47 38.89
N SER C 37 23.38 19.66 39.18
CA SER C 37 24.77 20.03 38.93
C SER C 37 25.40 19.34 37.74
N GLY C 38 24.74 18.31 37.17
CA GLY C 38 25.24 17.61 36.01
C GLY C 38 25.58 18.52 34.85
N ALA C 39 26.87 18.63 34.52
CA ALA C 39 27.29 19.45 33.38
C ALA C 39 26.72 18.95 32.06
N HIS C 40 26.21 17.71 32.00
CA HIS C 40 25.68 17.18 30.76
C HIS C 40 24.42 17.93 30.32
N VAL C 41 23.85 18.76 31.19
CA VAL C 41 22.66 19.57 30.90
C VAL C 41 22.63 20.12 29.49
N PHE C 42 23.72 20.79 29.07
CA PHE C 42 23.70 21.49 27.80
C PHE C 42 23.78 20.55 26.60
N SER C 43 24.33 19.36 26.79
CA SER C 43 24.52 18.43 25.68
C SER C 43 23.19 18.10 25.03
N ARG C 44 23.18 18.10 23.70
CA ARG C 44 21.94 17.78 22.99
C ARG C 44 21.43 16.41 23.39
N GLY C 45 20.11 16.28 23.39
CA GLY C 45 19.44 15.08 23.84
C GLY C 45 19.62 14.76 25.29
N SER C 46 19.99 15.73 26.11
CA SER C 46 20.09 15.53 27.56
C SER C 46 18.73 15.86 28.15
N SER C 47 18.26 15.01 29.06
CA SER C 47 16.96 15.18 29.68
C SER C 47 17.04 15.67 31.11
N GLN C 48 18.22 16.00 31.59
CA GLN C 48 18.37 16.56 32.92
C GLN C 48 17.72 17.93 32.98
N PRO C 49 16.95 18.24 34.02
CA PRO C 49 16.40 19.59 34.13
C PRO C 49 17.41 20.53 34.77
N LEU C 50 17.36 21.79 34.34
CA LEU C 50 18.16 22.80 35.01
C LEU C 50 17.78 22.92 36.48
N CYS C 51 16.49 23.07 36.75
CA CYS C 51 16.02 23.18 38.12
C CYS C 51 14.58 22.70 38.21
N THR C 52 14.23 22.18 39.38
CA THR C 52 12.88 21.72 39.69
C THR C 52 12.34 22.51 40.86
N VAL C 53 11.18 23.13 40.68
CA VAL C 53 10.58 24.00 41.68
C VAL C 53 9.28 23.39 42.15
N LYS C 54 9.13 23.26 43.48
CA LYS C 54 7.86 22.84 44.05
C LYS C 54 6.87 23.99 44.03
N LEU C 55 5.61 23.67 43.79
CA LEU C 55 4.56 24.67 43.64
C LEU C 55 3.65 24.64 44.85
N ARG C 56 3.33 25.82 45.37
CA ARG C 56 2.56 26.00 46.60
C ARG C 56 1.22 26.60 46.24
N HIS C 57 0.18 26.13 46.92
CA HIS C 57 -1.17 26.59 46.64
C HIS C 57 -1.29 28.10 46.82
N GLY C 58 -1.93 28.76 45.86
CA GLY C 58 -2.22 30.17 45.94
C GLY C 58 -1.17 31.08 45.34
N GLN C 59 0.09 30.64 45.29
CA GLN C 59 1.15 31.48 44.78
C GLN C 59 1.03 31.63 43.26
N ILE C 60 1.48 32.78 42.77
CA ILE C 60 1.50 33.09 41.35
C ILE C 60 2.93 32.92 40.85
N TYR C 61 3.08 32.28 39.68
CA TYR C 61 4.39 31.96 39.12
C TYR C 61 4.47 32.59 37.72
N HIS C 62 5.38 33.56 37.58
CA HIS C 62 5.54 34.33 36.35
C HIS C 62 6.24 33.47 35.32
N LEU C 63 5.45 32.66 34.61
CA LEU C 63 6.03 31.71 33.67
C LEU C 63 6.60 32.39 32.44
N GLU C 64 5.80 33.23 31.77
CA GLU C 64 6.24 33.76 30.48
C GLU C 64 7.46 34.67 30.62
N PHE C 65 7.47 35.52 31.65
CA PHE C 65 8.62 36.38 31.87
C PHE C 65 9.89 35.58 32.04
N VAL C 66 9.85 34.56 32.92
CA VAL C 66 11.01 33.71 33.13
C VAL C 66 11.43 33.03 31.83
N TYR C 67 10.46 32.53 31.08
CA TYR C 67 10.79 31.81 29.84
C TYR C 67 11.51 32.73 28.86
N LYS C 68 10.97 33.94 28.66
CA LYS C 68 11.57 34.83 27.68
C LYS C 68 12.94 35.32 28.16
N PHE C 69 13.10 35.54 29.46
CA PHE C 69 14.40 35.92 30.00
C PHE C 69 15.43 34.81 29.77
N LEU C 70 15.03 33.56 30.02
CA LEU C 70 15.93 32.44 29.80
C LEU C 70 16.30 32.31 28.32
N ALA C 71 15.32 32.49 27.43
CA ALA C 71 15.60 32.43 26.00
C ALA C 71 16.57 33.52 25.59
N PHE C 72 16.41 34.73 26.14
CA PHE C 72 17.35 35.80 25.85
C PHE C 72 18.76 35.42 26.31
N LYS C 73 18.89 34.95 27.55
CA LYS C 73 20.21 34.55 28.04
C LYS C 73 20.82 33.46 27.16
N LEU C 74 20.02 32.49 26.74
CA LEU C 74 20.54 31.40 25.92
C LEU C 74 21.00 31.90 24.56
N LYS C 75 20.19 32.73 23.90
CA LYS C 75 20.58 33.24 22.59
C LYS C 75 21.79 34.17 22.69
N ASN C 76 21.95 34.88 23.81
CA ASN C 76 23.15 35.68 23.99
C ASN C 76 24.40 34.81 24.05
N CYS C 77 24.28 33.60 24.57
CA CYS C 77 25.38 32.66 24.65
C CYS C 77 25.44 31.72 23.45
N ASN C 78 24.72 32.03 22.37
CA ASN C 78 24.76 31.23 21.15
C ASN C 78 24.40 29.77 21.44
N TYR C 79 23.47 29.58 22.37
CA TYR C 79 22.91 28.24 22.60
C TYR C 79 21.80 28.01 21.59
N PRO C 80 21.87 26.96 20.76
CA PRO C 80 20.82 26.80 19.73
C PRO C 80 19.48 26.46 20.34
N SER C 81 19.45 25.63 21.37
CA SER C 81 18.23 25.03 21.86
C SER C 81 17.25 26.08 22.35
N SER C 82 15.94 25.71 22.32
CA SER C 82 14.85 26.51 22.89
C SER C 82 14.36 25.86 24.18
N PRO C 83 13.98 26.65 25.18
CA PRO C 83 13.63 26.06 26.48
C PRO C 83 12.33 25.28 26.42
N VAL C 84 12.04 24.60 27.54
CA VAL C 84 10.80 23.84 27.70
C VAL C 84 10.50 23.77 29.19
N PHE C 85 9.26 24.07 29.57
CA PHE C 85 8.79 23.94 30.94
C PHE C 85 7.86 22.74 31.02
N VAL C 86 8.02 21.92 32.06
CA VAL C 86 7.21 20.72 32.25
C VAL C 86 6.69 20.73 33.67
N ILE C 87 5.38 20.95 33.84
CA ILE C 87 4.75 20.87 35.15
C ILE C 87 4.10 19.49 35.27
N SER C 88 4.44 18.78 36.34
CA SER C 88 4.04 17.38 36.52
C SER C 88 3.52 17.17 37.92
N ASN C 89 2.66 16.15 38.06
CA ASN C 89 2.07 15.78 39.35
C ASN C 89 2.77 14.52 39.83
N ASN C 90 3.54 14.65 40.92
CA ASN C 90 4.24 13.51 41.49
C ASN C 90 3.38 12.70 42.44
N GLY C 91 2.13 13.13 42.69
CA GLY C 91 1.25 12.49 43.62
C GLY C 91 1.28 13.14 44.98
N LEU C 92 2.50 13.50 45.42
CA LEU C 92 2.70 14.19 46.69
C LEU C 92 2.71 15.69 46.50
N ALA C 93 3.34 16.16 45.41
CA ALA C 93 3.39 17.58 45.10
C ALA C 93 3.57 17.73 43.60
N THR C 94 3.15 18.89 43.10
CA THR C 94 3.28 19.24 41.68
C THR C 94 4.53 20.09 41.51
N THR C 95 5.35 19.74 40.53
CA THR C 95 6.65 20.36 40.33
C THR C 95 6.80 20.88 38.92
N LEU C 96 7.40 22.07 38.81
CA LEU C 96 7.73 22.69 37.52
C LEU C 96 9.22 22.48 37.27
N ARG C 97 9.54 21.73 36.21
CA ARG C 97 10.92 21.43 35.83
C ARG C 97 11.28 22.19 34.56
N CYS C 98 12.50 22.72 34.52
CA CYS C 98 12.96 23.53 33.39
C CYS C 98 14.00 22.73 32.60
N PHE C 99 13.57 22.15 31.48
CA PHE C 99 14.44 21.40 30.59
C PHE C 99 14.89 22.32 29.46
N LEU C 100 16.21 22.35 29.19
CA LEU C 100 16.70 23.25 28.14
C LEU C 100 16.32 22.75 26.74
N HIS C 101 16.17 21.44 26.56
CA HIS C 101 15.71 20.84 25.32
C HIS C 101 14.53 19.95 25.66
N GLU C 102 13.63 19.75 24.70
CA GLU C 102 12.49 18.89 24.93
C GLU C 102 13.00 17.61 25.57
N PRO C 103 12.48 17.21 26.74
CA PRO C 103 13.08 16.06 27.43
C PRO C 103 12.94 14.74 26.70
N SER C 104 11.75 14.42 26.18
CA SER C 104 11.57 13.18 25.45
C SER C 104 10.45 13.35 24.46
N GLY C 105 10.14 12.28 23.72
CA GLY C 105 9.01 12.32 22.82
C GLY C 105 7.72 12.16 23.58
N LEU C 106 7.36 13.15 24.41
CA LEU C 106 6.13 13.04 25.17
C LEU C 106 4.96 13.58 24.37
N ARG C 107 5.25 14.24 23.25
CA ARG C 107 4.23 14.63 22.29
C ARG C 107 3.53 13.40 21.72
N SER C 108 4.23 12.26 21.65
CA SER C 108 3.65 11.01 21.16
C SER C 108 2.70 10.40 22.18
N GLY C 109 2.21 11.19 23.12
CA GLY C 109 1.40 10.63 24.19
C GLY C 109 2.13 9.59 25.00
N GLN C 110 3.45 9.74 25.16
CA GLN C 110 4.25 8.83 25.95
C GLN C 110 4.07 9.15 27.43
N SER C 111 4.02 8.12 28.25
CA SER C 111 3.96 8.32 29.70
C SER C 111 2.69 9.12 30.00
N GLY C 112 2.72 10.05 30.94
CA GLY C 112 1.56 10.78 31.39
C GLY C 112 1.08 11.82 30.39
N PRO C 113 -0.25 11.87 30.17
CA PRO C 113 -0.79 12.72 29.08
C PRO C 113 -0.15 14.10 28.99
N CYS C 114 -0.15 14.68 27.79
CA CYS C 114 0.42 15.99 27.55
C CYS C 114 -0.70 17.01 27.35
N LEU C 115 -1.34 17.38 28.45
CA LEU C 115 -2.41 18.36 28.42
C LEU C 115 -1.91 19.70 27.89
N GLY C 116 -2.74 20.34 27.06
CA GLY C 116 -2.43 21.64 26.51
C GLY C 116 -2.85 22.77 27.44
N LEU C 117 -2.62 23.99 26.97
CA LEU C 117 -2.95 25.18 27.75
C LEU C 117 -4.45 25.51 27.65
N SER C 118 -4.98 26.03 28.76
CA SER C 118 -6.35 26.52 28.81
C SER C 118 -6.51 27.32 30.10
N THR C 119 -7.61 28.06 30.19
CA THR C 119 -7.85 28.92 31.35
C THR C 119 -7.73 28.14 32.65
N ASP C 120 -8.36 26.97 32.71
CA ASP C 120 -8.31 26.09 33.88
C ASP C 120 -7.99 24.69 33.39
N VAL C 121 -6.98 24.07 33.99
CA VAL C 121 -6.50 22.77 33.57
C VAL C 121 -6.47 21.84 34.78
N ASP C 122 -7.30 20.80 34.74
CA ASP C 122 -7.22 19.74 35.74
C ASP C 122 -5.98 18.90 35.47
N LEU C 123 -5.15 18.74 36.50
CA LEU C 123 -3.88 18.01 36.41
C LEU C 123 -3.97 16.73 37.21
N PRO C 124 -4.47 15.64 36.65
CA PRO C 124 -4.52 14.39 37.42
C PRO C 124 -3.11 13.91 37.73
N LYS C 125 -3.03 12.91 38.59
CA LYS C 125 -1.74 12.30 38.88
C LYS C 125 -1.18 11.68 37.61
N ASN C 126 0.15 11.69 37.51
CA ASN C 126 0.84 11.15 36.34
C ASN C 126 0.38 11.83 35.05
N SER C 127 0.21 13.15 35.13
CA SER C 127 -0.10 13.96 33.96
C SER C 127 0.78 15.20 34.00
N ILE C 128 1.07 15.75 32.82
CA ILE C 128 2.01 16.86 32.70
C ILE C 128 1.48 17.86 31.69
N ILE C 129 1.98 19.08 31.82
CA ILE C 129 1.73 20.15 30.86
C ILE C 129 3.07 20.70 30.42
N MET C 130 3.24 20.84 29.10
CA MET C 130 4.51 21.20 28.48
C MET C 130 4.36 22.53 27.77
N LEU C 131 5.12 23.52 28.21
CA LEU C 131 5.13 24.85 27.63
C LEU C 131 6.41 25.03 26.83
N GLY C 132 6.26 25.39 25.57
CA GLY C 132 7.39 25.53 24.67
C GLY C 132 7.69 26.98 24.35
N GLN C 133 8.13 27.24 23.12
CA GLN C 133 8.55 28.58 22.75
C GLN C 133 7.37 29.47 22.42
N ASP C 134 6.41 28.96 21.65
CA ASP C 134 5.29 29.76 21.18
C ASP C 134 3.96 29.35 21.83
N ASP C 135 4.01 28.59 22.92
CA ASP C 135 2.75 28.20 23.58
C ASP C 135 2.08 29.40 24.23
N PHE C 136 2.87 30.33 24.77
CA PHE C 136 2.31 31.50 25.44
C PHE C 136 1.53 32.35 24.44
N ILE C 137 2.12 32.58 23.26
CA ILE C 137 1.44 33.40 22.26
C ILE C 137 0.21 32.67 21.73
N LYS C 138 0.28 31.35 21.58
CA LYS C 138 -0.89 30.58 21.16
C LYS C 138 -2.03 30.73 22.15
N PHE C 139 -1.71 30.75 23.44
CA PHE C 139 -2.76 30.91 24.45
C PHE C 139 -3.28 32.34 24.48
N LYS C 140 -2.40 33.32 24.25
CA LYS C 140 -2.79 34.73 24.32
C LYS C 140 -3.46 35.21 23.03
N SER C 141 -3.34 34.46 21.93
CA SER C 141 -3.77 34.93 20.63
C SER C 141 -5.22 35.39 20.60
N PRO C 142 -6.19 34.57 21.00
CA PRO C 142 -7.59 34.99 20.90
C PRO C 142 -8.08 35.88 22.02
N LEU C 143 -7.22 36.25 22.97
CA LEU C 143 -7.65 37.00 24.15
C LEU C 143 -7.21 38.46 24.13
N VAL C 144 -6.25 38.83 23.30
CA VAL C 144 -5.80 40.21 23.20
C VAL C 144 -5.68 40.58 21.73
N PHE C 145 -5.67 41.88 21.47
CA PHE C 145 -5.50 42.39 20.12
C PHE C 145 -4.03 42.34 19.72
N PRO C 146 -3.73 42.42 18.43
CA PRO C 146 -2.34 42.21 17.99
C PRO C 146 -1.33 43.06 18.75
N ALA C 147 -1.61 44.36 18.90
CA ALA C 147 -0.63 45.25 19.52
C ALA C 147 -0.31 44.85 20.94
N GLU C 148 -1.27 44.26 21.65
CA GLU C 148 -1.08 43.90 23.05
C GLU C 148 -0.47 42.51 23.19
N LEU C 149 -0.24 41.82 22.07
CA LEU C 149 0.25 40.45 22.13
C LEU C 149 1.64 40.35 22.74
N ASP C 150 2.43 41.41 22.58
CA ASP C 150 3.82 41.38 23.06
C ASP C 150 3.85 41.23 24.58
N LEU C 151 4.89 40.55 25.07
CA LEU C 151 5.06 40.39 26.51
C LEU C 151 5.11 41.74 27.21
N LEU C 152 5.54 42.79 26.51
CA LEU C 152 5.64 44.11 27.12
C LEU C 152 4.30 44.62 27.64
N LYS C 153 3.18 44.05 27.17
CA LYS C 153 1.86 44.55 27.55
C LYS C 153 0.91 43.49 28.10
N SER C 154 1.14 42.21 27.84
CA SER C 154 0.26 41.14 28.33
C SER C 154 1.13 39.95 28.69
N MET C 155 1.20 39.61 29.98
CA MET C 155 2.07 38.54 30.46
C MET C 155 1.24 37.37 30.94
N VAL C 156 1.67 36.16 30.62
CA VAL C 156 0.98 34.96 31.09
C VAL C 156 1.56 34.54 32.44
N VAL C 157 0.69 34.05 33.32
CA VAL C 157 1.09 33.57 34.63
C VAL C 157 0.23 32.36 34.99
N CYS C 158 0.72 31.58 35.95
CA CYS C 158 0.10 30.33 36.35
C CYS C 158 -0.12 30.33 37.86
N ARG C 159 -1.38 30.20 38.28
CA ARG C 159 -1.73 30.05 39.68
C ARG C 159 -2.01 28.58 39.97
N ALA C 160 -1.70 28.15 41.19
CA ALA C 160 -1.81 26.76 41.60
C ALA C 160 -2.94 26.60 42.62
N TYR C 161 -3.78 25.60 42.40
CA TYR C 161 -4.88 25.23 43.29
C TYR C 161 -4.65 23.79 43.75
N ILE C 162 -3.94 23.63 44.87
CA ILE C 162 -3.56 22.33 45.40
C ILE C 162 -4.45 22.03 46.60
N THR C 163 -5.30 21.01 46.48
CA THR C 163 -6.10 20.49 47.58
C THR C 163 -5.97 18.98 47.62
N GLU C 164 -6.18 18.38 48.80
CA GLU C 164 -5.98 16.94 48.92
C GLU C 164 -6.76 16.18 47.86
N HIS C 165 -7.92 16.69 47.46
CA HIS C 165 -8.76 16.01 46.49
C HIS C 165 -8.51 16.42 45.05
N ARG C 166 -7.89 17.56 44.78
CA ARG C 166 -7.71 17.98 43.41
C ARG C 166 -6.60 18.99 43.25
N THR C 167 -5.87 18.87 42.13
CA THR C 167 -4.83 19.81 41.74
C THR C 167 -5.24 20.43 40.42
N THR C 168 -5.25 21.77 40.38
CA THR C 168 -5.71 22.49 39.21
C THR C 168 -4.76 23.65 38.94
N MET C 169 -4.49 23.90 37.66
CA MET C 169 -3.63 25.01 37.25
C MET C 169 -4.46 26.02 36.49
N GLN C 170 -4.45 27.27 36.97
CA GLN C 170 -5.22 28.34 36.36
C GLN C 170 -4.25 29.30 35.67
N PHE C 171 -4.29 29.31 34.34
CA PHE C 171 -3.43 30.19 33.56
C PHE C 171 -4.19 31.47 33.25
N LEU C 172 -3.59 32.60 33.57
CA LEU C 172 -4.23 33.90 33.38
C LEU C 172 -3.27 34.85 32.70
N VAL C 173 -3.83 35.97 32.23
CA VAL C 173 -3.08 36.99 31.50
C VAL C 173 -3.20 38.29 32.27
N PHE C 174 -2.06 38.81 32.72
CA PHE C 174 -2.01 40.03 33.51
C PHE C 174 -1.55 41.20 32.63
N GLN C 175 -2.17 42.34 32.86
CA GLN C 175 -1.83 43.61 32.22
C GLN C 175 -1.62 44.65 33.31
N ALA C 176 -1.09 45.80 32.91
CA ALA C 176 -0.89 46.90 33.85
C ALA C 176 -2.14 47.75 33.94
N ALA C 177 -2.58 48.02 35.18
CA ALA C 177 -3.74 48.89 35.38
C ALA C 177 -3.34 50.35 35.24
N ASN C 178 -2.26 50.74 35.92
CA ASN C 178 -1.73 52.10 35.84
C ASN C 178 -0.77 52.14 34.67
N ALA C 179 -1.31 52.44 33.48
CA ALA C 179 -0.49 52.44 32.27
C ALA C 179 0.67 53.41 32.37
N GLN C 180 0.43 54.58 32.98
CA GLN C 180 1.46 55.61 33.02
C GLN C 180 2.66 55.17 33.85
N LYS C 181 2.42 54.48 34.96
CA LYS C 181 3.53 54.02 35.80
C LYS C 181 4.30 52.89 35.14
N ALA C 182 3.61 51.98 34.45
CA ALA C 182 4.29 50.98 33.66
C ALA C 182 5.16 51.62 32.58
N SER C 183 4.64 52.68 31.95
CA SER C 183 5.43 53.44 30.98
C SER C 183 6.67 54.05 31.62
N ARG C 184 6.53 54.58 32.84
CA ARG C 184 7.67 55.15 33.53
C ARG C 184 8.71 54.07 33.81
N VAL C 185 8.26 52.90 34.26
CA VAL C 185 9.19 51.80 34.54
C VAL C 185 9.92 51.38 33.26
N MET C 186 9.20 51.31 32.15
CA MET C 186 9.84 50.92 30.90
C MET C 186 10.82 51.98 30.40
N ASP C 187 10.52 53.26 30.63
CA ASP C 187 11.49 54.30 30.33
C ASP C 187 12.74 54.14 31.18
N MET C 188 12.57 53.82 32.47
CA MET C 188 13.72 53.55 33.32
C MET C 188 14.55 52.41 32.74
N ILE C 189 13.89 51.35 32.31
CA ILE C 189 14.61 50.18 31.79
C ILE C 189 15.34 50.53 30.50
N SER C 190 14.70 51.32 29.62
CA SER C 190 15.35 51.72 28.38
C SER C 190 16.56 52.59 28.64
N ASP C 191 16.46 53.51 29.60
CA ASP C 191 17.61 54.32 29.97
C ASP C 191 18.73 53.46 30.50
N MET C 192 18.40 52.49 31.35
CA MET C 192 19.42 51.59 31.89
C MET C 192 20.10 50.81 30.76
N SER C 193 19.32 50.31 29.81
CA SER C 193 19.90 49.58 28.68
C SER C 193 20.83 50.47 27.87
N GLN C 194 20.40 51.70 27.58
CA GLN C 194 21.23 52.60 26.79
C GLN C 194 22.53 52.93 27.54
N GLN C 195 22.45 53.05 28.85
CA GLN C 195 23.63 53.34 29.65
C GLN C 195 24.58 52.16 29.72
N LEU C 196 24.04 50.95 29.88
CA LEU C 196 24.82 49.75 30.20
C LEU C 196 25.74 49.32 29.07
N SER C 197 27.02 49.69 29.16
CA SER C 197 28.04 49.15 28.25
C SER C 197 28.65 47.91 28.92
N ARG C 198 27.84 46.85 28.97
CA ARG C 198 28.26 45.59 29.57
C ARG C 198 27.43 44.43 29.04
N SER C 199 27.92 43.23 29.32
CA SER C 199 27.27 41.97 28.95
C SER C 199 26.05 41.71 29.82
N VAL D 16 17.50 57.40 23.49
CA VAL D 16 17.19 56.79 22.21
C VAL D 16 15.67 56.69 22.05
N ASP D 17 15.20 56.76 20.81
CA ASP D 17 13.77 56.73 20.55
C ASP D 17 13.13 55.51 21.20
N ARG D 18 11.97 55.74 21.82
CA ARG D 18 11.21 54.66 22.44
C ARG D 18 10.70 53.65 21.43
N SER D 19 10.54 54.05 20.16
CA SER D 19 10.07 53.11 19.14
C SER D 19 11.00 51.91 19.03
N HIS D 20 12.31 52.11 19.19
CA HIS D 20 13.25 51.01 19.08
C HIS D 20 13.56 50.44 20.47
N PHE D 21 12.53 49.93 21.13
CA PHE D 21 12.68 49.27 22.42
C PHE D 21 12.44 47.77 22.22
N SER D 22 13.47 47.07 21.75
CA SER D 22 13.39 45.63 21.54
C SER D 22 13.30 44.89 22.87
N LEU D 23 12.77 43.66 22.81
CA LEU D 23 12.77 42.80 23.99
C LEU D 23 14.17 42.65 24.55
N ARG D 24 15.19 42.66 23.69
CA ARG D 24 16.56 42.52 24.15
C ARG D 24 16.97 43.71 25.01
N ASP D 25 16.60 44.93 24.60
CA ASP D 25 16.86 46.11 25.42
C ASP D 25 16.22 45.95 26.79
N PHE D 26 14.97 45.48 26.81
CA PHE D 26 14.25 45.25 28.06
C PHE D 26 15.01 44.30 28.98
N PHE D 27 15.39 43.13 28.45
CA PHE D 27 16.05 42.13 29.28
C PHE D 27 17.45 42.57 29.69
N ARG D 28 18.18 43.30 28.85
CA ARG D 28 19.48 43.81 29.26
C ARG D 28 19.33 44.83 30.39
N GLY D 29 18.45 45.81 30.20
CA GLY D 29 18.21 46.78 31.26
C GLY D 29 17.83 46.12 32.57
N ILE D 30 17.07 45.03 32.51
CA ILE D 30 16.71 44.32 33.74
C ILE D 30 17.94 43.62 34.32
N SER D 31 18.69 42.90 33.48
CA SER D 31 19.90 42.24 33.96
C SER D 31 20.84 43.23 34.65
N ALA D 32 20.81 44.49 34.23
CA ALA D 32 21.57 45.51 34.94
C ALA D 32 21.14 45.62 36.39
N ASN D 33 19.83 45.64 36.64
CA ASN D 33 19.27 45.85 37.97
C ASN D 33 18.00 45.01 38.08
N PHE D 34 18.05 43.96 38.90
CA PHE D 34 16.87 43.11 39.08
C PHE D 34 15.70 43.89 39.66
N GLU D 35 15.99 44.97 40.39
CA GLU D 35 14.90 45.73 41.01
C GLU D 35 13.98 46.34 39.96
N LEU D 36 14.52 46.66 38.78
CA LEU D 36 13.67 47.14 37.70
C LEU D 36 12.71 46.05 37.22
N GLY D 37 13.20 44.81 37.13
CA GLY D 37 12.32 43.71 36.77
C GLY D 37 11.25 43.47 37.83
N LYS D 38 11.62 43.59 39.10
CA LYS D 38 10.63 43.47 40.17
C LYS D 38 9.57 44.57 40.09
N ASP D 39 10.00 45.81 39.81
CA ASP D 39 9.05 46.90 39.63
C ASP D 39 8.08 46.59 38.50
N PHE D 40 8.62 46.17 37.35
CA PHE D 40 7.78 45.82 36.23
C PHE D 40 6.77 44.73 36.62
N LEU D 41 7.26 43.67 37.25
CA LEU D 41 6.38 42.58 37.66
C LEU D 41 5.28 43.08 38.60
N ARG D 42 5.60 44.05 39.46
CA ARG D 42 4.58 44.58 40.36
C ARG D 42 3.52 45.36 39.59
N GLU D 43 3.94 46.15 38.59
CA GLU D 43 2.97 46.99 37.88
C GLU D 43 1.99 46.15 37.07
N MET D 44 2.41 44.98 36.60
CA MET D 44 1.54 44.07 35.85
C MET D 44 0.72 43.27 36.85
N ASN D 45 -0.46 43.80 37.21
CA ASN D 45 -1.22 43.28 38.34
C ASN D 45 -2.68 42.91 38.02
N THR D 46 -3.21 43.27 36.85
CA THR D 46 -4.63 43.07 36.58
C THR D 46 -4.88 41.90 35.65
N PRO D 47 -5.72 40.93 36.04
CA PRO D 47 -6.09 39.86 35.11
C PRO D 47 -6.86 40.39 33.91
N ILE D 48 -6.96 39.56 32.88
CA ILE D 48 -7.52 39.98 31.59
C ILE D 48 -9.03 39.86 31.56
N HIS D 49 -9.59 38.73 32.01
CA HIS D 49 -11.03 38.46 31.90
C HIS D 49 -11.44 37.87 33.25
N VAL D 50 -11.70 38.75 34.20
CA VAL D 50 -12.10 38.35 35.53
C VAL D 50 -13.58 37.96 35.55
N SER D 51 -14.43 38.76 34.93
CA SER D 51 -15.87 38.56 35.01
C SER D 51 -16.38 37.68 33.89
N GLU D 52 -17.11 36.61 34.26
CA GLU D 52 -17.87 35.78 33.33
C GLU D 52 -19.28 35.68 33.90
N ALA D 53 -20.26 36.15 33.15
CA ALA D 53 -21.65 36.10 33.62
C ALA D 53 -22.15 34.66 33.70
N VAL D 54 -23.11 34.42 34.60
CA VAL D 54 -23.70 33.10 34.78
C VAL D 54 -25.18 33.23 35.10
N PHE D 55 -25.95 32.26 34.60
CA PHE D 55 -27.39 32.17 34.85
C PHE D 55 -27.67 32.02 36.35
N LEU D 56 -28.89 32.39 36.75
CA LEU D 56 -29.22 32.40 38.18
C LEU D 56 -29.32 31.00 38.76
N PRO D 57 -30.03 30.04 38.15
CA PRO D 57 -30.04 28.69 38.75
C PRO D 57 -28.71 28.01 38.51
N LEU D 58 -27.82 28.05 39.51
CA LEU D 58 -26.44 27.62 39.35
C LEU D 58 -26.05 26.70 40.50
N SER D 59 -25.51 25.54 40.15
CA SER D 59 -25.00 24.58 41.12
C SER D 59 -23.53 24.86 41.38
N LEU D 60 -23.19 25.18 42.63
CA LEU D 60 -21.81 25.53 42.94
C LEU D 60 -20.89 24.32 42.88
N CYS D 61 -21.39 23.12 43.18
CA CYS D 61 -20.54 21.94 43.15
C CYS D 61 -19.85 21.76 41.81
N THR D 62 -20.38 22.37 40.75
CA THR D 62 -19.80 22.34 39.41
C THR D 62 -19.39 23.77 39.09
N LEU D 63 -18.19 24.14 39.50
CA LEU D 63 -17.71 25.50 39.32
C LEU D 63 -16.19 25.51 39.43
N SER D 64 -15.55 26.35 38.60
CA SER D 64 -14.10 26.47 38.67
C SER D 64 -13.69 26.99 40.04
N PRO D 65 -12.51 26.60 40.53
CA PRO D 65 -12.12 26.96 41.90
C PRO D 65 -11.68 28.42 42.00
N GLY D 66 -11.47 28.86 43.24
CA GLY D 66 -10.99 30.20 43.52
C GLY D 66 -11.71 31.29 42.76
N ARG D 67 -13.01 31.45 43.03
CA ARG D 67 -13.84 32.45 42.35
C ARG D 67 -14.92 32.96 43.28
N CYS D 68 -15.04 34.29 43.35
CA CYS D 68 -16.09 34.97 44.10
C CYS D 68 -17.31 35.13 43.19
N LEU D 69 -18.48 35.28 43.81
CA LEU D 69 -19.71 35.46 43.04
C LEU D 69 -20.32 36.79 43.44
N ARG D 70 -20.46 37.71 42.47
CA ARG D 70 -21.02 39.03 42.70
C ARG D 70 -22.43 39.05 42.12
N LEU D 71 -23.39 38.59 42.92
CA LEU D 71 -24.77 38.48 42.46
C LEU D 71 -25.48 39.81 42.62
N SER D 72 -26.27 40.18 41.62
CA SER D 72 -26.98 41.44 41.57
C SER D 72 -28.17 41.24 40.65
N PRO D 73 -29.22 42.06 40.76
CA PRO D 73 -30.37 41.82 39.85
C PRO D 73 -29.97 41.89 38.38
N PHE D 74 -29.09 42.82 38.03
CA PHE D 74 -28.62 43.01 36.67
C PHE D 74 -27.43 42.13 36.32
N GLY D 75 -26.42 42.17 37.19
CA GLY D 75 -25.15 41.52 36.97
C GLY D 75 -25.19 40.02 36.77
N HIS D 76 -25.54 39.29 37.81
CA HIS D 76 -25.45 37.83 37.80
C HIS D 76 -24.06 37.42 37.27
N SER D 77 -23.03 37.90 37.97
CA SER D 77 -21.64 37.78 37.54
C SER D 77 -20.80 36.94 38.50
N LEU D 78 -19.72 36.37 37.96
CA LEU D 78 -18.74 35.57 38.69
C LEU D 78 -17.36 36.18 38.48
N THR D 79 -16.61 36.42 39.56
CA THR D 79 -15.30 37.05 39.48
C THR D 79 -14.24 36.15 40.12
N LEU D 80 -12.98 36.58 40.05
CA LEU D 80 -11.85 35.83 40.62
C LEU D 80 -11.43 36.47 41.93
N GLY D 81 -10.95 35.63 42.85
CA GLY D 81 -10.65 36.11 44.21
C GLY D 81 -9.44 37.02 44.32
N SER D 82 -8.40 36.76 43.52
CA SER D 82 -7.13 37.48 43.72
C SER D 82 -7.30 38.99 43.63
N HIS D 83 -8.19 39.46 42.75
CA HIS D 83 -8.34 40.88 42.47
C HIS D 83 -9.80 41.29 42.57
N CYS D 84 -10.45 40.87 43.65
CA CYS D 84 -11.78 41.35 44.01
C CYS D 84 -11.51 42.33 45.15
N GLU D 85 -11.56 43.62 44.83
CA GLU D 85 -11.11 44.64 45.77
C GLU D 85 -11.84 44.56 47.10
N ILE D 86 -13.16 44.36 47.06
CA ILE D 86 -13.94 44.36 48.30
C ILE D 86 -13.51 43.22 49.20
N CYS D 87 -13.25 42.04 48.63
CA CYS D 87 -12.85 40.90 49.44
C CYS D 87 -11.47 41.06 50.07
N ILE D 88 -10.70 42.07 49.65
CA ILE D 88 -9.37 42.32 50.17
C ILE D 88 -9.35 43.52 51.10
N ASN D 89 -10.16 44.53 50.82
CA ASN D 89 -10.23 45.72 51.66
C ASN D 89 -10.65 45.38 53.08
N ARG D 90 -11.30 44.25 53.29
CA ARG D 90 -11.58 43.73 54.63
C ARG D 90 -10.70 42.55 55.00
N SER D 91 -10.44 41.63 54.06
CA SER D 91 -9.64 40.45 54.36
C SER D 91 -8.15 40.76 54.28
N GLN D 92 -7.71 41.81 54.95
CA GLN D 92 -6.27 42.03 55.10
C GLN D 92 -5.69 41.04 56.10
N VAL D 93 -6.38 40.85 57.23
CA VAL D 93 -6.14 39.75 58.15
C VAL D 93 -7.51 39.14 58.44
N HIS D 94 -8.37 39.93 59.09
CA HIS D 94 -9.80 39.65 59.19
C HIS D 94 -10.00 38.23 59.74
N VAL D 95 -10.80 37.39 59.08
CA VAL D 95 -11.21 36.08 59.60
C VAL D 95 -10.07 35.35 60.29
N PRO D 96 -10.11 35.22 61.61
CA PRO D 96 -9.22 34.26 62.31
C PRO D 96 -9.90 32.96 62.68
N GLN D 97 -11.09 32.69 62.15
CA GLN D 97 -11.87 31.54 62.59
C GLN D 97 -11.24 30.23 62.14
N GLU D 98 -11.39 29.21 62.98
CA GLU D 98 -10.94 27.84 62.70
C GLU D 98 -12.14 27.03 62.25
N PHE D 99 -12.33 26.91 60.93
CA PHE D 99 -13.35 26.04 60.37
C PHE D 99 -12.75 24.90 59.55
N SER D 100 -11.61 24.37 60.02
CA SER D 100 -10.90 23.39 59.20
C SER D 100 -11.73 22.14 58.94
N SER D 101 -12.65 21.79 59.83
CA SER D 101 -13.43 20.56 59.71
C SER D 101 -14.86 20.80 60.14
N THR D 102 -15.76 19.96 59.61
CA THR D 102 -17.19 20.13 59.87
C THR D 102 -17.56 19.67 61.28
N GLN D 103 -17.26 18.41 61.61
CA GLN D 103 -17.65 17.88 62.91
C GLN D 103 -17.00 18.63 64.06
N LEU D 104 -15.72 19.01 63.89
CA LEU D 104 -15.02 19.76 64.93
C LEU D 104 -15.69 21.10 65.21
N SER D 105 -15.94 21.88 64.15
CA SER D 105 -16.57 23.18 64.36
C SER D 105 -18.00 23.00 64.87
N PHE D 106 -18.67 21.92 64.47
CA PHE D 106 -20.01 21.67 64.97
C PHE D 106 -20.00 21.51 66.48
N PHE D 107 -19.14 20.63 67.00
CA PHE D 107 -19.10 20.49 68.44
C PHE D 107 -18.42 21.67 69.12
N ASN D 108 -17.84 22.57 68.34
CA ASN D 108 -17.28 23.78 68.94
C ASN D 108 -18.38 24.80 69.19
N ASN D 109 -19.28 25.00 68.24
CA ASN D 109 -20.34 25.99 68.39
C ASN D 109 -21.73 25.42 68.17
N VAL D 110 -22.01 24.21 68.65
CA VAL D 110 -23.38 23.73 68.69
C VAL D 110 -24.07 24.14 69.99
N HIS D 111 -23.35 24.06 71.13
CA HIS D 111 -23.95 24.37 72.41
C HIS D 111 -24.28 25.84 72.57
N LYS D 112 -23.86 26.70 71.65
CA LYS D 112 -24.14 28.13 71.73
C LYS D 112 -25.49 28.42 71.07
N ILE D 113 -26.55 28.03 71.77
CA ILE D 113 -27.90 28.22 71.24
C ILE D 113 -28.26 29.70 71.23
N ILE D 114 -27.82 30.45 72.25
CA ILE D 114 -28.24 31.84 72.38
C ILE D 114 -27.75 32.68 71.20
N PRO D 115 -26.51 32.53 70.71
CA PRO D 115 -26.15 33.21 69.45
C PRO D 115 -26.81 32.61 68.22
N ASN D 116 -27.00 31.30 68.19
CA ASN D 116 -27.58 30.59 67.05
C ASN D 116 -29.10 30.54 67.09
N LYS D 117 -29.75 31.48 67.80
CA LYS D 117 -31.17 31.36 68.07
C LYS D 117 -32.00 31.22 66.80
N THR D 118 -31.68 31.98 65.75
CA THR D 118 -32.52 31.95 64.55
C THR D 118 -32.55 30.55 63.93
N PHE D 119 -31.38 29.92 63.84
CA PHE D 119 -31.29 28.57 63.27
C PHE D 119 -32.19 27.59 64.02
N TYR D 120 -32.04 27.52 65.34
CA TYR D 120 -32.85 26.61 66.13
C TYR D 120 -34.32 26.95 66.04
N VAL D 121 -34.66 28.24 65.98
CA VAL D 121 -36.07 28.63 65.90
C VAL D 121 -36.68 28.09 64.61
N SER D 122 -35.99 28.30 63.49
CA SER D 122 -36.50 27.81 62.21
C SER D 122 -36.60 26.29 62.22
N LEU D 123 -35.56 25.61 62.71
CA LEU D 123 -35.61 24.16 62.78
C LEU D 123 -36.81 23.68 63.61
N LEU D 124 -37.08 24.36 64.72
CA LEU D 124 -38.19 23.97 65.58
C LEU D 124 -39.51 24.14 64.86
N SER D 125 -39.64 25.20 64.07
CA SER D 125 -40.89 25.41 63.35
C SER D 125 -41.26 24.17 62.53
N SER D 126 -40.27 23.54 61.89
CA SER D 126 -40.46 22.27 61.20
C SER D 126 -40.46 21.13 62.21
N SER D 127 -41.60 20.96 62.88
CA SER D 127 -41.77 19.90 63.85
C SER D 127 -41.26 18.51 63.44
N PRO D 128 -41.48 18.03 62.23
CA PRO D 128 -41.05 16.66 61.88
C PRO D 128 -39.53 16.51 61.94
N SER D 129 -39.08 15.64 62.86
CA SER D 129 -37.65 15.41 63.15
C SER D 129 -37.13 16.58 63.98
N ALA D 130 -37.24 17.79 63.45
CA ALA D 130 -36.92 19.03 64.18
C ALA D 130 -35.49 18.97 64.71
N VAL D 131 -35.27 19.03 66.02
CA VAL D 131 -33.91 19.09 66.54
C VAL D 131 -33.15 17.80 66.25
N LYS D 132 -33.86 16.68 66.20
CA LYS D 132 -33.20 15.42 65.87
C LYS D 132 -32.53 15.51 64.51
N ALA D 133 -33.17 16.22 63.56
CA ALA D 133 -32.58 16.30 62.24
C ALA D 133 -31.29 17.12 62.26
N GLY D 134 -31.15 18.01 63.24
CA GLY D 134 -29.88 18.67 63.42
C GLY D 134 -28.81 17.73 63.94
N LEU D 135 -29.17 16.87 64.90
CA LEU D 135 -28.20 15.95 65.45
C LEU D 135 -27.76 14.90 64.42
N SER D 136 -28.70 14.44 63.60
CA SER D 136 -28.36 13.40 62.63
C SER D 136 -27.35 13.90 61.62
N GLN D 137 -27.54 15.12 61.13
CA GLN D 137 -26.62 15.75 60.19
C GLN D 137 -26.07 17.06 60.75
N PRO D 138 -24.86 17.08 61.32
CA PRO D 138 -24.35 18.36 61.82
C PRO D 138 -23.91 19.28 60.70
N SER D 139 -23.68 18.71 59.51
CA SER D 139 -23.21 19.48 58.36
C SER D 139 -24.04 20.75 58.17
N LEU D 140 -25.36 20.66 58.30
CA LEU D 140 -26.21 21.82 58.06
C LEU D 140 -25.75 23.02 58.89
N LEU D 141 -25.58 22.83 60.20
CA LEU D 141 -25.20 23.98 61.01
C LEU D 141 -23.97 24.66 60.44
N TYR D 142 -23.02 23.86 59.94
CA TYR D 142 -21.79 24.43 59.39
C TYR D 142 -22.15 25.56 58.44
N ALA D 143 -23.01 25.26 57.45
CA ALA D 143 -23.41 26.26 56.47
C ALA D 143 -23.94 27.52 57.15
N TYR D 144 -24.93 27.36 58.04
CA TYR D 144 -25.47 28.54 58.72
C TYR D 144 -24.36 29.37 59.31
N LEU D 145 -23.46 28.70 60.04
CA LEU D 145 -22.36 29.42 60.66
C LEU D 145 -21.54 30.13 59.59
N VAL D 146 -21.17 29.36 58.56
CA VAL D 146 -20.17 29.86 57.61
C VAL D 146 -20.75 31.00 56.81
N THR D 147 -21.95 30.80 56.26
CA THR D 147 -22.55 31.84 55.46
C THR D 147 -22.66 33.11 56.27
N GLY D 148 -23.15 32.97 57.52
CA GLY D 148 -23.34 34.17 58.32
C GLY D 148 -22.04 34.94 58.46
N HIS D 149 -20.96 34.23 58.83
CA HIS D 149 -19.68 34.90 59.01
C HIS D 149 -19.42 35.82 57.83
N PHE D 150 -19.47 35.25 56.63
CA PHE D 150 -19.07 35.96 55.43
C PHE D 150 -20.17 36.85 54.86
N CYS D 151 -21.44 36.61 55.18
CA CYS D 151 -22.50 37.35 54.49
C CYS D 151 -23.66 37.76 55.41
N GLY D 152 -23.34 38.29 56.59
CA GLY D 152 -24.40 38.81 57.45
C GLY D 152 -25.54 37.86 57.77
N THR D 153 -26.40 38.26 58.70
CA THR D 153 -27.52 37.43 59.14
C THR D 153 -28.30 36.84 57.96
N ILE D 154 -28.56 35.53 58.05
CA ILE D 154 -29.35 34.78 57.08
C ILE D 154 -30.57 34.23 57.80
N CYS D 155 -31.61 33.89 57.02
CA CYS D 155 -32.83 33.33 57.56
C CYS D 155 -32.97 31.90 57.06
N PRO D 156 -32.71 30.89 57.89
CA PRO D 156 -32.76 29.50 57.41
C PRO D 156 -34.19 29.00 57.26
N ILE D 157 -34.35 28.05 56.36
CA ILE D 157 -35.63 27.39 56.12
C ILE D 157 -35.39 25.89 55.93
N PHE D 158 -36.31 25.07 56.42
CA PHE D 158 -36.15 23.62 56.36
C PHE D 158 -37.34 23.00 55.63
N SER D 159 -37.05 22.19 54.61
CA SER D 159 -38.04 21.47 53.83
C SER D 159 -37.59 20.03 53.65
N THR D 160 -38.50 19.19 53.13
CA THR D 160 -38.24 17.76 52.93
C THR D 160 -38.36 17.41 51.45
N ASN D 161 -37.29 16.82 50.88
CA ASN D 161 -37.34 16.22 49.55
C ASN D 161 -37.91 14.81 49.64
N GLY D 162 -39.19 14.73 50.01
CA GLY D 162 -39.85 13.44 50.09
C GLY D 162 -39.02 12.48 50.91
N LYS D 163 -38.63 11.35 50.32
CA LYS D 163 -37.74 10.44 51.02
C LYS D 163 -36.42 11.15 51.29
N GLY D 164 -35.87 10.93 52.47
CA GLY D 164 -34.64 11.57 52.90
C GLY D 164 -34.85 12.90 53.58
N ARG D 165 -35.83 13.68 53.08
CA ARG D 165 -36.20 14.93 53.74
C ARG D 165 -34.96 15.81 53.90
N LEU D 166 -34.90 16.56 54.99
CA LEU D 166 -33.71 17.33 55.35
C LEU D 166 -33.19 18.22 54.22
N ILE D 167 -34.08 19.06 53.68
CA ILE D 167 -33.69 20.08 52.72
C ILE D 167 -33.48 21.38 53.48
N MET D 168 -32.46 22.16 53.09
CA MET D 168 -32.20 23.44 53.75
C MET D 168 -32.17 24.55 52.70
N HIS D 169 -32.62 25.74 53.10
CA HIS D 169 -32.64 26.94 52.27
C HIS D 169 -32.11 28.12 53.09
N LEU D 170 -30.87 28.53 52.81
CA LEU D 170 -30.27 29.70 53.43
C LEU D 170 -30.56 30.93 52.59
N LEU D 171 -31.15 31.96 53.19
CA LEU D 171 -31.56 33.15 52.46
C LEU D 171 -30.61 34.32 52.75
N LEU D 172 -30.30 35.07 51.69
CA LEU D 172 -29.47 36.28 51.77
C LEU D 172 -30.22 37.40 51.07
N GLN D 173 -30.08 38.63 51.56
CA GLN D 173 -30.90 39.72 51.01
C GLN D 173 -30.10 41.03 50.99
N GLY D 174 -30.73 42.06 50.42
CA GLY D 174 -30.12 43.35 50.20
C GLY D 174 -29.74 43.63 48.77
N THR D 175 -29.82 42.63 47.90
CA THR D 175 -29.50 42.78 46.48
C THR D 175 -28.04 43.22 46.36
N SER D 176 -27.40 42.88 45.23
CA SER D 176 -26.01 43.20 45.00
C SER D 176 -25.15 42.70 46.16
N LEU D 177 -25.19 41.39 46.36
CA LEU D 177 -24.50 40.71 47.45
C LEU D 177 -23.30 39.96 46.87
N HIS D 178 -22.18 40.00 47.59
CA HIS D 178 -20.91 39.42 47.14
C HIS D 178 -20.49 38.26 48.03
N ILE D 179 -20.67 37.04 47.52
CA ILE D 179 -20.26 35.83 48.23
C ILE D 179 -18.76 35.64 47.97
N PRO D 180 -17.89 35.73 49.01
CA PRO D 180 -16.44 35.70 48.78
C PRO D 180 -15.88 34.35 48.38
N GLU D 181 -14.58 34.33 48.09
CA GLU D 181 -13.93 33.11 47.64
C GLU D 181 -13.79 32.10 48.78
N THR D 182 -13.32 32.57 49.94
CA THR D 182 -13.04 31.67 51.05
C THR D 182 -14.31 30.98 51.53
N CYS D 183 -15.43 31.70 51.51
CA CYS D 183 -16.70 31.13 51.94
C CYS D 183 -17.11 29.97 51.04
N LEU D 184 -17.12 30.22 49.73
CA LEU D 184 -17.51 29.17 48.78
C LEU D 184 -16.54 28.01 48.87
N LYS D 185 -15.25 28.31 49.06
CA LYS D 185 -14.25 27.27 49.21
C LYS D 185 -14.59 26.36 50.38
N LEU D 186 -14.75 26.95 51.57
CA LEU D 186 -15.07 26.15 52.75
C LEU D 186 -16.32 25.32 52.51
N LEU D 187 -17.38 25.94 51.99
CA LEU D 187 -18.64 25.24 51.84
C LEU D 187 -18.47 24.03 50.92
N CYS D 188 -17.97 24.25 49.70
CA CYS D 188 -17.84 23.15 48.75
C CYS D 188 -16.88 22.08 49.25
N GLU D 189 -15.77 22.48 49.86
CA GLU D 189 -14.75 21.52 50.27
C GLU D 189 -15.17 20.67 51.45
N ASN D 190 -15.76 21.29 52.47
CA ASN D 190 -16.02 20.60 53.74
C ASN D 190 -17.31 19.81 53.71
N ILE D 191 -18.45 20.46 53.48
CA ILE D 191 -19.73 19.77 53.50
C ILE D 191 -20.12 19.27 52.11
N GLY D 192 -19.70 19.99 51.06
CA GLY D 192 -20.00 19.66 49.69
C GLY D 192 -20.18 18.19 49.36
N PRO D 193 -19.17 17.36 49.67
CA PRO D 193 -19.24 15.94 49.25
C PRO D 193 -20.53 15.24 49.64
N THR D 194 -20.97 15.39 50.88
CA THR D 194 -22.17 14.70 51.34
C THR D 194 -23.46 15.41 50.91
N TYR D 195 -23.39 16.70 50.58
CA TYR D 195 -24.58 17.50 50.32
C TYR D 195 -24.40 18.30 49.04
N GLU D 196 -25.32 18.11 48.09
CA GLU D 196 -25.38 18.96 46.91
C GLU D 196 -25.80 20.38 47.32
N LEU D 197 -25.31 21.36 46.57
CA LEU D 197 -25.44 22.76 46.94
C LEU D 197 -25.66 23.58 45.68
N ALA D 198 -26.65 24.47 45.72
CA ALA D 198 -26.98 25.30 44.58
C ALA D 198 -27.49 26.65 45.04
N VAL D 199 -27.56 27.60 44.11
CA VAL D 199 -28.08 28.94 44.36
C VAL D 199 -29.27 29.17 43.43
N ASP D 200 -30.30 29.85 43.96
CA ASP D 200 -31.49 30.14 43.17
C ASP D 200 -32.07 31.48 43.59
N LEU D 201 -33.09 31.91 42.84
CA LEU D 201 -33.76 33.19 43.01
C LEU D 201 -35.26 33.01 43.20
N VAL D 202 -35.68 31.83 43.67
CA VAL D 202 -37.10 31.59 43.95
C VAL D 202 -37.66 32.69 44.83
N GLY D 203 -36.88 33.12 45.82
CA GLY D 203 -37.32 34.16 46.71
C GLY D 203 -36.93 35.53 46.17
N ASP D 204 -37.69 36.55 46.58
CA ASP D 204 -37.33 37.90 46.17
C ASP D 204 -35.92 38.21 46.67
N ALA D 205 -35.51 37.53 47.75
CA ALA D 205 -34.15 37.50 48.24
C ALA D 205 -33.46 36.26 47.64
N PHE D 206 -32.13 36.27 47.65
CA PHE D 206 -31.37 35.19 47.04
C PHE D 206 -31.40 33.97 47.95
N CYS D 207 -31.09 32.80 47.38
CA CYS D 207 -31.22 31.56 48.14
C CYS D 207 -30.07 30.62 47.81
N ILE D 208 -29.74 29.78 48.80
CA ILE D 208 -28.77 28.71 48.69
C ILE D 208 -29.48 27.44 49.15
N LYS D 209 -29.76 26.54 48.21
CA LYS D 209 -30.42 25.27 48.50
C LYS D 209 -29.36 24.22 48.80
N VAL D 210 -29.39 23.67 50.01
CA VAL D 210 -28.57 22.51 50.36
C VAL D 210 -29.50 21.31 50.36
N SER D 211 -29.11 20.25 49.64
CA SER D 211 -29.95 19.07 49.48
C SER D 211 -29.08 17.83 49.56
N PRO D 212 -29.45 16.83 50.36
CA PRO D 212 -28.65 15.61 50.42
C PRO D 212 -28.88 14.76 49.18
N ARG D 213 -27.85 13.99 48.82
CA ARG D 213 -27.94 13.08 47.70
C ARG D 213 -28.39 11.71 48.20
N ASP D 214 -28.60 10.78 47.28
CA ASP D 214 -28.84 9.39 47.66
C ASP D 214 -27.64 8.79 48.39
N THR D 215 -26.49 9.47 48.37
CA THR D 215 -25.32 9.04 49.12
C THR D 215 -25.66 8.79 50.58
N VAL D 216 -24.82 8.03 51.28
CA VAL D 216 -25.04 7.77 52.70
C VAL D 216 -24.91 9.09 53.47
N TYR D 217 -25.89 9.37 54.33
CA TYR D 217 -25.85 10.57 55.13
C TYR D 217 -24.66 10.53 56.08
N GLU D 218 -24.12 11.71 56.38
CA GLU D 218 -22.93 11.81 57.24
C GLU D 218 -23.18 11.12 58.58
N LYS D 219 -22.07 10.74 59.22
CA LYS D 219 -22.16 10.09 60.53
C LYS D 219 -22.75 11.06 61.55
N ALA D 220 -23.66 10.53 62.37
CA ALA D 220 -24.27 11.34 63.43
C ALA D 220 -23.29 11.50 64.58
N VAL D 221 -23.29 12.70 65.17
CA VAL D 221 -22.35 12.98 66.25
C VAL D 221 -22.87 12.47 67.58
N ASN D 222 -24.19 12.50 67.79
CA ASN D 222 -24.81 11.92 68.98
C ASN D 222 -24.27 12.55 70.26
N VAL D 223 -24.06 13.87 70.24
CA VAL D 223 -23.58 14.62 71.40
C VAL D 223 -24.73 15.41 72.00
N ASP D 224 -24.83 15.37 73.32
CA ASP D 224 -25.83 16.14 74.08
C ASP D 224 -27.15 16.20 73.34
N GLU D 225 -27.64 15.03 72.94
CA GLU D 225 -28.92 14.93 72.26
C GLU D 225 -29.97 15.76 72.98
N ASP D 226 -30.37 15.30 74.17
CA ASP D 226 -31.43 15.94 74.95
C ASP D 226 -31.02 17.20 75.70
N ALA D 227 -29.72 17.40 75.99
CA ALA D 227 -29.32 18.51 76.85
C ALA D 227 -29.84 19.86 76.34
N ILE D 228 -29.75 20.11 75.02
CA ILE D 228 -30.14 21.40 74.47
C ILE D 228 -31.65 21.56 74.32
N TYR D 229 -32.42 20.49 74.47
CA TYR D 229 -33.87 20.58 74.28
C TYR D 229 -34.47 21.61 75.24
N GLU D 230 -34.16 21.46 76.53
CA GLU D 230 -34.61 22.43 77.53
C GLU D 230 -34.15 23.84 77.18
N ALA D 231 -32.93 23.96 76.62
CA ALA D 231 -32.39 25.27 76.30
C ALA D 231 -33.23 25.97 75.23
N ILE D 232 -33.51 25.28 74.13
CA ILE D 232 -34.27 25.91 73.05
C ILE D 232 -35.72 26.11 73.48
N LYS D 233 -36.24 25.26 74.35
CA LYS D 233 -37.64 25.41 74.76
C LYS D 233 -37.89 26.75 75.44
N ASP D 234 -36.91 27.22 76.23
CA ASP D 234 -37.03 28.51 76.90
C ASP D 234 -36.47 29.58 75.96
N LEU D 235 -37.27 29.95 74.97
CA LEU D 235 -36.83 30.87 73.92
C LEU D 235 -38.02 31.72 73.48
N GLU D 236 -37.72 32.96 73.09
CA GLU D 236 -38.73 33.89 72.57
C GLU D 236 -38.02 34.76 71.51
N CYS D 237 -38.35 36.05 71.47
CA CYS D 237 -37.80 37.01 70.50
C CYS D 237 -38.22 36.73 69.07
N GLY D 238 -39.10 35.76 68.85
CA GLY D 238 -39.59 35.46 67.52
C GLY D 238 -40.82 36.26 67.15
N ASP D 239 -40.62 37.33 66.37
CA ASP D 239 -41.71 38.22 65.98
C ASP D 239 -41.56 38.60 64.51
N GLU D 240 -40.89 39.73 64.24
CA GLU D 240 -40.62 40.10 62.85
C GLU D 240 -39.81 39.01 62.15
N LEU D 241 -38.85 38.42 62.87
CA LEU D 241 -38.12 37.30 62.30
C LEU D 241 -39.08 36.18 61.91
N ARG D 242 -40.08 35.92 62.75
CA ARG D 242 -41.08 34.92 62.39
C ARG D 242 -41.83 35.34 61.12
N LEU D 243 -42.16 36.63 61.02
CA LEU D 243 -42.85 37.11 59.82
C LEU D 243 -42.01 36.79 58.59
N GLN D 244 -40.71 37.07 58.66
CA GLN D 244 -39.81 36.78 57.55
C GLN D 244 -39.78 35.29 57.24
N ILE D 245 -39.59 34.46 58.27
CA ILE D 245 -39.45 33.02 58.10
C ILE D 245 -40.70 32.44 57.44
N ILE D 246 -41.87 32.77 57.97
CA ILE D 246 -43.14 32.26 57.44
C ILE D 246 -43.39 32.78 56.03
N ASN D 247 -43.18 34.09 55.81
CA ASN D 247 -43.42 34.66 54.50
C ASN D 247 -42.58 33.97 53.44
N TYR D 248 -41.31 33.71 53.73
CA TYR D 248 -40.47 33.00 52.79
C TYR D 248 -40.88 31.54 52.65
N THR D 249 -41.38 30.93 53.73
CA THR D 249 -41.87 29.56 53.63
C THR D 249 -43.02 29.42 52.64
N GLN D 250 -43.95 30.39 52.62
CA GLN D 250 -45.03 30.26 51.65
C GLN D 250 -44.47 30.04 50.24
N LEU D 251 -43.56 30.93 49.82
CA LEU D 251 -43.00 30.84 48.49
C LEU D 251 -42.13 29.62 48.33
N ILE D 252 -41.52 29.15 49.41
CA ILE D 252 -40.73 27.92 49.37
C ILE D 252 -41.61 26.74 48.99
N LEU D 253 -42.76 26.61 49.67
CA LEU D 253 -43.68 25.54 49.32
C LEU D 253 -44.25 25.72 47.94
N GLU D 254 -44.52 26.97 47.55
CA GLU D 254 -44.99 27.30 46.21
C GLU D 254 -43.84 27.56 45.23
N ASN D 255 -42.69 26.92 45.40
CA ASN D 255 -41.60 27.08 44.44
C ASN D 255 -41.96 26.43 43.11
N LYS D 256 -42.10 25.11 43.13
CA LYS D 256 -42.31 24.30 41.94
C LYS D 256 -42.65 22.91 42.44
N GLN D 257 -42.91 21.99 41.52
CA GLN D 257 -43.28 20.64 41.92
C GLN D 257 -42.04 19.87 42.38
N MET E 6 65.78 -7.65 8.87
CA MET E 6 65.49 -8.05 10.28
C MET E 6 64.23 -8.90 10.33
N ALA E 7 63.11 -8.31 9.92
CA ALA E 7 61.83 -8.99 9.94
C ALA E 7 60.93 -8.40 8.87
N SER E 8 59.93 -9.18 8.47
CA SER E 8 59.13 -8.82 7.30
C SER E 8 58.39 -7.51 7.52
N PRO E 9 58.37 -6.61 6.52
CA PRO E 9 57.57 -5.38 6.66
C PRO E 9 56.15 -5.63 7.15
N GLU E 10 55.49 -6.67 6.60
CA GLU E 10 54.13 -6.96 6.99
C GLU E 10 54.08 -7.50 8.42
N GLU E 11 55.06 -8.34 8.79
CA GLU E 11 55.09 -8.85 10.14
C GLU E 11 55.25 -7.72 11.14
N ARG E 12 56.15 -6.78 10.85
CA ARG E 12 56.34 -5.63 11.73
C ARG E 12 55.08 -4.79 11.83
N LEU E 13 54.41 -4.55 10.69
CA LEU E 13 53.20 -3.75 10.72
C LEU E 13 52.11 -4.40 11.53
N LEU E 14 51.91 -5.72 11.34
CA LEU E 14 50.90 -6.44 12.12
C LEU E 14 51.24 -6.38 13.61
N ASP E 15 52.53 -6.53 13.94
CA ASP E 15 52.93 -6.42 15.35
C ASP E 15 52.58 -5.04 15.90
N GLU E 16 52.82 -4.00 15.11
CA GLU E 16 52.50 -2.65 15.56
C GLU E 16 51.00 -2.50 15.80
N LEU E 17 50.18 -3.03 14.90
CA LEU E 17 48.73 -2.90 15.06
C LEU E 17 48.24 -3.65 16.30
N ASN E 18 48.70 -4.88 16.47
CA ASN E 18 48.30 -5.66 17.64
C ASN E 18 48.74 -4.97 18.92
N ASN E 19 49.95 -4.38 18.92
CA ASN E 19 50.41 -3.64 20.09
C ASN E 19 49.53 -2.43 20.36
N VAL E 20 49.12 -1.73 19.30
CA VAL E 20 48.21 -0.60 19.45
C VAL E 20 46.93 -1.05 20.15
N ILE E 21 46.32 -2.12 19.65
CA ILE E 21 45.05 -2.58 20.23
C ILE E 21 45.26 -2.97 21.69
N VAL E 22 46.39 -3.61 21.99
CA VAL E 22 46.64 -4.01 23.37
C VAL E 22 46.81 -2.79 24.26
N SER E 23 47.43 -1.73 23.73
CA SER E 23 47.79 -0.59 24.56
C SER E 23 46.61 0.34 24.83
N PHE E 24 45.78 0.60 23.80
CA PHE E 24 44.78 1.65 23.92
C PHE E 24 43.34 1.16 24.01
N LEU E 25 43.07 -0.10 23.66
CA LEU E 25 41.69 -0.57 23.59
C LEU E 25 40.98 -0.43 24.94
N CYS E 26 41.48 -1.13 25.96
CA CYS E 26 40.86 -1.16 27.28
C CYS E 26 41.69 -0.33 28.26
N ASP E 27 41.01 0.52 29.03
CA ASP E 27 41.71 1.48 29.88
C ASP E 27 42.47 0.78 31.01
N SER E 28 41.94 -0.32 31.53
CA SER E 28 42.57 -1.02 32.65
C SER E 28 42.19 -2.50 32.60
N GLY E 29 42.97 -3.30 33.32
CA GLY E 29 42.72 -4.72 33.44
C GLY E 29 43.52 -5.54 32.44
N SER E 30 43.46 -6.85 32.65
CA SER E 30 44.13 -7.79 31.76
C SER E 30 43.31 -7.96 30.48
N LEU E 31 43.93 -7.65 29.35
CA LEU E 31 43.26 -7.69 28.05
C LEU E 31 43.52 -9.03 27.37
N GLU E 32 42.45 -9.79 27.14
CA GLU E 32 42.54 -11.08 26.46
C GLU E 32 42.51 -10.83 24.96
N VAL E 33 43.69 -10.79 24.34
CA VAL E 33 43.82 -10.58 22.90
C VAL E 33 44.46 -11.83 22.32
N GLU E 34 43.83 -12.39 21.31
CA GLU E 34 44.31 -13.59 20.63
C GLU E 34 44.76 -13.23 19.23
N ARG E 35 46.04 -13.44 18.96
CA ARG E 35 46.59 -13.23 17.63
C ARG E 35 46.25 -14.42 16.75
N CYS E 36 45.98 -14.14 15.48
CA CYS E 36 45.71 -15.16 14.47
C CYS E 36 46.94 -15.30 13.58
N SER E 37 47.21 -16.51 13.15
CA SER E 37 48.39 -16.78 12.32
C SER E 37 47.97 -16.99 10.87
N GLY E 38 48.98 -17.06 10.01
CA GLY E 38 48.75 -17.20 8.58
C GLY E 38 48.95 -15.89 7.87
N ALA E 39 49.58 -15.92 6.70
CA ALA E 39 49.82 -14.71 5.93
C ALA E 39 48.56 -14.20 5.23
N HIS E 40 47.52 -15.02 5.13
CA HIS E 40 46.28 -14.62 4.47
C HIS E 40 45.53 -13.50 5.19
N VAL E 41 45.91 -13.17 6.43
CA VAL E 41 45.31 -12.04 7.15
C VAL E 41 45.04 -10.93 6.14
N PHE E 42 46.06 -10.58 5.35
CA PHE E 42 45.95 -9.50 4.38
C PHE E 42 45.15 -9.89 3.14
N SER E 43 45.07 -11.19 2.83
CA SER E 43 44.44 -11.60 1.58
C SER E 43 43.00 -11.12 1.51
N ARG E 44 42.65 -10.51 0.37
CA ARG E 44 41.29 -10.04 0.15
C ARG E 44 40.33 -11.22 0.19
N GLY E 45 39.12 -10.97 0.71
CA GLY E 45 38.12 -12.01 0.84
C GLY E 45 38.50 -13.16 1.75
N SER E 46 39.48 -12.94 2.63
CA SER E 46 39.88 -13.94 3.61
C SER E 46 39.08 -13.72 4.88
N SER E 47 38.76 -14.81 5.56
CA SER E 47 37.99 -14.76 6.80
C SER E 47 38.91 -14.89 8.00
N GLN E 48 40.09 -14.26 7.93
CA GLN E 48 41.03 -14.33 9.04
C GLN E 48 41.04 -12.99 9.75
N PRO E 49 40.86 -12.97 11.08
CA PRO E 49 40.93 -11.71 11.81
C PRO E 49 42.34 -11.40 12.26
N LEU E 50 42.64 -10.10 12.33
CA LEU E 50 43.90 -9.68 12.93
C LEU E 50 43.99 -10.14 14.38
N CYS E 51 42.95 -9.91 15.16
CA CYS E 51 42.93 -10.34 16.55
C CYS E 51 41.49 -10.54 17.01
N THR E 52 41.33 -11.44 17.98
CA THR E 52 40.06 -11.74 18.62
C THR E 52 40.19 -11.43 20.11
N VAL E 53 39.31 -10.58 20.63
CA VAL E 53 39.39 -10.09 22.00
C VAL E 53 38.15 -10.56 22.76
N LYS E 54 38.37 -11.14 23.93
CA LYS E 54 37.27 -11.51 24.80
C LYS E 54 36.73 -10.25 25.50
N LEU E 55 35.42 -10.22 25.69
CA LEU E 55 34.72 -9.06 26.24
C LEU E 55 34.27 -9.36 27.66
N ARG E 56 34.54 -8.42 28.58
CA ARG E 56 34.26 -8.60 29.99
C ARG E 56 33.17 -7.64 30.45
N HIS E 57 32.28 -8.14 31.31
CA HIS E 57 31.19 -7.34 31.82
C HIS E 57 31.72 -6.13 32.59
N GLY E 58 31.15 -4.96 32.31
CA GLY E 58 31.45 -3.75 33.05
C GLY E 58 32.60 -2.93 32.50
N GLN E 59 33.57 -3.57 31.84
CA GLN E 59 34.73 -2.86 31.35
C GLN E 59 34.36 -1.99 30.14
N ILE E 60 35.10 -0.89 29.97
CA ILE E 60 34.90 0.03 28.86
C ILE E 60 35.97 -0.23 27.82
N TYR E 61 35.56 -0.24 26.55
CA TYR E 61 36.44 -0.53 25.42
C TYR E 61 36.40 0.64 24.45
N HIS E 62 37.54 1.33 24.32
CA HIS E 62 37.65 2.50 23.46
C HIS E 62 37.69 2.04 22.00
N LEU E 63 36.51 1.82 21.44
CA LEU E 63 36.42 1.26 20.09
C LEU E 63 36.84 2.27 19.03
N GLU E 64 36.24 3.47 19.04
CA GLU E 64 36.44 4.39 17.93
C GLU E 64 37.89 4.85 17.82
N PHE E 65 38.53 5.17 18.95
CA PHE E 65 39.92 5.59 18.91
C PHE E 65 40.78 4.51 18.27
N VAL E 66 40.61 3.27 18.71
CA VAL E 66 41.36 2.15 18.14
C VAL E 66 41.10 2.04 16.65
N TYR E 67 39.84 2.14 16.25
CA TYR E 67 39.50 1.96 14.84
C TYR E 67 40.17 3.02 13.98
N LYS E 68 40.03 4.29 14.35
CA LYS E 68 40.58 5.36 13.52
C LYS E 68 42.10 5.36 13.55
N PHE E 69 42.71 5.02 14.70
CA PHE E 69 44.16 4.91 14.75
C PHE E 69 44.66 3.80 13.83
N LEU E 70 43.99 2.65 13.86
CA LEU E 70 44.35 1.54 12.98
C LEU E 70 44.18 1.93 11.51
N ALA E 71 43.09 2.63 11.19
CA ALA E 71 42.88 3.08 9.82
C ALA E 71 43.98 4.04 9.38
N PHE E 72 44.40 4.93 10.27
CA PHE E 72 45.51 5.83 9.95
C PHE E 72 46.77 5.03 9.64
N LYS E 73 47.11 4.08 10.51
CA LYS E 73 48.31 3.26 10.27
C LYS E 73 48.21 2.52 8.95
N LEU E 74 47.02 1.99 8.62
CA LEU E 74 46.85 1.26 7.37
C LEU E 74 47.03 2.19 6.17
N LYS E 75 46.42 3.37 6.21
CA LYS E 75 46.57 4.31 5.10
C LYS E 75 48.00 4.80 4.95
N ASN E 76 48.74 4.86 6.07
CA ASN E 76 50.16 5.20 5.98
C ASN E 76 50.94 4.14 5.21
N CYS E 77 50.52 2.87 5.30
CA CYS E 77 51.16 1.78 4.60
C CYS E 77 50.52 1.45 3.26
N ASN E 78 49.69 2.36 2.73
CA ASN E 78 49.08 2.19 1.41
C ASN E 78 48.31 0.87 1.30
N TYR E 79 47.68 0.47 2.39
CA TYR E 79 46.74 -0.65 2.36
C TYR E 79 45.38 -0.16 1.89
N PRO E 80 44.81 -0.74 0.82
CA PRO E 80 43.59 -0.16 0.25
C PRO E 80 42.39 -0.26 1.17
N SER E 81 42.17 -1.45 1.73
CA SER E 81 40.95 -1.72 2.49
C SER E 81 40.94 -0.91 3.79
N SER E 82 39.72 -0.66 4.29
CA SER E 82 39.47 -0.03 5.58
C SER E 82 39.02 -1.08 6.60
N PRO E 83 39.36 -0.92 7.87
CA PRO E 83 39.10 -1.98 8.84
C PRO E 83 37.61 -2.20 9.07
N VAL E 84 37.31 -3.25 9.83
CA VAL E 84 35.95 -3.66 10.17
C VAL E 84 36.00 -4.41 11.49
N PHE E 85 35.10 -4.06 12.42
CA PHE E 85 34.98 -4.75 13.69
C PHE E 85 33.72 -5.60 13.72
N VAL E 86 33.83 -6.81 14.26
CA VAL E 86 32.73 -7.75 14.32
C VAL E 86 32.59 -8.25 15.76
N ILE E 87 31.52 -7.84 16.42
CA ILE E 87 31.19 -8.28 17.78
C ILE E 87 30.20 -9.43 17.68
N SER E 88 30.52 -10.57 18.27
CA SER E 88 29.69 -11.76 18.15
C SER E 88 29.56 -12.46 19.50
N ASN E 89 28.43 -13.16 19.67
CA ASN E 89 28.15 -13.96 20.85
C ASN E 89 28.27 -15.42 20.45
N ASN E 90 29.26 -16.12 20.98
CA ASN E 90 29.44 -17.53 20.67
C ASN E 90 28.56 -18.46 21.50
N GLY E 91 27.77 -17.91 22.41
CA GLY E 91 26.97 -18.72 23.32
C GLY E 91 27.70 -18.89 24.63
N LEU E 92 29.02 -19.07 24.54
CA LEU E 92 29.88 -19.21 25.71
C LEU E 92 30.50 -17.89 26.13
N ALA E 93 30.97 -17.09 25.17
CA ALA E 93 31.56 -15.78 25.46
C ALA E 93 31.43 -14.91 24.23
N THR E 94 31.52 -13.60 24.45
CA THR E 94 31.43 -12.60 23.39
C THR E 94 32.82 -12.20 22.93
N THR E 95 33.02 -12.17 21.61
CA THR E 95 34.32 -11.89 21.02
C THR E 95 34.23 -10.74 20.04
N LEU E 96 35.21 -9.84 20.11
CA LEU E 96 35.38 -8.74 19.16
C LEU E 96 36.54 -9.11 18.24
N ARG E 97 36.24 -9.27 16.95
CA ARG E 97 37.23 -9.64 15.95
C ARG E 97 37.51 -8.44 15.05
N CYS E 98 38.80 -8.22 14.77
CA CYS E 98 39.26 -7.07 13.99
C CYS E 98 39.75 -7.53 12.62
N PHE E 99 38.92 -7.35 11.60
CA PHE E 99 39.28 -7.69 10.23
C PHE E 99 39.76 -6.45 9.50
N LEU E 100 40.91 -6.56 8.82
CA LEU E 100 41.38 -5.41 8.05
C LEU E 100 40.49 -5.16 6.84
N HIS E 101 39.85 -6.22 6.33
CA HIS E 101 38.98 -6.17 5.16
C HIS E 101 37.65 -6.84 5.47
N GLU E 102 36.59 -6.34 4.83
CA GLU E 102 35.27 -6.93 4.99
C GLU E 102 35.34 -8.44 4.78
N PRO E 103 34.76 -9.25 5.66
CA PRO E 103 34.80 -10.71 5.45
C PRO E 103 34.05 -11.05 4.18
N SER E 104 34.42 -12.18 3.56
CA SER E 104 33.80 -12.57 2.30
C SER E 104 32.29 -12.48 2.37
N GLY E 105 31.73 -12.84 3.51
CA GLY E 105 30.31 -12.73 3.74
C GLY E 105 29.99 -13.18 5.14
N LEU E 106 28.94 -12.63 5.71
CA LEU E 106 28.51 -12.95 7.07
C LEU E 106 27.11 -13.53 7.06
N ARG E 107 26.79 -14.28 6.00
CA ARG E 107 25.56 -15.06 5.96
C ARG E 107 25.54 -16.08 7.08
N SER E 108 26.71 -16.55 7.49
CA SER E 108 26.86 -17.51 8.57
C SER E 108 26.50 -16.83 9.88
N GLY E 109 25.29 -17.08 10.37
CA GLY E 109 24.82 -16.37 11.54
C GLY E 109 24.25 -15.02 11.20
N GLN E 110 23.60 -14.89 10.05
CA GLN E 110 23.03 -13.61 9.63
C GLN E 110 21.75 -13.31 10.42
N SER E 111 21.90 -13.27 11.75
CA SER E 111 20.86 -12.84 12.67
C SER E 111 21.20 -11.40 12.98
N GLY E 112 20.56 -10.46 12.28
CA GLY E 112 20.94 -9.07 12.38
C GLY E 112 22.39 -8.98 11.93
N PRO E 113 22.68 -9.57 10.75
CA PRO E 113 24.08 -9.69 10.31
C PRO E 113 24.87 -8.42 10.50
N CYS E 114 24.21 -7.26 10.41
CA CYS E 114 24.83 -5.99 10.67
C CYS E 114 23.82 -5.14 11.44
N LEU E 115 23.56 -5.52 12.69
CA LEU E 115 22.72 -4.68 13.54
C LEU E 115 23.41 -3.33 13.64
N GLY E 116 22.64 -2.26 13.59
CA GLY E 116 23.24 -0.95 13.65
C GLY E 116 23.52 -0.55 15.08
N LEU E 117 24.14 0.61 15.21
CA LEU E 117 24.49 1.13 16.52
C LEU E 117 23.27 1.77 17.17
N SER E 118 23.21 1.65 18.49
CA SER E 118 22.15 2.27 19.27
C SER E 118 22.59 2.24 20.73
N THR E 119 21.87 3.00 21.56
CA THR E 119 22.23 3.10 22.97
C THR E 119 22.40 1.72 23.59
N ASP E 120 21.45 0.82 23.33
CA ASP E 120 21.49 -0.53 23.87
C ASP E 120 21.15 -1.52 22.76
N VAL E 121 21.99 -2.54 22.60
CA VAL E 121 21.81 -3.56 21.56
C VAL E 121 21.85 -4.92 22.22
N ASP E 122 20.74 -5.64 22.18
CA ASP E 122 20.72 -7.01 22.66
C ASP E 122 21.47 -7.91 21.69
N LEU E 123 22.45 -8.66 22.20
CA LEU E 123 23.28 -9.52 21.37
C LEU E 123 23.00 -10.98 21.71
N PRO E 124 21.93 -11.56 21.18
CA PRO E 124 21.66 -12.98 21.46
C PRO E 124 22.71 -13.88 20.83
N LYS E 125 22.62 -15.16 21.16
CA LYS E 125 23.53 -16.15 20.59
C LYS E 125 23.38 -16.21 19.08
N ASN E 126 24.50 -16.48 18.41
CA ASN E 126 24.54 -16.57 16.94
C ASN E 126 24.01 -15.29 16.29
N SER E 127 24.35 -14.14 16.86
CA SER E 127 24.02 -12.85 16.30
C SER E 127 25.26 -11.97 16.40
N ILE E 128 25.36 -10.99 15.50
CA ILE E 128 26.57 -10.19 15.36
C ILE E 128 26.23 -8.72 15.15
N ILE E 129 27.23 -7.88 15.45
CA ILE E 129 27.19 -6.44 15.20
C ILE E 129 28.43 -6.08 14.38
N MET E 130 28.24 -5.34 13.31
CA MET E 130 29.30 -5.02 12.36
C MET E 130 29.52 -3.52 12.35
N LEU E 131 30.70 -3.08 12.75
CA LEU E 131 31.07 -1.67 12.75
C LEU E 131 32.08 -1.41 11.65
N GLY E 132 31.76 -0.45 10.78
CA GLY E 132 32.60 -0.15 9.64
C GLY E 132 33.34 1.16 9.75
N GLN E 133 33.52 1.84 8.62
CA GLN E 133 34.33 3.05 8.60
C GLN E 133 33.54 4.26 9.07
N ASP E 134 32.30 4.43 8.60
CA ASP E 134 31.51 5.62 8.88
C ASP E 134 30.33 5.34 9.82
N ASP E 135 30.33 4.19 10.50
CA ASP E 135 29.24 3.89 11.42
C ASP E 135 29.30 4.77 12.67
N PHE E 136 30.52 5.09 13.14
CA PHE E 136 30.66 5.88 14.35
C PHE E 136 30.06 7.28 14.16
N ILE E 137 30.36 7.92 13.04
CA ILE E 137 29.81 9.26 12.79
C ILE E 137 28.29 9.18 12.63
N LYS E 138 27.80 8.12 11.97
CA LYS E 138 26.37 7.94 11.83
C LYS E 138 25.69 7.82 13.20
N PHE E 139 26.36 7.15 14.14
CA PHE E 139 25.80 7.02 15.49
C PHE E 139 25.89 8.32 16.26
N LYS E 140 26.96 9.08 16.08
CA LYS E 140 27.14 10.30 16.86
C LYS E 140 26.36 11.49 16.31
N SER E 141 25.90 11.42 15.05
CA SER E 141 25.30 12.59 14.42
C SER E 141 24.12 13.15 15.23
N PRO E 142 23.09 12.36 15.55
CA PRO E 142 21.94 12.94 16.25
C PRO E 142 22.11 13.11 17.75
N LEU E 143 23.29 12.79 18.30
CA LEU E 143 23.47 12.79 19.75
C LEU E 143 24.31 13.94 20.27
N VAL E 144 25.09 14.60 19.40
CA VAL E 144 25.92 15.74 19.78
C VAL E 144 25.78 16.81 18.70
N PHE E 145 26.22 18.02 19.04
CA PHE E 145 26.15 19.13 18.10
C PHE E 145 27.23 18.98 17.02
N PRO E 146 27.04 19.66 15.88
CA PRO E 146 27.99 19.48 14.77
C PRO E 146 29.44 19.73 15.14
N ALA E 147 29.73 20.80 15.90
CA ALA E 147 31.11 21.14 16.20
C ALA E 147 31.83 20.02 16.95
N GLU E 148 31.09 19.25 17.74
CA GLU E 148 31.67 18.18 18.54
C GLU E 148 31.77 16.85 17.79
N LEU E 149 31.32 16.80 16.54
CA LEU E 149 31.25 15.52 15.83
C LEU E 149 32.64 14.92 15.65
N ASP E 150 33.68 15.74 15.56
CA ASP E 150 35.02 15.22 15.35
C ASP E 150 35.44 14.36 16.54
N LEU E 151 36.22 13.32 16.26
CA LEU E 151 36.70 12.44 17.32
C LEU E 151 37.48 13.21 18.39
N LEU E 152 38.12 14.31 18.02
CA LEU E 152 38.91 15.07 18.98
C LEU E 152 38.07 15.58 20.14
N LYS E 153 36.74 15.59 20.03
CA LYS E 153 35.88 16.11 21.07
C LYS E 153 34.82 15.15 21.56
N SER E 154 34.46 14.12 20.79
CA SER E 154 33.44 13.16 21.22
C SER E 154 33.78 11.80 20.64
N MET E 155 34.11 10.85 21.51
CA MET E 155 34.55 9.51 21.10
C MET E 155 33.49 8.48 21.44
N VAL E 156 33.32 7.49 20.57
CA VAL E 156 32.39 6.40 20.79
C VAL E 156 33.09 5.30 21.57
N VAL E 157 32.36 4.68 22.50
CA VAL E 157 32.89 3.56 23.29
C VAL E 157 31.79 2.54 23.49
N CYS E 158 32.19 1.31 23.82
CA CYS E 158 31.28 0.19 23.95
C CYS E 158 31.51 -0.50 25.29
N ARG E 159 30.47 -0.53 26.12
CA ARG E 159 30.46 -1.26 27.38
C ARG E 159 29.69 -2.57 27.20
N ALA E 160 30.09 -3.58 27.96
CA ALA E 160 29.49 -4.90 27.88
C ALA E 160 28.71 -5.18 29.15
N TYR E 161 27.47 -5.65 28.99
CA TYR E 161 26.61 -6.07 30.09
C TYR E 161 26.35 -7.56 29.87
N ILE E 162 27.24 -8.40 30.41
CA ILE E 162 27.14 -9.84 30.25
C ILE E 162 26.69 -10.42 31.59
N THR E 163 25.49 -10.99 31.60
CA THR E 163 24.96 -11.74 32.72
C THR E 163 24.44 -13.05 32.17
N GLU E 164 24.40 -14.08 33.02
CA GLU E 164 23.96 -15.40 32.55
C GLU E 164 22.61 -15.30 31.85
N HIS E 165 21.78 -14.33 32.23
CA HIS E 165 20.44 -14.21 31.69
C HIS E 165 20.37 -13.36 30.42
N ARG E 166 21.36 -12.49 30.19
CA ARG E 166 21.31 -11.60 29.03
C ARG E 166 22.67 -11.04 28.69
N THR E 167 22.91 -10.87 27.39
CA THR E 167 24.11 -10.24 26.86
C THR E 167 23.70 -8.98 26.11
N THR E 168 24.28 -7.85 26.48
CA THR E 168 23.91 -6.57 25.91
C THR E 168 25.15 -5.73 25.67
N MET E 169 25.15 -4.98 24.55
CA MET E 169 26.22 -4.06 24.22
C MET E 169 25.67 -2.64 24.32
N GLN E 170 26.29 -1.83 25.16
CA GLN E 170 25.85 -0.45 25.42
C GLN E 170 26.85 0.50 24.78
N PHE E 171 26.43 1.17 23.73
CA PHE E 171 27.28 2.14 23.03
C PHE E 171 27.04 3.53 23.61
N LEU E 172 28.12 4.20 23.99
CA LEU E 172 28.05 5.50 24.63
C LEU E 172 28.99 6.47 23.93
N VAL E 173 28.79 7.76 24.21
CA VAL E 173 29.59 8.83 23.62
C VAL E 173 30.20 9.62 24.76
N PHE E 174 31.53 9.62 24.84
CA PHE E 174 32.25 10.30 25.89
C PHE E 174 32.85 11.60 25.36
N GLN E 175 32.83 12.63 26.20
CA GLN E 175 33.43 13.92 25.92
C GLN E 175 34.40 14.29 27.03
N ALA E 176 35.16 15.36 26.80
CA ALA E 176 36.08 15.88 27.79
C ALA E 176 35.34 16.84 28.72
N ALA E 177 35.47 16.62 30.03
CA ALA E 177 34.83 17.50 30.99
C ALA E 177 35.63 18.78 31.22
N ASN E 178 36.92 18.63 31.52
CA ASN E 178 37.81 19.78 31.73
C ASN E 178 38.42 20.16 30.39
N ALA E 179 37.74 21.07 29.68
CA ALA E 179 38.21 21.46 28.35
C ALA E 179 39.63 22.00 28.37
N GLN E 180 40.06 22.57 29.50
CA GLN E 180 41.38 23.18 29.57
CA GLN E 180 41.39 23.18 29.56
C GLN E 180 42.48 22.12 29.49
N LYS E 181 42.36 21.06 30.28
CA LYS E 181 43.38 20.01 30.24
C LYS E 181 43.34 19.24 28.92
N ALA E 182 42.14 19.00 28.38
CA ALA E 182 42.06 18.39 27.06
C ALA E 182 42.76 19.24 26.01
N SER E 183 42.58 20.56 26.08
CA SER E 183 43.29 21.46 25.19
C SER E 183 44.80 21.37 25.39
N ARG E 184 45.23 21.27 26.65
CA ARG E 184 46.66 21.13 26.93
C ARG E 184 47.23 19.86 26.32
N VAL E 185 46.51 18.75 26.46
CA VAL E 185 46.96 17.49 25.86
C VAL E 185 47.03 17.61 24.35
N MET E 186 46.01 18.23 23.74
CA MET E 186 46.03 18.45 22.30
CA MET E 186 46.03 18.45 22.30
C MET E 186 47.23 19.28 21.89
N ASP E 187 47.58 20.28 22.71
CA ASP E 187 48.75 21.11 22.41
C ASP E 187 50.03 20.31 22.49
N MET E 188 50.16 19.44 23.51
CA MET E 188 51.31 18.56 23.60
C MET E 188 51.45 17.72 22.33
N ILE E 189 50.34 17.13 21.88
CA ILE E 189 50.39 16.27 20.71
C ILE E 189 50.78 17.08 19.47
N SER E 190 50.23 18.29 19.34
CA SER E 190 50.57 19.12 18.19
C SER E 190 52.04 19.51 18.20
N ASP E 191 52.59 19.81 19.38
CA ASP E 191 54.01 20.10 19.49
C ASP E 191 54.85 18.91 19.04
N MET E 192 54.47 17.71 19.47
CA MET E 192 55.21 16.51 19.08
C MET E 192 55.19 16.35 17.56
N SER E 193 54.01 16.51 16.94
CA SER E 193 53.90 16.39 15.49
C SER E 193 54.75 17.44 14.79
N GLN E 194 54.70 18.68 15.25
CA GLN E 194 55.49 19.74 14.64
C GLN E 194 56.98 19.47 14.76
N GLN E 195 57.40 18.84 15.87
CA GLN E 195 58.81 18.50 16.01
C GLN E 195 59.20 17.42 15.00
N LEU E 196 58.34 16.42 14.84
CA LEU E 196 58.65 15.32 13.94
C LEU E 196 58.71 15.77 12.48
N SER E 197 57.87 16.73 12.09
CA SER E 197 57.90 17.19 10.70
C SER E 197 58.92 18.28 10.46
N ARG E 198 59.02 19.25 11.37
CA ARG E 198 60.01 20.31 11.26
C ARG E 198 61.43 19.75 11.11
N SER E 199 61.76 18.73 11.89
CA SER E 199 63.07 18.10 11.84
C SER E 199 64.16 19.11 12.17
N ASP F 17 44.83 26.44 12.55
CA ASP F 17 46.08 26.09 13.22
C ASP F 17 45.73 25.38 14.53
N ARG F 18 45.55 26.16 15.60
CA ARG F 18 45.09 25.58 16.86
C ARG F 18 43.67 25.04 16.72
N SER F 19 42.87 25.70 15.89
CA SER F 19 41.50 25.28 15.66
C SER F 19 41.45 23.90 15.00
N HIS F 20 42.11 23.75 13.85
CA HIS F 20 42.10 22.52 13.08
C HIS F 20 43.45 21.81 13.14
N PHE F 21 43.51 20.80 14.00
CA PHE F 21 44.64 19.90 14.18
C PHE F 21 44.24 18.59 13.50
N SER F 22 44.64 18.44 12.23
CA SER F 22 44.17 17.31 11.43
C SER F 22 44.34 16.00 12.20
N LEU F 23 43.44 15.05 11.90
CA LEU F 23 43.53 13.72 12.49
C LEU F 23 44.85 13.04 12.16
N ARG F 24 45.40 13.30 10.97
CA ARG F 24 46.66 12.69 10.57
C ARG F 24 47.80 13.18 11.46
N ASP F 25 47.86 14.49 11.68
CA ASP F 25 48.85 15.07 12.58
C ASP F 25 48.68 14.51 14.00
N PHE F 26 47.44 14.45 14.47
CA PHE F 26 47.16 13.90 15.79
C PHE F 26 47.70 12.48 15.93
N PHE F 27 47.36 11.62 14.97
CA PHE F 27 47.78 10.22 15.08
C PHE F 27 49.29 10.07 14.95
N ARG F 28 49.95 10.89 14.14
CA ARG F 28 51.40 10.81 14.07
C ARG F 28 52.03 11.22 15.41
N GLY F 29 51.62 12.38 15.92
CA GLY F 29 52.10 12.82 17.22
C GLY F 29 51.88 11.77 18.31
N ILE F 30 50.76 11.05 18.24
CA ILE F 30 50.51 9.99 19.22
C ILE F 30 51.47 8.84 19.00
N SER F 31 51.64 8.42 17.75
CA SER F 31 52.58 7.35 17.43
C SER F 31 53.95 7.66 18.00
N ALA F 32 54.29 8.94 18.12
CA ALA F 32 55.55 9.31 18.77
C ALA F 32 55.61 8.79 20.20
N ASN F 33 54.55 9.01 20.98
CA ASN F 33 54.54 8.64 22.39
C ASN F 33 53.14 8.19 22.77
N PHE F 34 53.00 6.89 23.06
CA PHE F 34 51.69 6.36 23.43
C PHE F 34 51.12 7.02 24.68
N GLU F 35 51.98 7.53 25.56
CA GLU F 35 51.49 8.14 26.80
C GLU F 35 50.61 9.35 26.50
N LEU F 36 50.87 10.04 25.40
CA LEU F 36 50.00 11.14 25.00
C LEU F 36 48.60 10.63 24.68
N GLY F 37 48.50 9.51 23.98
CA GLY F 37 47.20 8.90 23.71
C GLY F 37 46.53 8.43 24.99
N LYS F 38 47.31 7.89 25.93
CA LYS F 38 46.74 7.51 27.21
C LYS F 38 46.17 8.71 27.94
N ASP F 39 46.90 9.83 27.90
CA ASP F 39 46.39 11.08 28.47
C ASP F 39 45.08 11.50 27.81
N PHE F 40 45.04 11.46 26.46
CA PHE F 40 43.82 11.82 25.76
C PHE F 40 42.64 10.97 26.21
N LEU F 41 42.80 9.65 26.21
CA LEU F 41 41.71 8.80 26.69
C LEU F 41 41.35 9.11 28.14
N ARG F 42 42.33 9.49 28.95
CA ARG F 42 42.06 9.79 30.36
C ARG F 42 41.23 11.06 30.51
N GLU F 43 41.53 12.08 29.71
CA GLU F 43 40.81 13.35 29.84
C GLU F 43 39.38 13.25 29.34
N MET F 44 39.13 12.40 28.35
CA MET F 44 37.78 12.19 27.81
C MET F 44 37.09 11.19 28.74
N ASN F 45 36.38 11.72 29.74
CA ASN F 45 35.89 10.88 30.84
C ASN F 45 34.38 10.99 31.03
N THR F 46 33.85 12.19 31.23
CA THR F 46 32.42 12.30 31.53
C THR F 46 31.61 11.77 30.36
N PRO F 47 30.75 10.78 30.56
CA PRO F 47 29.84 10.38 29.48
C PRO F 47 28.84 11.48 29.21
N ILE F 48 28.31 11.50 28.01
CA ILE F 48 27.39 12.55 27.62
C ILE F 48 25.97 12.08 27.92
N HIS F 49 25.09 13.04 28.24
CA HIS F 49 23.76 12.78 28.78
C HIS F 49 23.74 11.48 29.57
N VAL F 50 24.19 11.54 30.83
CA VAL F 50 24.17 10.37 31.71
C VAL F 50 22.80 10.17 32.32
N SER F 51 22.25 11.21 32.93
CA SER F 51 20.99 11.11 33.66
C SER F 51 19.85 11.37 32.70
N GLU F 52 18.84 10.51 32.74
CA GLU F 52 17.66 10.61 31.89
C GLU F 52 16.43 10.73 32.76
N ALA F 53 15.65 11.77 32.54
CA ALA F 53 14.43 11.96 33.30
C ALA F 53 13.48 10.80 33.02
N VAL F 54 12.60 10.53 33.98
CA VAL F 54 11.68 9.40 33.89
C VAL F 54 10.32 9.84 34.41
N PHE F 55 9.28 9.27 33.81
CA PHE F 55 7.89 9.55 34.14
C PHE F 55 7.32 8.40 34.94
N LEU F 56 6.32 8.69 35.77
CA LEU F 56 5.86 7.70 36.74
C LEU F 56 5.10 6.55 36.08
N PRO F 57 4.16 6.77 35.16
CA PRO F 57 3.48 5.57 34.60
C PRO F 57 4.39 4.87 33.59
N LEU F 58 5.40 4.17 34.11
CA LEU F 58 6.47 3.64 33.29
C LEU F 58 6.72 2.17 33.62
N SER F 59 6.75 1.35 32.57
CA SER F 59 6.99 -0.09 32.69
C SER F 59 8.48 -0.40 32.56
N LEU F 60 9.00 -1.18 33.52
CA LEU F 60 10.43 -1.49 33.53
C LEU F 60 10.86 -2.30 32.33
N CYS F 61 9.95 -3.09 31.74
CA CYS F 61 10.29 -3.95 30.63
C CYS F 61 10.94 -3.18 29.48
N THR F 62 11.69 -3.90 28.64
CA THR F 62 12.38 -3.30 27.49
C THR F 62 13.29 -2.15 27.89
N LEU F 63 13.85 -2.21 29.11
CA LEU F 63 14.75 -1.17 29.61
C LEU F 63 16.11 -1.78 29.88
N SER F 64 17.17 -1.09 29.45
CA SER F 64 18.52 -1.56 29.72
C SER F 64 18.83 -1.44 31.21
N PRO F 65 19.62 -2.36 31.75
CA PRO F 65 19.87 -2.36 33.20
C PRO F 65 20.88 -1.28 33.59
N GLY F 66 21.80 -1.61 34.50
CA GLY F 66 22.83 -0.68 34.95
C GLY F 66 22.33 0.73 35.16
N ARG F 67 21.10 0.88 35.64
CA ARG F 67 20.51 2.21 35.84
C ARG F 67 19.65 2.13 37.09
N CYS F 68 19.91 3.03 38.02
CA CYS F 68 19.14 3.17 39.25
C CYS F 68 18.05 4.22 39.13
N LEU F 69 17.06 4.11 40.02
CA LEU F 69 15.97 5.09 40.05
C LEU F 69 15.94 5.78 41.40
N ARG F 70 16.19 7.09 41.42
CA ARG F 70 16.09 7.91 42.62
C ARG F 70 14.88 8.82 42.45
N LEU F 71 13.68 8.30 42.72
CA LEU F 71 12.49 9.11 42.61
C LEU F 71 12.20 9.79 43.93
N SER F 72 11.71 11.03 43.85
CA SER F 72 11.53 11.90 45.01
C SER F 72 10.38 12.85 44.71
N PRO F 73 9.84 13.52 45.73
CA PRO F 73 8.73 14.46 45.50
C PRO F 73 9.06 15.49 44.44
N PHE F 74 10.33 15.88 44.33
CA PHE F 74 10.71 16.88 43.34
C PHE F 74 10.69 16.30 41.93
N GLY F 75 11.26 15.11 41.75
CA GLY F 75 11.27 14.51 40.42
C GLY F 75 11.42 13.01 40.41
N HIS F 76 10.97 12.42 39.30
CA HIS F 76 11.04 10.99 39.03
C HIS F 76 12.21 10.76 38.06
N SER F 77 13.38 10.41 38.58
CA SER F 77 14.57 10.36 37.75
C SER F 77 15.12 8.94 37.58
N LEU F 78 15.79 8.74 36.45
CA LEU F 78 16.53 7.52 36.13
C LEU F 78 17.97 7.91 35.80
N THR F 79 18.92 7.34 36.52
CA THR F 79 20.33 7.64 36.30
C THR F 79 21.09 6.34 36.08
N LEU F 80 22.36 6.47 35.73
CA LEU F 80 23.20 5.33 35.39
C LEU F 80 24.13 4.98 36.55
N GLY F 81 24.43 3.68 36.67
CA GLY F 81 25.24 3.21 37.78
C GLY F 81 26.66 3.74 37.76
N SER F 82 27.23 3.91 36.57
CA SER F 82 28.62 4.32 36.46
C SER F 82 28.88 5.64 37.19
N HIS F 83 27.91 6.54 37.21
CA HIS F 83 28.07 7.88 37.78
C HIS F 83 26.97 8.17 38.78
N CYS F 84 26.64 7.19 39.61
CA CYS F 84 25.79 7.40 40.77
C CYS F 84 26.64 7.20 42.03
N GLU F 85 26.97 8.29 42.71
CA GLU F 85 27.83 8.17 43.89
C GLU F 85 27.23 7.20 44.90
N ILE F 86 25.90 7.25 45.09
CA ILE F 86 25.27 6.42 46.10
C ILE F 86 25.43 4.95 45.75
N CYS F 87 25.22 4.59 44.49
CA CYS F 87 25.37 3.22 44.03
C CYS F 87 26.81 2.74 44.01
N ILE F 88 27.79 3.62 44.24
CA ILE F 88 29.17 3.22 44.06
C ILE F 88 29.74 2.86 45.44
N ASN F 89 29.78 3.83 46.35
CA ASN F 89 30.27 3.53 47.71
C ASN F 89 29.32 2.57 48.42
N PRO F 96 25.01 -11.50 49.04
CA PRO F 96 23.67 -11.64 48.46
C PRO F 96 23.29 -13.07 48.05
N GLN F 97 22.03 -13.25 47.66
CA GLN F 97 21.43 -14.55 47.35
C GLN F 97 21.37 -14.79 45.84
N GLU F 98 21.26 -16.07 45.47
CA GLU F 98 21.31 -16.53 44.08
C GLU F 98 19.92 -16.51 43.48
N PHE F 99 19.62 -15.52 42.64
CA PHE F 99 18.39 -15.53 41.87
C PHE F 99 18.66 -15.63 40.37
N THR F 102 14.57 -16.61 40.97
CA THR F 102 13.62 -17.38 40.17
C THR F 102 12.70 -18.20 41.06
N GLN F 103 11.71 -18.85 40.44
CA GLN F 103 10.80 -19.69 41.20
C GLN F 103 11.57 -20.81 41.88
N LEU F 104 12.63 -21.30 41.23
CA LEU F 104 13.51 -22.28 41.85
C LEU F 104 14.10 -21.71 43.14
N SER F 105 14.63 -20.49 43.05
CA SER F 105 15.21 -19.80 44.21
C SER F 105 14.18 -19.47 45.28
N PHE F 106 12.89 -19.44 44.93
CA PHE F 106 11.87 -19.04 45.90
C PHE F 106 11.98 -19.85 47.20
N PHE F 107 11.98 -21.17 47.11
CA PHE F 107 12.13 -21.99 48.31
C PHE F 107 13.59 -22.19 48.72
N ASN F 108 14.42 -21.14 48.70
CA ASN F 108 15.79 -21.30 49.19
C ASN F 108 15.85 -21.26 50.71
N ASN F 109 15.27 -20.22 51.32
CA ASN F 109 15.25 -20.06 52.77
C ASN F 109 13.82 -19.70 53.17
N VAL F 110 12.99 -20.72 53.38
CA VAL F 110 11.67 -20.50 53.95
C VAL F 110 11.77 -20.42 55.47
N ILE F 114 7.02 -14.41 61.20
CA ILE F 114 6.75 -13.00 61.43
C ILE F 114 7.28 -12.14 60.28
N PRO F 115 8.46 -12.46 59.74
CA PRO F 115 8.95 -11.70 58.58
C PRO F 115 8.12 -11.90 57.32
N ASN F 116 7.63 -13.11 57.07
CA ASN F 116 6.85 -13.38 55.87
C ASN F 116 5.35 -13.28 56.12
N LYS F 117 4.94 -12.77 57.28
CA LYS F 117 3.52 -12.83 57.63
C LYS F 117 2.66 -11.88 56.79
N THR F 118 3.15 -10.68 56.47
CA THR F 118 2.28 -9.65 55.88
C THR F 118 1.72 -10.06 54.53
N PHE F 119 2.56 -10.61 53.65
CA PHE F 119 2.08 -11.07 52.34
C PHE F 119 1.01 -12.13 52.53
N TYR F 120 1.25 -13.08 53.43
CA TYR F 120 0.29 -14.14 53.69
C TYR F 120 -1.02 -13.57 54.20
N VAL F 121 -0.94 -12.54 55.05
CA VAL F 121 -2.14 -11.89 55.58
C VAL F 121 -2.92 -11.26 54.45
N SER F 122 -2.24 -10.58 53.54
CA SER F 122 -2.94 -9.99 52.40
C SER F 122 -3.64 -11.07 51.60
N LEU F 123 -2.96 -12.20 51.39
CA LEU F 123 -3.59 -13.32 50.69
C LEU F 123 -4.87 -13.76 51.40
N LEU F 124 -4.78 -13.91 52.72
CA LEU F 124 -5.93 -14.41 53.49
C LEU F 124 -7.08 -13.41 53.49
N SER F 125 -6.77 -12.12 53.66
CA SER F 125 -7.80 -11.08 53.68
C SER F 125 -8.64 -11.09 52.42
N SER F 126 -8.03 -11.33 51.26
CA SER F 126 -8.80 -11.46 50.04
C SER F 126 -9.57 -12.77 50.10
N SER F 127 -10.64 -12.84 49.31
CA SER F 127 -11.49 -14.04 49.29
C SER F 127 -10.61 -15.27 49.37
N PRO F 128 -10.98 -16.31 50.14
CA PRO F 128 -10.07 -17.45 50.28
C PRO F 128 -9.78 -18.11 48.94
N SER F 129 -10.57 -17.83 47.91
CA SER F 129 -10.30 -18.42 46.61
C SER F 129 -9.12 -17.74 45.93
N ALA F 130 -8.70 -16.58 46.44
CA ALA F 130 -7.55 -15.87 45.93
C ALA F 130 -6.25 -16.37 46.54
N VAL F 131 -6.32 -17.02 47.70
CA VAL F 131 -5.09 -17.49 48.33
C VAL F 131 -4.52 -18.66 47.55
N LYS F 132 -5.38 -19.57 47.12
CA LYS F 132 -4.93 -20.71 46.33
C LYS F 132 -4.39 -20.26 44.97
N ALA F 133 -4.99 -19.22 44.39
CA ALA F 133 -4.55 -18.78 43.07
C ALA F 133 -3.28 -17.95 43.16
N GLY F 134 -3.04 -17.29 44.29
CA GLY F 134 -1.74 -16.67 44.51
C GLY F 134 -0.65 -17.69 44.75
N LEU F 135 -0.95 -18.72 45.55
CA LEU F 135 0.03 -19.76 45.82
C LEU F 135 0.39 -20.55 44.57
N SER F 136 -0.56 -20.76 43.66
CA SER F 136 -0.28 -21.59 42.49
C SER F 136 0.85 -21.00 41.66
N GLN F 137 0.95 -19.67 41.57
CA GLN F 137 2.03 -19.02 40.84
C GLN F 137 2.90 -18.25 41.83
N PRO F 138 4.02 -18.81 42.29
CA PRO F 138 4.83 -18.16 43.32
C PRO F 138 5.68 -16.98 42.85
N SER F 139 5.77 -16.71 41.55
CA SER F 139 6.66 -15.68 41.06
C SER F 139 6.64 -14.41 41.91
N LEU F 140 5.43 -13.95 42.28
CA LEU F 140 5.32 -12.72 43.04
C LEU F 140 6.19 -12.75 44.29
N LEU F 141 6.04 -13.82 45.07
CA LEU F 141 6.78 -13.94 46.33
C LEU F 141 8.27 -13.70 46.13
N TYR F 142 8.84 -14.23 45.05
CA TYR F 142 10.27 -14.06 44.83
C TYR F 142 10.68 -12.60 45.01
N ALA F 143 10.00 -11.70 44.31
CA ALA F 143 10.35 -10.29 44.41
C ALA F 143 10.41 -9.84 45.87
N TYR F 144 9.33 -10.09 46.61
CA TYR F 144 9.26 -9.63 47.99
C TYR F 144 10.49 -10.10 48.76
N LEU F 145 10.92 -11.34 48.52
CA LEU F 145 12.04 -11.87 49.29
C LEU F 145 13.24 -10.94 49.18
N VAL F 146 13.62 -10.59 47.95
CA VAL F 146 14.79 -9.74 47.73
C VAL F 146 14.45 -8.26 47.78
N THR F 147 13.17 -7.89 47.66
CA THR F 147 12.78 -6.49 47.68
C THR F 147 13.24 -5.83 48.98
N GLY F 148 13.77 -4.61 48.85
CA GLY F 148 14.27 -3.90 50.00
C GLY F 148 15.75 -4.10 50.24
N HIS F 149 16.28 -5.28 49.90
CA HIS F 149 17.68 -5.65 50.13
C HIS F 149 18.01 -5.38 51.59
N PHE F 150 18.86 -4.40 51.89
CA PHE F 150 19.25 -4.23 53.29
C PHE F 150 18.21 -3.47 54.11
N CYS F 151 17.42 -2.61 53.46
CA CYS F 151 16.51 -1.73 54.18
C CYS F 151 15.20 -1.60 53.41
N GLY F 152 14.14 -2.12 53.99
CA GLY F 152 12.83 -1.95 53.40
C GLY F 152 11.77 -2.67 54.21
N THR F 153 10.54 -2.24 53.96
CA THR F 153 9.34 -2.81 54.59
C THR F 153 8.21 -2.46 53.60
N ILE F 154 7.95 -3.37 52.68
CA ILE F 154 6.88 -3.19 51.71
C ILE F 154 5.64 -3.84 52.31
N CYS F 155 4.48 -3.33 51.90
CA CYS F 155 3.18 -3.85 52.34
C CYS F 155 2.44 -4.26 51.08
N PRO F 156 2.33 -5.55 50.78
CA PRO F 156 1.69 -5.95 49.52
C PRO F 156 0.18 -5.76 49.59
N ILE F 157 -0.43 -5.59 48.42
CA ILE F 157 -1.88 -5.54 48.30
C ILE F 157 -2.24 -6.36 47.08
N PHE F 158 -3.37 -7.06 47.15
CA PHE F 158 -3.76 -8.02 46.12
C PHE F 158 -5.12 -7.66 45.56
N SER F 159 -5.22 -7.67 44.22
CA SER F 159 -6.44 -7.44 43.49
C SER F 159 -6.65 -8.63 42.56
N THR F 160 -7.86 -8.75 42.05
CA THR F 160 -8.29 -9.93 41.32
C THR F 160 -8.56 -9.63 39.86
N ASN F 161 -7.86 -10.35 38.98
CA ASN F 161 -8.16 -10.35 37.56
C ASN F 161 -9.27 -11.35 37.25
N GLY F 162 -10.15 -10.98 36.32
CA GLY F 162 -11.08 -11.91 35.72
C GLY F 162 -10.68 -13.36 35.90
N LYS F 163 -9.49 -13.68 35.38
CA LYS F 163 -8.94 -15.03 35.41
C LYS F 163 -8.44 -15.37 36.81
N GLY F 164 -8.34 -16.68 37.08
CA GLY F 164 -7.86 -17.13 38.38
C GLY F 164 -6.61 -16.40 38.86
N ARG F 165 -5.72 -16.03 37.94
CA ARG F 165 -4.52 -15.30 38.28
C ARG F 165 -4.83 -14.07 39.13
N LEU F 166 -3.88 -13.73 40.01
CA LEU F 166 -3.97 -12.64 40.99
C LEU F 166 -3.00 -11.53 40.64
N ILE F 167 -3.53 -10.31 40.39
CA ILE F 167 -2.67 -9.15 40.14
C ILE F 167 -2.41 -8.46 41.47
N MET F 168 -1.20 -7.95 41.66
CA MET F 168 -0.83 -7.31 42.92
C MET F 168 -0.23 -5.93 42.73
N HIS F 169 -0.29 -5.14 43.80
CA HIS F 169 0.30 -3.81 43.91
C HIS F 169 1.11 -3.81 45.21
N LEU F 170 2.43 -3.93 45.12
CA LEU F 170 3.27 -3.81 46.30
C LEU F 170 3.74 -2.37 46.43
N LEU F 171 3.57 -1.78 47.60
CA LEU F 171 3.88 -0.38 47.81
C LEU F 171 5.31 -0.22 48.31
N LEU F 172 5.80 1.02 48.29
CA LEU F 172 7.17 1.30 48.70
C LEU F 172 7.18 2.16 49.95
N GLN F 173 8.15 1.89 50.82
CA GLN F 173 8.26 2.46 52.15
C GLN F 173 8.02 3.96 52.23
N GLY F 174 8.96 4.77 51.73
CA GLY F 174 8.86 6.20 51.91
C GLY F 174 9.22 7.06 50.71
N THR F 175 9.33 8.38 50.94
CA THR F 175 9.73 9.31 49.90
C THR F 175 11.26 9.26 49.71
N SER F 176 11.71 9.93 48.66
CA SER F 176 13.12 10.02 48.32
C SER F 176 13.75 8.63 48.31
N LEU F 177 13.27 7.79 47.40
CA LEU F 177 13.72 6.40 47.37
C LEU F 177 14.69 6.21 46.21
N HIS F 178 15.79 5.54 46.51
CA HIS F 178 16.88 5.24 45.60
C HIS F 178 16.94 3.72 45.49
N ILE F 179 16.27 3.17 44.47
CA ILE F 179 16.33 1.75 44.18
C ILE F 179 17.57 1.51 43.31
N PRO F 180 18.58 0.79 43.79
CA PRO F 180 19.81 0.66 43.01
C PRO F 180 19.61 -0.26 41.83
N GLU F 181 20.64 -0.31 40.98
CA GLU F 181 20.59 -1.12 39.77
C GLU F 181 20.69 -2.60 40.07
N THR F 182 21.51 -2.98 41.04
CA THR F 182 21.84 -4.40 41.22
C THR F 182 20.61 -5.26 41.45
N CYS F 183 19.67 -4.80 42.29
CA CYS F 183 18.46 -5.58 42.54
C CYS F 183 17.51 -5.55 41.34
N LEU F 184 17.19 -4.34 40.88
CA LEU F 184 16.19 -4.18 39.82
C LEU F 184 16.60 -4.87 38.52
N LYS F 185 17.89 -4.86 38.20
CA LYS F 185 18.33 -5.55 36.99
C LYS F 185 17.93 -7.02 37.06
N LEU F 186 18.29 -7.70 38.14
CA LEU F 186 17.94 -9.10 38.32
C LEU F 186 16.43 -9.27 38.23
N LEU F 187 15.70 -8.42 38.94
CA LEU F 187 14.23 -8.54 38.98
C LEU F 187 13.62 -8.42 37.60
N CYS F 188 13.83 -7.28 36.93
CA CYS F 188 13.19 -7.03 35.65
C CYS F 188 13.62 -8.05 34.61
N GLU F 189 14.91 -8.45 34.61
CA GLU F 189 15.37 -9.38 33.58
C GLU F 189 14.71 -10.74 33.79
N ASN F 190 14.70 -11.23 35.05
CA ASN F 190 14.17 -12.55 35.35
C ASN F 190 12.68 -12.52 35.66
N ILE F 191 12.03 -11.35 35.53
CA ILE F 191 10.61 -11.25 35.86
C ILE F 191 9.81 -12.17 34.95
N GLY F 192 10.24 -12.35 33.71
CA GLY F 192 9.50 -13.13 32.74
C GLY F 192 8.03 -12.81 32.87
N PRO F 193 7.21 -13.80 33.28
CA PRO F 193 5.79 -13.51 33.50
C PRO F 193 5.60 -12.36 34.51
N LEU F 197 5.18 -5.98 34.76
CA LEU F 197 5.64 -5.19 35.89
C LEU F 197 5.77 -3.71 35.51
N ALA F 198 5.20 -2.84 36.35
CA ALA F 198 5.22 -1.41 36.11
C ALA F 198 5.21 -0.68 37.45
N VAL F 199 5.46 0.63 37.40
CA VAL F 199 5.46 1.48 38.58
C VAL F 199 4.34 2.50 38.42
N ASP F 200 3.59 2.75 39.50
CA ASP F 200 2.43 3.62 39.50
C ASP F 200 2.25 4.25 40.87
N LEU F 201 1.17 5.02 41.02
CA LEU F 201 0.96 5.90 42.16
C LEU F 201 -0.24 5.55 43.02
N VAL F 202 0.01 5.04 44.23
CA VAL F 202 -1.03 4.96 45.26
C VAL F 202 -0.93 6.26 46.06
N GLY F 203 -2.05 6.96 46.20
CA GLY F 203 -2.10 8.22 46.91
C GLY F 203 -1.02 8.48 47.96
N ASP F 204 -1.06 7.74 49.07
CA ASP F 204 -0.11 8.01 50.15
C ASP F 204 1.32 7.70 49.72
N ALA F 205 1.53 6.65 48.93
CA ALA F 205 2.88 6.29 48.50
C ALA F 205 2.80 5.57 47.16
N PHE F 206 3.91 5.60 46.43
CA PHE F 206 3.97 4.97 45.12
C PHE F 206 4.22 3.47 45.27
N CYS F 207 3.87 2.73 44.22
CA CYS F 207 3.84 1.27 44.26
C CYS F 207 4.28 0.72 42.91
N ILE F 208 4.61 -0.58 42.91
CA ILE F 208 4.94 -1.31 41.69
C ILE F 208 3.91 -2.43 41.55
N LYS F 209 3.18 -2.39 40.43
CA LYS F 209 2.17 -3.38 40.07
C LYS F 209 2.84 -4.49 39.27
N VAL F 210 2.72 -5.72 39.77
CA VAL F 210 3.21 -6.89 39.05
C VAL F 210 2.06 -7.57 38.35
N ASN F 222 1.64 -27.83 43.54
CA ASN F 222 1.05 -27.09 44.66
C ASN F 222 1.18 -27.89 45.95
N VAL F 223 2.10 -27.47 46.82
CA VAL F 223 2.29 -28.13 48.11
C VAL F 223 1.01 -28.02 48.92
N ASP F 224 0.63 -29.12 49.59
CA ASP F 224 -0.53 -29.13 50.47
C ASP F 224 -0.65 -27.82 51.22
N GLU F 225 -1.86 -27.27 51.26
CA GLU F 225 -2.11 -25.96 51.86
C GLU F 225 -2.38 -26.05 53.38
N ASP F 226 -1.36 -26.51 54.10
CA ASP F 226 -1.46 -26.50 55.55
C ASP F 226 -1.35 -25.09 56.10
N ALA F 227 -0.72 -24.19 55.33
CA ALA F 227 -0.54 -22.80 55.75
C ALA F 227 -1.88 -22.14 56.05
N ILE F 228 -2.91 -22.42 55.26
CA ILE F 228 -4.17 -21.71 55.45
C ILE F 228 -4.87 -22.20 56.71
N TYR F 229 -4.66 -23.47 57.06
CA TYR F 229 -5.17 -23.98 58.33
C TYR F 229 -4.40 -23.36 59.49
N GLU F 230 -3.07 -23.29 59.39
CA GLU F 230 -2.28 -22.62 60.41
C GLU F 230 -2.79 -21.21 60.66
N ALA F 231 -3.25 -20.53 59.61
CA ALA F 231 -3.75 -19.17 59.74
C ALA F 231 -5.01 -19.14 60.59
N GLY F 238 0.12 -6.88 65.21
CA GLY F 238 0.15 -6.36 63.86
C GLY F 238 -1.16 -5.73 63.44
N ASP F 239 -1.62 -4.76 64.24
CA ASP F 239 -2.88 -4.07 64.01
C ASP F 239 -2.72 -2.91 63.04
N GLU F 240 -1.73 -2.03 63.29
CA GLU F 240 -1.49 -0.92 62.39
C GLU F 240 -1.21 -1.40 60.96
N LEU F 241 -0.42 -2.46 60.80
CA LEU F 241 -0.18 -3.00 59.47
C LEU F 241 -1.49 -3.48 58.83
N ARG F 242 -2.36 -4.14 59.61
CA ARG F 242 -3.65 -4.56 59.08
C ARG F 242 -4.46 -3.37 58.62
N LEU F 243 -4.48 -2.29 59.41
CA LEU F 243 -5.18 -1.07 59.02
C LEU F 243 -4.62 -0.51 57.71
N GLN F 244 -3.28 -0.50 57.60
CA GLN F 244 -2.66 -0.06 56.36
C GLN F 244 -3.14 -0.89 55.19
N ILE F 245 -3.14 -2.22 55.36
CA ILE F 245 -3.58 -3.11 54.30
C ILE F 245 -5.02 -2.79 53.92
N ILE F 246 -5.89 -2.57 54.91
CA ILE F 246 -7.30 -2.34 54.62
C ILE F 246 -7.48 -1.06 53.82
N ASN F 247 -6.91 0.05 54.30
CA ASN F 247 -7.10 1.32 53.61
C ASN F 247 -6.49 1.29 52.22
N TYR F 248 -5.29 0.71 52.09
CA TYR F 248 -4.64 0.69 50.78
C TYR F 248 -5.34 -0.28 49.83
N THR F 249 -5.91 -1.38 50.32
CA THR F 249 -6.69 -2.25 49.44
C THR F 249 -7.92 -1.51 48.92
N GLN F 250 -8.64 -0.81 49.81
CA GLN F 250 -9.74 0.02 49.35
C GLN F 250 -9.26 0.99 48.27
N LEU F 251 -8.13 1.64 48.53
CA LEU F 251 -7.61 2.63 47.58
C LEU F 251 -7.21 1.98 46.26
N ILE F 252 -6.74 0.72 46.30
CA ILE F 252 -6.45 -0.01 45.07
C ILE F 252 -7.74 -0.27 44.30
N LEU F 253 -8.80 -0.68 45.01
CA LEU F 253 -10.10 -0.84 44.35
C LEU F 253 -10.58 0.48 43.77
N GLU F 254 -10.15 1.60 44.35
CA GLU F 254 -10.48 2.90 43.76
C GLU F 254 -9.63 3.17 42.54
N ASN F 255 -8.31 3.07 42.67
CA ASN F 255 -7.39 3.29 41.56
C ASN F 255 -7.68 4.61 40.85
N MET G 6 25.37 -56.43 -30.19
CA MET G 6 25.74 -55.28 -31.06
C MET G 6 25.42 -53.94 -30.41
N ALA G 7 25.83 -52.86 -31.09
CA ALA G 7 25.62 -51.50 -30.59
C ALA G 7 25.90 -50.51 -31.72
N SER G 8 24.95 -50.37 -32.64
CA SER G 8 25.18 -49.60 -33.85
C SER G 8 25.40 -48.13 -33.52
N PRO G 9 26.28 -47.45 -34.26
CA PRO G 9 26.49 -46.00 -34.00
C PRO G 9 25.21 -45.18 -33.92
N GLU G 10 24.29 -45.37 -34.87
CA GLU G 10 23.08 -44.57 -34.86
C GLU G 10 22.13 -45.05 -33.77
N GLU G 11 22.05 -46.36 -33.57
CA GLU G 11 21.22 -46.87 -32.48
C GLU G 11 21.74 -46.36 -31.14
N ARG G 12 23.07 -46.36 -30.96
CA ARG G 12 23.66 -45.86 -29.74
C ARG G 12 23.32 -44.40 -29.51
N LEU G 13 23.50 -43.58 -30.55
CA LEU G 13 23.25 -42.15 -30.39
C LEU G 13 21.78 -41.88 -30.10
N LEU G 14 20.87 -42.53 -30.83
CA LEU G 14 19.45 -42.34 -30.59
C LEU G 14 19.08 -42.78 -29.17
N ASP G 15 19.65 -43.90 -28.70
CA ASP G 15 19.36 -44.33 -27.33
C ASP G 15 19.82 -43.26 -26.33
N GLU G 16 21.02 -42.70 -26.54
CA GLU G 16 21.51 -41.67 -25.64
C GLU G 16 20.61 -40.44 -25.65
N LEU G 17 20.20 -39.98 -26.84
CA LEU G 17 19.35 -38.81 -26.94
C LEU G 17 17.98 -39.06 -26.31
N ASN G 18 17.39 -40.22 -26.60
CA ASN G 18 16.10 -40.56 -26.00
C ASN G 18 16.19 -40.63 -24.49
N ASN G 19 17.29 -41.19 -23.97
CA ASN G 19 17.46 -41.24 -22.52
C ASN G 19 17.60 -39.85 -21.94
N VAL G 20 18.32 -38.96 -22.61
CA VAL G 20 18.41 -37.58 -22.15
C VAL G 20 17.01 -36.97 -22.06
N ILE G 21 16.24 -37.09 -23.14
CA ILE G 21 14.91 -36.46 -23.18
C ILE G 21 14.01 -37.05 -22.10
N VAL G 22 14.07 -38.37 -21.90
CA VAL G 22 13.23 -39.01 -20.90
C VAL G 22 13.65 -38.59 -19.50
N SER G 23 14.94 -38.39 -19.29
CA SER G 23 15.44 -38.14 -17.93
C SER G 23 15.21 -36.71 -17.50
N PHE G 24 15.42 -35.74 -18.39
CA PHE G 24 15.45 -34.33 -17.99
C PHE G 24 14.26 -33.50 -18.46
N LEU G 25 13.47 -33.99 -19.42
CA LEU G 25 12.39 -33.15 -19.95
C LEU G 25 11.47 -32.69 -18.83
N CYS G 26 10.81 -33.62 -18.15
CA CYS G 26 9.90 -33.32 -17.06
C CYS G 26 10.54 -33.75 -15.74
N ASP G 27 10.53 -32.85 -14.75
CA ASP G 27 11.25 -33.12 -13.51
C ASP G 27 10.62 -34.27 -12.73
N SER G 28 9.32 -34.46 -12.85
CA SER G 28 8.62 -35.49 -12.10
C SER G 28 7.42 -35.96 -12.92
N GLY G 29 6.90 -37.12 -12.54
CA GLY G 29 5.76 -37.70 -13.21
C GLY G 29 6.16 -38.70 -14.28
N SER G 30 5.15 -39.42 -14.77
CA SER G 30 5.35 -40.42 -15.81
C SER G 30 5.50 -39.74 -17.17
N LEU G 31 6.62 -39.99 -17.85
CA LEU G 31 6.87 -39.41 -19.16
C LEU G 31 6.40 -40.42 -20.22
N GLU G 32 5.36 -40.06 -20.96
CA GLU G 32 4.86 -40.91 -22.04
C GLU G 32 5.67 -40.59 -23.28
N VAL G 33 6.75 -41.34 -23.49
CA VAL G 33 7.64 -41.14 -24.63
C VAL G 33 7.60 -42.41 -25.47
N GLU G 34 7.28 -42.26 -26.75
CA GLU G 34 7.32 -43.37 -27.70
C GLU G 34 8.35 -43.07 -28.76
N ARG G 35 9.42 -43.86 -28.79
CA ARG G 35 10.41 -43.74 -29.87
C ARG G 35 9.93 -44.58 -31.05
N CYS G 36 10.20 -44.10 -32.25
CA CYS G 36 9.88 -44.83 -33.47
C CYS G 36 11.16 -45.43 -34.04
N SER G 37 11.07 -46.66 -34.52
CA SER G 37 12.21 -47.38 -35.09
C SER G 37 12.01 -47.49 -36.59
N GLY G 38 12.27 -46.39 -37.30
CA GLY G 38 12.12 -46.35 -38.74
C GLY G 38 13.45 -46.20 -39.45
N ALA G 39 14.48 -45.80 -38.71
CA ALA G 39 15.84 -45.66 -39.20
C ALA G 39 16.02 -44.44 -40.08
N HIS G 40 14.93 -43.90 -40.64
CA HIS G 40 15.02 -42.69 -41.44
C HIS G 40 15.34 -41.46 -40.58
N VAL G 41 15.25 -41.60 -39.25
CA VAL G 41 15.44 -40.52 -38.30
C VAL G 41 16.48 -39.54 -38.79
N PHE G 42 17.66 -40.05 -39.13
CA PHE G 42 18.76 -39.18 -39.52
C PHE G 42 18.63 -38.65 -40.94
N SER G 43 17.88 -39.32 -41.81
CA SER G 43 17.80 -38.87 -43.20
C SER G 43 17.22 -37.47 -43.30
N ARG G 44 17.95 -36.57 -43.96
CA ARG G 44 17.43 -35.23 -44.23
C ARG G 44 16.23 -35.30 -45.16
N GLY G 45 15.31 -34.37 -44.99
CA GLY G 45 14.10 -34.31 -45.77
C GLY G 45 13.17 -35.50 -45.57
N SER G 46 13.46 -36.33 -44.58
CA SER G 46 12.60 -37.43 -44.17
C SER G 46 11.82 -37.00 -42.94
N SER G 47 10.56 -37.41 -42.85
CA SER G 47 9.72 -37.05 -41.73
C SER G 47 9.59 -38.25 -40.80
N GLN G 48 10.35 -38.20 -39.70
CA GLN G 48 10.29 -39.20 -38.67
C GLN G 48 10.68 -38.48 -37.39
N PRO G 49 9.94 -38.65 -36.30
CA PRO G 49 10.32 -38.02 -35.04
C PRO G 49 11.28 -38.89 -34.26
N LEU G 50 12.21 -38.23 -33.56
CA LEU G 50 13.05 -38.94 -32.60
C LEU G 50 12.20 -39.54 -31.50
N CYS G 51 11.30 -38.75 -30.93
CA CYS G 51 10.38 -39.20 -29.90
C CYS G 51 9.14 -38.32 -29.93
N THR G 52 8.01 -38.90 -29.55
CA THR G 52 6.75 -38.18 -29.45
C THR G 52 6.26 -38.24 -28.03
N VAL G 53 6.02 -37.08 -27.42
CA VAL G 53 5.66 -36.98 -26.01
C VAL G 53 4.26 -36.41 -25.90
N LYS G 54 3.39 -37.09 -25.15
CA LYS G 54 2.09 -36.54 -24.81
C LYS G 54 2.28 -35.51 -23.70
N LEU G 55 1.50 -34.43 -23.76
CA LEU G 55 1.62 -33.33 -22.82
C LEU G 55 0.44 -33.36 -21.86
N ARG G 56 0.72 -33.19 -20.58
CA ARG G 56 -0.27 -33.28 -19.53
C ARG G 56 -0.52 -31.90 -18.93
N HIS G 57 -1.78 -31.62 -18.63
CA HIS G 57 -2.14 -30.32 -18.07
C HIS G 57 -1.37 -30.06 -16.78
N GLY G 58 -0.81 -28.86 -16.67
CA GLY G 58 -0.12 -28.45 -15.47
C GLY G 58 1.37 -28.75 -15.46
N GLN G 59 1.81 -29.75 -16.20
CA GLN G 59 3.20 -30.17 -16.16
C GLN G 59 4.13 -29.14 -16.81
N ILE G 60 5.36 -29.08 -16.29
CA ILE G 60 6.41 -28.20 -16.81
C ILE G 60 7.38 -29.01 -17.64
N TYR G 61 7.78 -28.48 -18.80
CA TYR G 61 8.66 -29.18 -19.72
C TYR G 61 9.86 -28.30 -20.03
N HIS G 62 11.04 -28.71 -19.57
CA HIS G 62 12.28 -27.95 -19.74
C HIS G 62 12.75 -28.07 -21.18
N LEU G 63 12.23 -27.23 -22.06
CA LEU G 63 12.53 -27.35 -23.48
C LEU G 63 13.97 -26.93 -23.79
N GLU G 64 14.38 -25.73 -23.35
CA GLU G 64 15.66 -25.20 -23.79
C GLU G 64 16.83 -26.05 -23.28
N PHE G 65 16.77 -26.48 -22.02
CA PHE G 65 17.84 -27.31 -21.47
C PHE G 65 18.00 -28.58 -22.29
N VAL G 66 16.88 -29.26 -22.56
CA VAL G 66 16.93 -30.47 -23.38
C VAL G 66 17.51 -30.15 -24.76
N TYR G 67 17.08 -29.05 -25.37
CA TYR G 67 17.53 -28.73 -26.71
C TYR G 67 19.03 -28.53 -26.73
N LYS G 68 19.57 -27.78 -25.77
CA LYS G 68 21.00 -27.50 -25.77
C LYS G 68 21.80 -28.76 -25.47
N PHE G 69 21.30 -29.63 -24.58
CA PHE G 69 21.99 -30.89 -24.34
C PHE G 69 22.00 -31.75 -25.61
N LEU G 70 20.88 -31.78 -26.32
CA LEU G 70 20.81 -32.54 -27.57
C LEU G 70 21.80 -31.99 -28.59
N ALA G 71 21.89 -30.67 -28.71
CA ALA G 71 22.84 -30.07 -29.63
C ALA G 71 24.28 -30.40 -29.22
N PHE G 72 24.56 -30.40 -27.92
CA PHE G 72 25.88 -30.78 -27.45
C PHE G 72 26.23 -32.20 -27.87
N LYS G 73 25.33 -33.15 -27.60
CA LYS G 73 25.59 -34.53 -28.00
C LYS G 73 25.76 -34.66 -29.50
N LEU G 74 24.94 -33.94 -30.29
CA LEU G 74 25.03 -34.04 -31.73
C LEU G 74 26.38 -33.51 -32.23
N LYS G 75 26.81 -32.36 -31.72
CA LYS G 75 28.10 -31.82 -32.15
C LYS G 75 29.25 -32.70 -31.68
N ASN G 76 29.10 -33.39 -30.55
CA ASN G 76 30.12 -34.35 -30.15
C ASN G 76 30.23 -35.48 -31.16
N CYS G 77 29.11 -35.88 -31.76
CA CYS G 77 29.10 -36.88 -32.82
C CYS G 77 29.14 -36.24 -34.20
N ASN G 78 29.37 -34.92 -34.26
CA ASN G 78 29.57 -34.21 -35.53
C ASN G 78 28.44 -34.46 -36.53
N TYR G 79 27.20 -34.61 -36.05
CA TYR G 79 26.14 -34.68 -37.04
C TYR G 79 25.69 -33.25 -37.36
N PRO G 80 25.64 -32.85 -38.63
CA PRO G 80 25.44 -31.42 -38.94
C PRO G 80 24.11 -30.81 -38.51
N SER G 81 22.98 -31.48 -38.71
CA SER G 81 21.70 -30.79 -38.56
C SER G 81 21.50 -30.27 -37.14
N SER G 82 20.66 -29.23 -37.04
CA SER G 82 20.25 -28.64 -35.76
C SER G 82 18.82 -29.08 -35.46
N PRO G 83 18.47 -29.32 -34.20
CA PRO G 83 17.16 -29.90 -33.90
C PRO G 83 16.03 -28.91 -34.18
N VAL G 84 14.81 -29.44 -34.04
CA VAL G 84 13.56 -28.71 -34.23
C VAL G 84 12.50 -29.37 -33.35
N PHE G 85 11.80 -28.57 -32.57
CA PHE G 85 10.70 -29.05 -31.75
C PHE G 85 9.39 -28.60 -32.37
N VAL G 86 8.42 -29.50 -32.43
CA VAL G 86 7.12 -29.21 -33.03
C VAL G 86 6.05 -29.67 -32.04
N ILE G 87 5.39 -28.72 -31.40
CA ILE G 87 4.26 -29.00 -30.52
C ILE G 87 2.99 -28.77 -31.33
N SER G 88 2.15 -29.79 -31.43
CA SER G 88 0.98 -29.70 -32.30
C SER G 88 -0.25 -30.22 -31.58
N ASN G 89 -1.41 -29.66 -31.94
CA ASN G 89 -2.68 -30.09 -31.38
C ASN G 89 -3.49 -30.78 -32.48
N ASN G 90 -3.72 -32.09 -32.32
CA ASN G 90 -4.52 -32.84 -33.27
C ASN G 90 -6.01 -32.74 -32.96
N GLY G 91 -6.39 -31.99 -31.93
CA GLY G 91 -7.77 -31.95 -31.49
C GLY G 91 -8.06 -32.83 -30.30
N LEU G 92 -7.42 -34.00 -30.26
CA LEU G 92 -7.63 -34.92 -29.13
C LEU G 92 -6.60 -34.72 -28.03
N ALA G 93 -5.33 -34.53 -28.39
CA ALA G 93 -4.28 -34.29 -27.41
C ALA G 93 -3.16 -33.52 -28.07
N THR G 94 -2.36 -32.85 -27.25
CA THR G 94 -1.22 -32.07 -27.73
C THR G 94 0.04 -32.91 -27.62
N THR G 95 0.81 -32.97 -28.70
CA THR G 95 1.99 -33.82 -28.79
C THR G 95 3.21 -33.02 -29.17
N LEU G 96 4.33 -33.31 -28.50
CA LEU G 96 5.62 -32.71 -28.80
C LEU G 96 6.48 -33.72 -29.57
N ARG G 97 6.82 -33.38 -30.80
CA ARG G 97 7.68 -34.19 -31.65
C ARG G 97 9.03 -33.51 -31.81
N CYS G 98 10.10 -34.30 -31.70
CA CYS G 98 11.47 -33.80 -31.79
C CYS G 98 12.07 -34.29 -33.09
N PHE G 99 12.10 -33.44 -34.10
CA PHE G 99 12.70 -33.76 -35.39
C PHE G 99 14.12 -33.21 -35.41
N LEU G 100 15.09 -34.08 -35.72
CA LEU G 100 16.49 -33.67 -35.74
C LEU G 100 16.81 -32.77 -36.92
N HIS G 101 16.08 -32.94 -38.02
CA HIS G 101 16.29 -32.20 -39.25
C HIS G 101 14.98 -31.50 -39.54
N GLU G 102 15.02 -30.19 -39.66
CA GLU G 102 13.77 -29.46 -39.87
C GLU G 102 13.03 -30.06 -41.06
N PRO G 103 11.79 -30.52 -40.87
CA PRO G 103 11.03 -31.00 -42.03
C PRO G 103 10.62 -29.81 -42.87
N SER G 104 10.32 -30.09 -44.13
CA SER G 104 9.90 -29.03 -45.04
C SER G 104 8.37 -28.97 -45.06
N GLY G 105 7.85 -27.84 -45.52
CA GLY G 105 6.42 -27.65 -45.66
C GLY G 105 5.71 -27.15 -44.43
N LEU G 106 6.27 -27.36 -43.25
CA LEU G 106 5.63 -26.96 -42.01
C LEU G 106 6.04 -25.57 -41.56
N ARG G 107 7.26 -25.11 -41.90
CA ARG G 107 7.55 -23.71 -41.68
C ARG G 107 6.61 -22.84 -42.50
N SER G 108 6.23 -23.34 -43.68
CA SER G 108 5.19 -22.74 -44.50
C SER G 108 3.82 -23.08 -43.89
N GLY G 109 2.75 -22.65 -44.56
CA GLY G 109 1.42 -22.84 -44.02
C GLY G 109 0.65 -24.00 -44.60
N GLN G 110 1.33 -25.08 -44.95
CA GLN G 110 0.62 -26.26 -45.50
C GLN G 110 -0.02 -27.06 -44.38
N SER G 111 0.80 -27.69 -43.52
CA SER G 111 0.26 -28.43 -42.38
C SER G 111 -0.73 -27.58 -41.57
N GLY G 112 -0.53 -26.26 -41.56
CA GLY G 112 -1.37 -25.38 -40.80
C GLY G 112 -0.58 -24.30 -40.09
N PRO G 113 -1.29 -23.35 -39.47
CA PRO G 113 -0.62 -22.20 -38.85
C PRO G 113 0.58 -22.62 -38.01
N CYS G 114 1.72 -22.00 -38.28
CA CYS G 114 2.96 -22.27 -37.55
C CYS G 114 3.25 -21.08 -36.63
N LEU G 115 2.47 -21.00 -35.54
CA LEU G 115 2.65 -19.92 -34.58
C LEU G 115 4.05 -19.91 -33.99
N GLY G 116 4.59 -18.70 -33.82
CA GLY G 116 5.89 -18.49 -33.23
C GLY G 116 5.83 -18.42 -31.71
N LEU G 117 6.98 -18.13 -31.12
CA LEU G 117 7.07 -18.02 -29.67
C LEU G 117 6.47 -16.71 -29.17
N SER G 118 5.85 -16.79 -28.00
CA SER G 118 5.32 -15.63 -27.28
C SER G 118 4.98 -16.11 -25.88
N THR G 119 4.72 -15.14 -24.99
CA THR G 119 4.46 -15.49 -23.60
C THR G 119 3.36 -16.54 -23.48
N ASP G 120 2.25 -16.33 -24.18
CA ASP G 120 1.11 -17.25 -24.17
C ASP G 120 0.67 -17.50 -25.60
N VAL G 121 0.52 -18.78 -25.97
CA VAL G 121 0.18 -19.16 -27.33
C VAL G 121 -1.05 -20.07 -27.30
N ASP G 122 -2.15 -19.61 -27.89
CA ASP G 122 -3.31 -20.46 -28.08
C ASP G 122 -3.02 -21.48 -29.18
N LEU G 123 -3.18 -22.76 -28.86
CA LEU G 123 -2.86 -23.82 -29.81
C LEU G 123 -4.11 -24.57 -30.25
N PRO G 124 -4.86 -24.03 -31.21
CA PRO G 124 -6.06 -24.72 -31.68
C PRO G 124 -5.74 -26.01 -32.40
N LYS G 125 -6.80 -26.76 -32.72
CA LYS G 125 -6.65 -27.99 -33.48
C LYS G 125 -6.03 -27.70 -34.84
N ASN G 126 -5.26 -28.67 -35.34
CA ASN G 126 -4.56 -28.52 -36.62
C ASN G 126 -3.65 -27.28 -36.59
N SER G 127 -3.00 -27.06 -35.45
CA SER G 127 -2.04 -25.97 -35.33
C SER G 127 -0.79 -26.47 -34.62
N ILE G 128 0.33 -25.79 -34.91
CA ILE G 128 1.64 -26.21 -34.45
C ILE G 128 2.46 -25.00 -34.02
N ILE G 129 3.46 -25.28 -33.18
CA ILE G 129 4.47 -24.32 -32.76
C ILE G 129 5.82 -24.97 -33.02
N MET G 130 6.71 -24.24 -33.69
CA MET G 130 8.00 -24.77 -34.11
C MET G 130 9.11 -23.96 -33.45
N LEU G 131 9.91 -24.63 -32.62
CA LEU G 131 11.03 -24.02 -31.93
C LEU G 131 12.33 -24.51 -32.57
N GLY G 132 13.18 -23.56 -32.94
CA GLY G 132 14.41 -23.86 -33.65
C GLY G 132 15.67 -23.70 -32.83
N GLN G 133 16.74 -23.24 -33.47
CA GLN G 133 18.04 -23.21 -32.83
C GLN G 133 18.22 -22.01 -31.91
N ASP G 134 17.87 -20.82 -32.39
CA ASP G 134 18.09 -19.58 -31.65
C ASP G 134 16.79 -18.94 -31.16
N ASP G 135 15.69 -19.69 -31.16
CA ASP G 135 14.42 -19.13 -30.73
C ASP G 135 14.41 -18.82 -29.23
N PHE G 136 15.07 -19.65 -28.43
CA PHE G 136 15.07 -19.44 -26.98
C PHE G 136 15.78 -18.14 -26.62
N ILE G 137 16.94 -17.89 -27.21
CA ILE G 137 17.67 -16.65 -26.92
C ILE G 137 16.89 -15.45 -27.46
N LYS G 138 16.26 -15.60 -28.63
CA LYS G 138 15.44 -14.51 -29.15
C LYS G 138 14.30 -14.18 -28.20
N PHE G 139 13.70 -15.20 -27.57
CA PHE G 139 12.61 -14.96 -26.65
C PHE G 139 13.11 -14.34 -25.35
N LYS G 140 14.30 -14.75 -24.90
CA LYS G 140 14.84 -14.27 -23.64
C LYS G 140 15.51 -12.90 -23.77
N SER G 141 15.84 -12.47 -24.99
CA SER G 141 16.64 -11.25 -25.16
C SER G 141 16.03 -10.03 -24.48
N PRO G 142 14.78 -9.65 -24.78
CA PRO G 142 14.23 -8.42 -24.18
C PRO G 142 13.73 -8.59 -22.76
N LEU G 143 13.89 -9.76 -22.15
CA LEU G 143 13.31 -10.04 -20.84
C LEU G 143 14.33 -10.06 -19.71
N VAL G 144 15.63 -10.20 -20.02
CA VAL G 144 16.68 -10.17 -19.03
C VAL G 144 17.82 -9.30 -19.54
N PHE G 145 18.70 -8.90 -18.62
CA PHE G 145 19.85 -8.10 -19.00
C PHE G 145 20.89 -8.96 -19.70
N PRO G 146 21.83 -8.34 -20.41
CA PRO G 146 22.79 -9.14 -21.20
C PRO G 146 23.51 -10.22 -20.40
N ALA G 147 23.94 -9.91 -19.18
CA ALA G 147 24.74 -10.86 -18.41
C ALA G 147 23.98 -12.16 -18.14
N GLU G 148 22.66 -12.09 -18.03
CA GLU G 148 21.84 -13.25 -17.68
C GLU G 148 21.42 -14.09 -18.88
N LEU G 149 21.81 -13.70 -20.10
CA LEU G 149 21.29 -14.36 -21.29
C LEU G 149 21.67 -15.84 -21.35
N ASP G 150 22.79 -16.23 -20.76
CA ASP G 150 23.23 -17.62 -20.86
C ASP G 150 22.22 -18.55 -20.21
N LEU G 151 22.06 -19.75 -20.78
CA LEU G 151 21.18 -20.74 -20.18
C LEU G 151 21.62 -21.03 -18.75
N LEU G 152 22.92 -20.87 -18.47
CA LEU G 152 23.44 -21.13 -17.13
C LEU G 152 22.76 -20.26 -16.08
N LYS G 153 22.12 -19.17 -16.48
CA LYS G 153 21.50 -18.24 -15.55
C LYS G 153 20.04 -17.96 -15.84
N SER G 154 19.54 -18.20 -17.05
CA SER G 154 18.15 -17.96 -17.39
C SER G 154 17.72 -19.05 -18.37
N MET G 155 16.82 -19.92 -17.93
CA MET G 155 16.37 -21.07 -18.69
C MET G 155 14.93 -20.90 -19.12
N VAL G 156 14.62 -21.28 -20.35
CA VAL G 156 13.27 -21.22 -20.86
C VAL G 156 12.57 -22.54 -20.57
N VAL G 157 11.29 -22.46 -20.23
CA VAL G 157 10.48 -23.64 -19.97
C VAL G 157 9.07 -23.41 -20.50
N CYS G 158 8.34 -24.51 -20.70
CA CYS G 158 7.01 -24.48 -21.29
C CYS G 158 6.04 -25.23 -20.41
N ARG G 159 5.03 -24.55 -19.91
CA ARG G 159 3.92 -25.16 -19.18
C ARG G 159 2.71 -25.28 -20.10
N ALA G 160 1.92 -26.33 -19.87
CA ALA G 160 0.77 -26.64 -20.71
C ALA G 160 -0.51 -26.42 -19.93
N TYR G 161 -1.48 -25.74 -20.55
CA TYR G 161 -2.81 -25.54 -20.00
C TYR G 161 -3.79 -26.21 -20.97
N ILE G 162 -4.04 -27.49 -20.76
CA ILE G 162 -4.91 -28.29 -21.63
C ILE G 162 -6.23 -28.53 -20.89
N THR G 163 -7.31 -27.98 -21.41
CA THR G 163 -8.66 -28.24 -20.93
C THR G 163 -9.52 -28.55 -22.14
N GLU G 164 -10.63 -29.27 -21.91
CA GLU G 164 -11.46 -29.71 -23.02
C GLU G 164 -11.81 -28.56 -23.94
N HIS G 165 -11.92 -27.34 -23.41
CA HIS G 165 -12.33 -26.20 -24.21
C HIS G 165 -11.18 -25.41 -24.81
N ARG G 166 -9.97 -25.51 -24.27
CA ARG G 166 -8.86 -24.76 -24.86
C ARG G 166 -7.51 -25.33 -24.44
N THR G 167 -6.57 -25.28 -25.37
CA THR G 167 -5.19 -25.70 -25.15
C THR G 167 -4.26 -24.50 -25.35
N THR G 168 -3.41 -24.24 -24.36
CA THR G 168 -2.53 -23.07 -24.39
C THR G 168 -1.14 -23.46 -23.90
N MET G 169 -0.13 -22.85 -24.51
CA MET G 169 1.27 -23.04 -24.15
C MET G 169 1.77 -21.75 -23.50
N GLN G 170 2.25 -21.87 -22.26
CA GLN G 170 2.76 -20.73 -21.50
C GLN G 170 4.28 -20.89 -21.36
N PHE G 171 5.01 -20.01 -22.04
CA PHE G 171 6.47 -20.03 -21.99
C PHE G 171 6.98 -19.06 -20.94
N LEU G 172 7.87 -19.54 -20.07
CA LEU G 172 8.40 -18.75 -18.97
C LEU G 172 9.92 -18.84 -18.93
N VAL G 173 10.52 -17.93 -18.17
CA VAL G 173 11.96 -17.81 -18.01
C VAL G 173 12.27 -17.95 -16.52
N PHE G 174 13.02 -18.99 -16.17
CA PHE G 174 13.37 -19.28 -14.79
C PHE G 174 14.82 -18.89 -14.51
N GLN G 175 15.05 -18.38 -13.31
CA GLN G 175 16.37 -18.06 -12.81
C GLN G 175 16.56 -18.74 -11.47
N ALA G 176 17.79 -18.72 -10.96
CA ALA G 176 18.10 -19.31 -9.67
C ALA G 176 17.85 -18.28 -8.58
N ALA G 177 17.10 -18.69 -7.55
CA ALA G 177 16.83 -17.80 -6.43
C ALA G 177 18.01 -17.74 -5.46
N ASN G 178 18.51 -18.90 -5.04
CA ASN G 178 19.66 -18.97 -4.14
C ASN G 178 20.92 -19.02 -5.00
N ALA G 179 21.47 -17.84 -5.29
CA ALA G 179 22.65 -17.76 -6.15
C ALA G 179 23.82 -18.56 -5.59
N GLN G 180 23.91 -18.69 -4.27
CA GLN G 180 25.05 -19.37 -3.66
C GLN G 180 24.96 -20.88 -3.85
N LYS G 181 23.77 -21.45 -3.67
CA LYS G 181 23.59 -22.87 -3.91
C LYS G 181 23.77 -23.22 -5.38
N ALA G 182 23.27 -22.35 -6.26
CA ALA G 182 23.53 -22.53 -7.70
C ALA G 182 25.02 -22.48 -7.99
N SER G 183 25.75 -21.57 -7.32
CA SER G 183 27.20 -21.52 -7.48
C SER G 183 27.85 -22.81 -7.03
N ARG G 184 27.37 -23.39 -5.92
CA ARG G 184 27.91 -24.66 -5.46
C ARG G 184 27.68 -25.76 -6.50
N VAL G 185 26.47 -25.81 -7.07
CA VAL G 185 26.17 -26.83 -8.08
C VAL G 185 27.07 -26.64 -9.30
N MET G 186 27.25 -25.38 -9.74
CA MET G 186 28.07 -25.13 -10.92
CA MET G 186 28.07 -25.13 -10.92
C MET G 186 29.53 -25.47 -10.64
N ASP G 187 30.00 -25.22 -9.42
CA ASP G 187 31.35 -25.63 -9.06
C ASP G 187 31.50 -27.13 -9.12
N MET G 188 30.51 -27.86 -8.62
CA MET G 188 30.52 -29.32 -8.73
C MET G 188 30.64 -29.75 -10.19
N ILE G 189 29.85 -29.13 -11.07
CA ILE G 189 29.87 -29.52 -12.48
C ILE G 189 31.23 -29.23 -13.11
N SER G 190 31.80 -28.06 -12.81
CA SER G 190 33.11 -27.75 -13.39
C SER G 190 34.18 -28.70 -12.87
N ASP G 191 34.11 -29.06 -11.58
CA ASP G 191 35.04 -30.05 -11.04
C ASP G 191 34.90 -31.38 -11.75
N MET G 192 33.65 -31.82 -11.98
CA MET G 192 33.45 -33.08 -12.71
C MET G 192 34.05 -32.99 -14.11
N SER G 193 33.83 -31.87 -14.79
CA SER G 193 34.38 -31.73 -16.14
C SER G 193 35.91 -31.82 -16.12
N GLN G 194 36.54 -31.11 -15.17
CA GLN G 194 38.00 -31.15 -15.10
C GLN G 194 38.53 -32.52 -14.73
N GLN G 195 37.82 -33.25 -13.86
CA GLN G 195 38.26 -34.60 -13.52
C GLN G 195 38.11 -35.53 -14.72
N LEU G 196 36.95 -35.48 -15.39
CA LEU G 196 36.75 -36.30 -16.58
C LEU G 196 37.63 -35.84 -17.73
N SER G 197 38.25 -34.66 -17.62
CA SER G 197 39.16 -34.16 -18.64
C SER G 197 40.54 -34.75 -18.37
N ARG G 198 41.29 -34.96 -19.45
CA ARG G 198 42.65 -35.49 -19.42
C ARG G 198 42.57 -37.01 -19.26
N SER G 199 41.36 -37.58 -19.25
CA SER G 199 41.18 -39.02 -19.11
C SER G 199 41.15 -39.70 -20.48
N ASP H 17 38.96 -22.23 -13.98
CA ASP H 17 37.66 -22.86 -13.79
C ASP H 17 36.56 -22.00 -14.40
N ARG H 18 36.12 -20.97 -13.67
CA ARG H 18 35.13 -20.05 -14.22
C ARG H 18 35.69 -19.29 -15.43
N SER H 19 37.01 -19.12 -15.49
CA SER H 19 37.61 -18.44 -16.62
C SER H 19 37.27 -19.15 -17.93
N HIS H 20 37.39 -20.48 -17.95
CA HIS H 20 37.04 -21.25 -19.14
C HIS H 20 35.95 -22.26 -18.84
N PHE H 21 34.75 -21.79 -18.45
CA PHE H 21 33.63 -22.70 -18.22
C PHE H 21 32.61 -22.56 -19.35
N SER H 22 32.89 -23.21 -20.47
CA SER H 22 32.00 -23.25 -21.61
C SER H 22 30.79 -24.15 -21.33
N LEU H 23 29.72 -23.94 -22.11
CA LEU H 23 28.59 -24.85 -22.04
C LEU H 23 29.02 -26.29 -22.26
N ARG H 24 30.06 -26.51 -23.08
CA ARG H 24 30.54 -27.87 -23.30
C ARG H 24 31.07 -28.48 -22.01
N ASP H 25 31.81 -27.70 -21.22
CA ASP H 25 32.26 -28.19 -19.92
C ASP H 25 31.08 -28.59 -19.05
N PHE H 26 30.05 -27.73 -19.02
CA PHE H 26 28.84 -28.01 -18.25
C PHE H 26 28.21 -29.32 -18.69
N PHE H 27 27.97 -29.48 -19.99
CA PHE H 27 27.31 -30.67 -20.49
C PHE H 27 28.17 -31.91 -20.31
N ARG H 28 29.50 -31.76 -20.34
CA ARG H 28 30.37 -32.88 -20.03
C ARG H 28 30.18 -33.34 -18.60
N GLY H 29 30.29 -32.39 -17.65
CA GLY H 29 30.06 -32.73 -16.27
C GLY H 29 28.70 -33.36 -16.04
N ILE H 30 27.69 -32.91 -16.80
CA ILE H 30 26.35 -33.47 -16.64
C ILE H 30 26.30 -34.89 -17.20
N SER H 31 26.81 -35.10 -18.41
CA SER H 31 26.85 -36.43 -19.00
C SER H 31 27.56 -37.42 -18.08
N ALA H 32 28.52 -36.94 -17.30
CA ALA H 32 29.13 -37.81 -16.29
C ALA H 32 28.10 -38.31 -15.30
N ASN H 33 27.24 -37.42 -14.79
CA ASN H 33 26.29 -37.77 -13.75
C ASN H 33 25.01 -36.97 -13.99
N PHE H 34 23.93 -37.65 -14.39
CA PHE H 34 22.67 -36.94 -14.62
C PHE H 34 22.16 -36.28 -13.34
N GLU H 35 22.53 -36.81 -12.17
CA GLU H 35 22.01 -36.26 -10.92
C GLU H 35 22.46 -34.81 -10.72
N LEU H 36 23.65 -34.46 -11.23
CA LEU H 36 24.06 -33.07 -11.19
C LEU H 36 23.14 -32.19 -12.03
N GLY H 37 22.72 -32.69 -13.19
CA GLY H 37 21.76 -31.97 -13.99
C GLY H 37 20.43 -31.81 -13.30
N LYS H 38 19.99 -32.86 -12.59
CA LYS H 38 18.76 -32.75 -11.81
C LYS H 38 18.90 -31.69 -10.73
N ASP H 39 20.05 -31.66 -10.05
CA ASP H 39 20.30 -30.61 -9.06
C ASP H 39 20.20 -29.22 -9.68
N PHE H 40 20.88 -29.03 -10.82
CA PHE H 40 20.84 -27.74 -11.49
C PHE H 40 19.40 -27.35 -11.81
N LEU H 41 18.66 -28.24 -12.46
CA LEU H 41 17.27 -27.94 -12.81
C LEU H 41 16.45 -27.63 -11.57
N ARG H 42 16.75 -28.29 -10.45
CA ARG H 42 16.02 -28.02 -9.21
C ARG H 42 16.31 -26.62 -8.70
N GLU H 43 17.56 -26.17 -8.81
CA GLU H 43 17.92 -24.86 -8.27
C GLU H 43 17.27 -23.71 -9.03
N MET H 44 17.03 -23.88 -10.33
CA MET H 44 16.37 -22.85 -11.14
C MET H 44 14.87 -23.00 -10.99
N ASN H 45 14.31 -22.35 -9.96
CA ASN H 45 12.92 -22.58 -9.59
C ASN H 45 12.12 -21.28 -9.44
N THR H 46 12.43 -20.25 -10.23
CA THR H 46 11.73 -18.98 -10.08
C THR H 46 11.59 -18.23 -11.39
N PRO H 47 10.36 -17.90 -11.81
CA PRO H 47 10.19 -17.05 -13.00
C PRO H 47 10.74 -15.65 -12.78
N ILE H 48 10.91 -14.93 -13.88
CA ILE H 48 11.52 -13.61 -13.82
C ILE H 48 10.47 -12.54 -13.52
N HIS H 49 9.30 -12.61 -14.17
CA HIS H 49 8.28 -11.56 -14.08
C HIS H 49 6.88 -12.16 -14.06
N VAL H 50 6.42 -12.49 -12.85
CA VAL H 50 5.08 -13.02 -12.65
C VAL H 50 4.04 -11.91 -12.71
N SER H 51 4.38 -10.73 -12.19
CA SER H 51 3.40 -9.66 -11.98
C SER H 51 3.15 -8.82 -13.23
N GLU H 52 1.88 -8.63 -13.56
CA GLU H 52 1.46 -7.78 -14.68
C GLU H 52 0.43 -6.76 -14.21
N ALA H 53 0.71 -5.47 -14.40
CA ALA H 53 -0.26 -4.43 -14.07
C ALA H 53 -1.42 -4.43 -15.06
N VAL H 54 -2.60 -4.01 -14.58
CA VAL H 54 -3.80 -3.95 -15.41
C VAL H 54 -4.67 -2.78 -14.97
N PHE H 55 -5.41 -2.19 -15.91
CA PHE H 55 -6.35 -1.13 -15.63
C PHE H 55 -7.71 -1.45 -16.23
N LEU H 56 -8.78 -1.02 -15.54
CA LEU H 56 -10.15 -1.31 -15.93
C LEU H 56 -10.60 -0.38 -17.05
N PRO H 57 -11.70 -0.70 -17.76
CA PRO H 57 -12.51 -1.92 -17.68
C PRO H 57 -11.84 -3.08 -18.38
N LEU H 58 -12.03 -4.30 -17.90
CA LEU H 58 -11.29 -5.45 -18.37
C LEU H 58 -12.24 -6.59 -18.68
N SER H 59 -12.13 -7.14 -19.90
CA SER H 59 -12.92 -8.29 -20.30
C SER H 59 -12.12 -9.56 -20.01
N LEU H 60 -12.63 -10.40 -19.12
CA LEU H 60 -11.89 -11.60 -18.72
C LEU H 60 -11.89 -12.65 -19.82
N CYS H 61 -12.93 -12.67 -20.65
CA CYS H 61 -13.07 -13.71 -21.67
C CYS H 61 -11.87 -13.78 -22.62
N THR H 62 -11.16 -12.68 -22.82
CA THR H 62 -10.06 -12.65 -23.77
C THR H 62 -8.68 -12.84 -23.15
N LEU H 63 -8.43 -12.29 -21.96
CA LEU H 63 -7.10 -12.36 -21.36
C LEU H 63 -6.63 -13.80 -21.20
N SER H 64 -5.31 -13.99 -21.37
CA SER H 64 -4.70 -15.30 -21.28
C SER H 64 -4.90 -15.92 -19.89
N PRO H 65 -4.89 -17.25 -19.80
CA PRO H 65 -5.30 -17.94 -18.56
C PRO H 65 -4.31 -17.93 -17.41
N GLY H 66 -4.60 -18.77 -16.43
CA GLY H 66 -3.81 -18.98 -15.22
C GLY H 66 -3.31 -17.73 -14.52
N ARG H 67 -4.23 -16.84 -14.15
CA ARG H 67 -3.86 -15.64 -13.43
C ARG H 67 -5.02 -15.16 -12.57
N CYS H 68 -4.68 -14.80 -11.33
CA CYS H 68 -5.59 -14.17 -10.38
C CYS H 68 -5.52 -12.65 -10.54
N LEU H 69 -6.58 -11.97 -10.12
CA LEU H 69 -6.68 -10.52 -10.21
C LEU H 69 -6.80 -9.90 -8.83
N ARG H 70 -5.84 -9.07 -8.47
CA ARG H 70 -5.78 -8.36 -7.20
C ARG H 70 -6.08 -6.88 -7.44
N LEU H 71 -7.36 -6.52 -7.32
CA LEU H 71 -7.76 -5.12 -7.43
C LEU H 71 -7.57 -4.45 -6.07
N SER H 72 -7.02 -3.24 -6.08
CA SER H 72 -6.69 -2.57 -4.83
C SER H 72 -6.62 -1.07 -5.07
N PRO H 73 -6.71 -0.27 -3.99
CA PRO H 73 -6.57 1.19 -4.18
C PRO H 73 -5.23 1.56 -4.77
N PHE H 74 -4.18 0.84 -4.40
CA PHE H 74 -2.85 1.14 -4.93
C PHE H 74 -2.76 0.75 -6.40
N GLY H 75 -3.26 -0.42 -6.75
CA GLY H 75 -3.29 -0.78 -8.14
C GLY H 75 -4.30 -1.84 -8.46
N HIS H 76 -4.10 -2.48 -9.60
CA HIS H 76 -4.96 -3.54 -10.10
C HIS H 76 -4.01 -4.47 -10.86
N SER H 77 -3.58 -5.52 -10.20
CA SER H 77 -2.53 -6.37 -10.75
C SER H 77 -3.11 -7.70 -11.17
N LEU H 78 -2.49 -8.30 -12.17
CA LEU H 78 -2.84 -9.63 -12.63
C LEU H 78 -1.58 -10.46 -12.50
N THR H 79 -1.64 -11.49 -11.66
CA THR H 79 -0.48 -12.33 -11.39
C THR H 79 -0.86 -13.77 -11.66
N LEU H 80 0.13 -14.65 -11.60
CA LEU H 80 -0.09 -16.05 -11.91
C LEU H 80 -0.16 -16.90 -10.65
N GLY H 81 -0.90 -18.01 -10.76
CA GLY H 81 -1.16 -18.82 -9.58
C GLY H 81 0.08 -19.41 -8.97
N SER H 82 1.08 -19.73 -9.79
CA SER H 82 2.27 -20.40 -9.27
C SER H 82 2.90 -19.59 -8.13
N HIS H 83 2.86 -18.26 -8.19
CA HIS H 83 3.59 -17.46 -7.21
C HIS H 83 2.74 -16.34 -6.62
N CYS H 84 1.48 -16.63 -6.28
CA CYS H 84 0.63 -15.74 -5.51
C CYS H 84 0.43 -16.34 -4.12
N GLU H 85 1.04 -15.73 -3.10
CA GLU H 85 1.00 -16.33 -1.77
C GLU H 85 -0.45 -16.57 -1.34
N ILE H 86 -1.30 -15.55 -1.49
CA ILE H 86 -2.67 -15.65 -1.00
C ILE H 86 -3.43 -16.72 -1.77
N CYS H 87 -3.16 -16.85 -3.07
CA CYS H 87 -3.90 -17.83 -3.87
C CYS H 87 -3.61 -19.27 -3.46
N ILE H 88 -2.56 -19.52 -2.68
CA ILE H 88 -2.20 -20.89 -2.33
C ILE H 88 -1.46 -20.98 -1.02
N ASN H 89 -1.35 -19.87 -0.28
CA ASN H 89 -0.64 -19.90 0.99
C ASN H 89 -1.29 -20.88 1.95
N ARG H 90 -2.54 -20.62 2.29
CA ARG H 90 -3.39 -21.58 2.99
C ARG H 90 -4.60 -21.97 2.14
N SER H 91 -4.65 -21.48 0.90
CA SER H 91 -5.74 -21.74 -0.03
C SER H 91 -5.33 -22.84 -1.00
N GLN H 92 -6.27 -23.26 -1.84
CA GLN H 92 -6.09 -24.35 -2.79
C GLN H 92 -5.94 -25.70 -2.08
N VAL H 93 -6.20 -25.74 -0.77
CA VAL H 93 -6.21 -26.98 0.00
C VAL H 93 -7.45 -26.96 0.89
N HIS H 94 -8.20 -28.05 0.89
CA HIS H 94 -9.49 -28.13 1.56
C HIS H 94 -10.53 -27.23 0.92
N VAL H 95 -10.32 -26.84 -0.33
CA VAL H 95 -11.26 -26.00 -1.07
C VAL H 95 -11.83 -26.69 -2.30
N PRO H 96 -11.77 -28.02 -2.44
CA PRO H 96 -12.26 -28.63 -3.69
C PRO H 96 -13.77 -28.81 -3.69
N GLN H 97 -14.44 -28.19 -4.67
CA GLN H 97 -15.88 -28.25 -4.78
C GLN H 97 -16.25 -28.69 -6.19
N GLU H 98 -17.38 -29.40 -6.32
CA GLU H 98 -17.86 -29.86 -7.62
C GLU H 98 -18.85 -28.87 -8.20
N PHE H 99 -18.37 -28.02 -9.10
CA PHE H 99 -19.22 -27.16 -9.92
C PHE H 99 -19.21 -27.59 -11.38
N SER H 100 -18.02 -27.70 -11.96
CA SER H 100 -17.83 -28.29 -13.29
C SER H 100 -18.85 -27.75 -14.29
N SER H 101 -19.65 -28.63 -14.89
CA SER H 101 -20.66 -28.20 -15.86
C SER H 101 -21.57 -27.15 -15.21
N THR H 102 -22.21 -26.32 -16.03
CA THR H 102 -23.00 -25.23 -15.49
C THR H 102 -24.41 -25.68 -15.13
N GLN H 103 -25.04 -26.47 -16.00
CA GLN H 103 -26.41 -26.92 -15.74
C GLN H 103 -26.47 -27.80 -14.51
N LEU H 104 -25.43 -28.60 -14.24
CA LEU H 104 -25.44 -29.42 -13.03
C LEU H 104 -25.57 -28.55 -11.78
N SER H 105 -24.73 -27.51 -11.67
CA SER H 105 -24.83 -26.63 -10.50
C SER H 105 -26.15 -25.87 -10.51
N PHE H 106 -26.66 -25.54 -11.69
CA PHE H 106 -27.95 -24.87 -11.78
C PHE H 106 -29.06 -25.72 -11.18
N PHE H 107 -29.17 -26.97 -11.63
CA PHE H 107 -30.20 -27.86 -11.12
C PHE H 107 -29.86 -28.42 -9.74
N ASN H 108 -28.66 -28.12 -9.24
CA ASN H 108 -28.34 -28.45 -7.86
C ASN H 108 -28.83 -27.37 -6.90
N ASN H 109 -28.66 -26.09 -7.28
CA ASN H 109 -28.96 -24.98 -6.38
C ASN H 109 -29.92 -23.96 -6.97
N VAL H 110 -30.75 -24.32 -7.95
CA VAL H 110 -31.78 -23.39 -8.39
C VAL H 110 -32.96 -23.42 -7.44
N HIS H 111 -33.41 -24.61 -7.06
CA HIS H 111 -34.57 -24.72 -6.17
C HIS H 111 -34.21 -24.29 -4.75
N LYS H 112 -32.97 -24.50 -4.32
CA LYS H 112 -32.49 -23.99 -3.04
C LYS H 112 -32.75 -22.48 -2.98
N ILE H 113 -33.66 -22.02 -2.12
CA ILE H 113 -34.16 -20.65 -2.20
C ILE H 113 -33.97 -19.89 -0.90
N ILE H 114 -34.28 -20.47 0.27
CA ILE H 114 -34.06 -19.76 1.53
C ILE H 114 -32.57 -19.44 1.66
N PRO H 115 -31.64 -20.34 1.35
CA PRO H 115 -30.26 -19.89 1.08
C PRO H 115 -30.28 -19.33 -0.34
N ASN H 116 -29.24 -18.58 -0.67
CA ASN H 116 -29.19 -17.89 -1.96
C ASN H 116 -30.33 -16.88 -2.09
N LYS H 117 -30.95 -16.53 -0.96
CA LYS H 117 -32.15 -15.70 -0.98
C LYS H 117 -31.87 -14.36 -1.63
N THR H 118 -30.66 -13.82 -1.43
CA THR H 118 -30.33 -12.51 -1.97
C THR H 118 -30.45 -12.49 -3.50
N PHE H 119 -29.99 -13.55 -4.16
CA PHE H 119 -30.09 -13.62 -5.61
C PHE H 119 -31.55 -13.49 -6.06
N TYR H 120 -32.42 -14.35 -5.54
CA TYR H 120 -33.83 -14.28 -5.92
C TYR H 120 -34.44 -12.94 -5.56
N VAL H 121 -34.08 -12.38 -4.41
CA VAL H 121 -34.65 -11.12 -3.98
C VAL H 121 -34.28 -10.00 -4.96
N SER H 122 -33.00 -9.92 -5.31
CA SER H 122 -32.54 -8.89 -6.25
C SER H 122 -33.19 -9.08 -7.62
N LEU H 123 -33.20 -10.32 -8.11
CA LEU H 123 -33.87 -10.62 -9.37
C LEU H 123 -35.34 -10.21 -9.30
N LEU H 124 -35.95 -10.44 -8.14
CA LEU H 124 -37.36 -10.14 -7.92
C LEU H 124 -37.63 -8.65 -7.98
N SER H 125 -36.70 -7.84 -7.46
CA SER H 125 -36.93 -6.40 -7.49
C SER H 125 -37.35 -5.96 -8.89
N SER H 126 -36.68 -6.51 -9.90
CA SER H 126 -37.11 -6.38 -11.29
C SER H 126 -38.19 -7.42 -11.62
N SER H 127 -39.35 -7.30 -10.95
CA SER H 127 -40.47 -8.19 -11.22
C SER H 127 -40.57 -8.41 -12.74
N PRO H 128 -40.43 -7.34 -13.57
CA PRO H 128 -40.21 -7.54 -15.01
C PRO H 128 -39.52 -8.85 -15.36
N SER H 129 -40.34 -9.86 -15.66
CA SER H 129 -39.88 -11.24 -15.88
C SER H 129 -38.68 -11.57 -15.01
N ALA H 130 -38.74 -11.15 -13.75
CA ALA H 130 -37.68 -11.44 -12.79
C ALA H 130 -37.16 -12.86 -12.92
N VAL H 131 -38.06 -13.84 -12.86
CA VAL H 131 -37.69 -15.25 -12.92
C VAL H 131 -38.29 -15.95 -14.13
N LYS H 132 -39.27 -15.34 -14.79
CA LYS H 132 -39.89 -15.97 -15.96
C LYS H 132 -38.82 -16.31 -16.99
N ALA H 133 -37.84 -15.43 -17.16
CA ALA H 133 -36.72 -15.63 -18.06
C ALA H 133 -35.40 -15.78 -17.30
N GLY H 134 -35.34 -15.34 -16.05
CA GLY H 134 -34.12 -15.49 -15.29
C GLY H 134 -33.71 -16.93 -15.11
N LEU H 135 -34.68 -17.82 -14.86
CA LEU H 135 -34.36 -19.24 -14.76
C LEU H 135 -33.92 -19.78 -16.11
N SER H 136 -34.53 -19.27 -17.19
CA SER H 136 -34.21 -19.76 -18.53
C SER H 136 -32.75 -19.54 -18.87
N GLN H 137 -32.13 -18.53 -18.25
CA GLN H 137 -30.71 -18.20 -18.45
C GLN H 137 -29.99 -18.55 -17.16
N PRO H 138 -29.45 -19.77 -17.06
CA PRO H 138 -28.85 -20.21 -15.78
C PRO H 138 -27.45 -19.72 -15.49
N SER H 139 -26.67 -19.31 -16.49
CA SER H 139 -25.30 -18.88 -16.25
C SER H 139 -25.21 -17.91 -15.08
N LEU H 140 -26.16 -16.98 -15.00
CA LEU H 140 -26.14 -15.94 -13.98
C LEU H 140 -26.05 -16.54 -12.58
N LEU H 141 -26.98 -17.45 -12.25
CA LEU H 141 -26.96 -18.08 -10.94
C LEU H 141 -25.62 -18.78 -10.68
N TYR H 142 -25.12 -19.50 -11.69
CA TYR H 142 -23.82 -20.17 -11.57
C TYR H 142 -22.77 -19.16 -11.14
N ALA H 143 -22.72 -18.02 -11.82
CA ALA H 143 -21.81 -16.95 -11.44
C ALA H 143 -21.97 -16.59 -9.97
N TYR H 144 -23.21 -16.34 -9.54
CA TYR H 144 -23.43 -15.96 -8.15
C TYR H 144 -22.81 -16.99 -7.20
N LEU H 145 -23.11 -18.26 -7.41
CA LEU H 145 -22.58 -19.31 -6.53
C LEU H 145 -21.05 -19.32 -6.54
N VAL H 146 -20.43 -19.22 -7.73
CA VAL H 146 -18.98 -19.38 -7.78
C VAL H 146 -18.29 -18.18 -7.14
N THR H 147 -18.79 -16.99 -7.46
CA THR H 147 -18.25 -15.77 -6.88
C THR H 147 -18.46 -15.75 -5.37
N GLY H 148 -19.50 -16.43 -4.89
CA GLY H 148 -19.77 -16.48 -3.47
C GLY H 148 -18.82 -17.42 -2.77
N HIS H 149 -18.55 -18.57 -3.39
CA HIS H 149 -17.59 -19.50 -2.80
C HIS H 149 -16.23 -18.82 -2.66
N PHE H 150 -15.64 -18.42 -3.79
CA PHE H 150 -14.27 -17.91 -3.75
C PHE H 150 -14.18 -16.52 -3.16
N CYS H 151 -15.27 -15.76 -3.15
CA CYS H 151 -15.30 -14.39 -2.64
C CYS H 151 -16.59 -14.26 -1.84
N GLY H 152 -16.49 -13.76 -0.62
CA GLY H 152 -17.65 -13.65 0.24
C GLY H 152 -18.49 -12.40 0.03
N THR H 153 -19.71 -12.49 0.54
CA THR H 153 -20.69 -11.40 0.53
C THR H 153 -20.82 -10.76 -0.85
N ILE H 154 -21.37 -11.54 -1.79
CA ILE H 154 -21.62 -11.01 -3.13
C ILE H 154 -23.05 -10.48 -3.14
N CYS H 155 -23.28 -9.42 -3.91
CA CYS H 155 -24.62 -8.83 -4.06
C CYS H 155 -25.00 -8.55 -5.50
N PRO H 156 -25.88 -9.34 -6.11
CA PRO H 156 -26.25 -9.14 -7.51
C PRO H 156 -27.26 -8.01 -7.72
N ILE H 157 -27.24 -7.46 -8.93
CA ILE H 157 -28.24 -6.50 -9.41
C ILE H 157 -28.54 -6.85 -10.86
N PHE H 158 -29.79 -6.65 -11.28
CA PHE H 158 -30.25 -7.12 -12.58
C PHE H 158 -30.84 -6.00 -13.43
N SER H 159 -30.43 -5.97 -14.70
CA SER H 159 -30.88 -5.02 -15.70
C SER H 159 -31.33 -5.77 -16.95
N THR H 160 -31.89 -5.06 -17.91
CA THR H 160 -32.49 -5.64 -19.10
C THR H 160 -31.60 -5.38 -20.31
N ASN H 161 -31.31 -6.44 -21.05
CA ASN H 161 -30.59 -6.33 -22.31
C ASN H 161 -31.54 -5.90 -23.41
N GLY H 162 -31.15 -4.85 -24.14
CA GLY H 162 -31.83 -4.41 -25.34
C GLY H 162 -32.94 -5.35 -25.75
N LYS H 163 -32.52 -6.49 -26.30
CA LYS H 163 -33.45 -7.51 -26.79
C LYS H 163 -33.65 -8.62 -25.77
N GLY H 164 -34.91 -9.00 -25.55
CA GLY H 164 -35.30 -10.07 -24.66
C GLY H 164 -34.21 -10.91 -24.01
N ARG H 165 -33.39 -10.31 -23.16
CA ARG H 165 -32.38 -11.00 -22.38
C ARG H 165 -32.07 -10.15 -21.15
N LEU H 166 -31.36 -10.74 -20.20
CA LEU H 166 -31.15 -10.14 -18.88
C LEU H 166 -29.67 -10.03 -18.57
N ILE H 167 -29.20 -8.79 -18.34
CA ILE H 167 -27.82 -8.52 -17.93
C ILE H 167 -27.73 -8.47 -16.41
N MET H 168 -26.60 -8.94 -15.86
CA MET H 168 -26.38 -8.97 -14.43
C MET H 168 -25.12 -8.20 -14.07
N HIS H 169 -25.11 -7.64 -12.85
CA HIS H 169 -23.98 -6.88 -12.31
C HIS H 169 -23.77 -7.40 -10.89
N LEU H 170 -22.73 -8.21 -10.68
CA LEU H 170 -22.41 -8.70 -9.35
C LEU H 170 -21.43 -7.74 -8.67
N LEU H 171 -21.84 -7.16 -7.53
CA LEU H 171 -21.01 -6.20 -6.83
C LEU H 171 -20.51 -6.74 -5.50
N LEU H 172 -19.26 -6.41 -5.16
CA LEU H 172 -18.72 -6.70 -3.83
C LEU H 172 -18.11 -5.43 -3.25
N GLN H 173 -18.36 -5.19 -1.97
CA GLN H 173 -17.95 -3.97 -1.28
C GLN H 173 -16.63 -4.19 -0.55
N GLY H 174 -15.57 -4.27 -1.35
CA GLY H 174 -14.24 -4.61 -0.85
C GLY H 174 -13.25 -3.48 -1.03
N THR H 175 -12.37 -3.31 -0.06
CA THR H 175 -11.30 -2.32 -0.16
C THR H 175 -10.20 -2.84 -1.09
N SER H 176 -9.66 -4.00 -0.76
CA SER H 176 -8.61 -4.66 -1.54
C SER H 176 -9.05 -6.09 -1.81
N LEU H 177 -9.53 -6.35 -3.03
CA LEU H 177 -10.10 -7.64 -3.38
C LEU H 177 -9.13 -8.49 -4.20
N HIS H 178 -9.05 -9.77 -3.85
CA HIS H 178 -8.21 -10.75 -4.53
C HIS H 178 -9.12 -11.84 -5.09
N ILE H 179 -9.48 -11.72 -6.37
CA ILE H 179 -10.28 -12.77 -7.01
C ILE H 179 -9.30 -13.85 -7.47
N PRO H 180 -9.40 -15.05 -6.91
CA PRO H 180 -8.38 -16.09 -7.16
C PRO H 180 -8.46 -16.69 -8.55
N GLU H 181 -7.48 -17.56 -8.83
CA GLU H 181 -7.38 -18.18 -10.15
C GLU H 181 -8.48 -19.18 -10.41
N THR H 182 -8.76 -20.06 -9.44
CA THR H 182 -9.73 -21.12 -9.70
C THR H 182 -11.07 -20.54 -10.09
N CYS H 183 -11.45 -19.43 -9.45
CA CYS H 183 -12.71 -18.78 -9.75
C CYS H 183 -12.72 -18.24 -11.16
N LEU H 184 -11.70 -17.46 -11.52
CA LEU H 184 -11.63 -16.88 -12.85
C LEU H 184 -11.58 -17.94 -13.94
N LYS H 185 -10.79 -18.99 -13.72
CA LYS H 185 -10.71 -20.08 -14.69
C LYS H 185 -12.05 -20.74 -14.91
N LEU H 186 -12.69 -21.19 -13.82
CA LEU H 186 -13.99 -21.82 -13.95
C LEU H 186 -14.95 -20.91 -14.69
N LEU H 187 -14.99 -19.64 -14.29
CA LEU H 187 -15.93 -18.69 -14.89
C LEU H 187 -15.72 -18.58 -16.38
N CYS H 188 -14.48 -18.28 -16.79
CA CYS H 188 -14.23 -18.06 -18.21
C CYS H 188 -14.55 -19.31 -19.02
N GLU H 189 -14.22 -20.49 -18.50
CA GLU H 189 -14.42 -21.68 -19.31
C GLU H 189 -15.90 -21.99 -19.49
N ASN H 190 -16.67 -21.95 -18.41
CA ASN H 190 -18.04 -22.43 -18.56
C ASN H 190 -19.01 -21.37 -19.04
N ILE H 191 -18.79 -20.11 -18.69
CA ILE H 191 -19.68 -19.04 -19.10
C ILE H 191 -19.20 -18.34 -20.37
N GLY H 192 -17.89 -18.19 -20.47
CA GLY H 192 -17.24 -17.54 -21.59
C GLY H 192 -18.06 -17.44 -22.86
N PRO H 193 -18.06 -18.53 -23.63
CA PRO H 193 -18.73 -18.50 -24.94
C PRO H 193 -20.17 -18.02 -24.90
N THR H 194 -20.95 -18.46 -23.92
CA THR H 194 -22.36 -18.13 -23.91
C THR H 194 -22.61 -16.67 -23.56
N TYR H 195 -21.79 -16.10 -22.67
CA TYR H 195 -22.07 -14.79 -22.09
C TYR H 195 -20.79 -13.97 -22.03
N GLU H 196 -20.88 -12.71 -22.46
CA GLU H 196 -19.78 -11.78 -22.29
C GLU H 196 -19.57 -11.48 -20.81
N LEU H 197 -18.30 -11.34 -20.43
CA LEU H 197 -17.90 -11.14 -19.05
C LEU H 197 -16.90 -10.00 -18.98
N ALA H 198 -17.11 -9.08 -18.04
CA ALA H 198 -16.18 -7.97 -17.87
C ALA H 198 -16.11 -7.57 -16.41
N VAL H 199 -15.05 -6.85 -16.06
CA VAL H 199 -14.83 -6.36 -14.70
C VAL H 199 -14.71 -4.84 -14.75
N ASP H 200 -15.36 -4.17 -13.80
CA ASP H 200 -15.29 -2.72 -13.73
C ASP H 200 -15.53 -2.29 -12.28
N LEU H 201 -15.50 -0.98 -12.07
CA LEU H 201 -15.64 -0.39 -10.74
C LEU H 201 -16.89 0.49 -10.73
N VAL H 202 -17.63 0.44 -9.63
CA VAL H 202 -18.74 1.36 -9.38
C VAL H 202 -18.47 2.01 -8.04
N GLY H 203 -17.93 3.23 -8.06
CA GLY H 203 -17.59 3.96 -6.86
C GLY H 203 -16.90 3.15 -5.79
N ASP H 204 -17.61 2.98 -4.67
CA ASP H 204 -17.04 2.31 -3.51
C ASP H 204 -16.74 0.84 -3.76
N ALA H 205 -17.44 0.18 -4.67
CA ALA H 205 -17.34 -1.27 -4.78
C ALA H 205 -17.00 -1.75 -6.18
N PHE H 206 -16.46 -2.97 -6.24
CA PHE H 206 -16.07 -3.61 -7.48
C PHE H 206 -17.28 -4.32 -8.08
N CYS H 207 -17.26 -4.53 -9.39
CA CYS H 207 -18.39 -5.10 -10.07
C CYS H 207 -17.94 -6.00 -11.22
N ILE H 208 -18.77 -7.00 -11.50
CA ILE H 208 -18.58 -7.93 -12.60
C ILE H 208 -19.83 -7.85 -13.46
N LYS H 209 -19.68 -7.38 -14.69
CA LYS H 209 -20.80 -7.29 -15.63
C LYS H 209 -20.85 -8.59 -16.42
N VAL H 210 -21.92 -9.35 -16.24
CA VAL H 210 -22.22 -10.54 -17.02
C VAL H 210 -23.35 -10.18 -17.98
N SER H 211 -23.02 -10.01 -19.25
CA SER H 211 -24.04 -9.58 -20.21
C SER H 211 -24.15 -10.58 -21.36
N PRO H 212 -25.35 -10.90 -21.82
CA PRO H 212 -25.47 -11.91 -22.88
C PRO H 212 -24.74 -11.50 -24.14
N ARG H 213 -24.52 -12.48 -25.01
CA ARG H 213 -24.01 -12.24 -26.34
C ARG H 213 -25.18 -12.18 -27.31
N ASP H 214 -25.00 -11.46 -28.42
CA ASP H 214 -26.10 -11.24 -29.36
C ASP H 214 -26.56 -12.56 -29.97
N THR H 215 -25.71 -13.19 -30.75
CA THR H 215 -26.05 -14.42 -31.47
C THR H 215 -25.40 -15.65 -30.86
N VAL H 216 -25.38 -15.71 -29.52
CA VAL H 216 -24.86 -16.86 -28.81
C VAL H 216 -25.68 -17.05 -27.53
N TYR H 217 -26.66 -17.94 -27.56
CA TYR H 217 -27.55 -18.17 -26.45
C TYR H 217 -27.40 -19.60 -25.94
N GLU H 218 -27.28 -19.75 -24.62
CA GLU H 218 -27.20 -21.05 -23.99
C GLU H 218 -28.53 -21.78 -24.13
N LYS H 219 -28.61 -22.97 -23.54
CA LYS H 219 -29.80 -23.80 -23.60
C LYS H 219 -30.56 -23.74 -22.28
N ALA H 220 -31.82 -24.16 -22.32
CA ALA H 220 -32.73 -24.07 -21.18
C ALA H 220 -32.83 -25.42 -20.46
N VAL H 221 -33.33 -25.36 -19.22
CA VAL H 221 -33.52 -26.54 -18.39
C VAL H 221 -34.89 -26.43 -17.73
N ASN H 222 -35.75 -27.41 -17.97
CA ASN H 222 -37.12 -27.39 -17.47
C ASN H 222 -37.18 -27.84 -16.02
N VAL H 223 -37.37 -26.88 -15.11
CA VAL H 223 -37.52 -27.16 -13.69
C VAL H 223 -38.99 -27.02 -13.29
N ASP H 224 -39.28 -27.19 -12.00
CA ASP H 224 -40.62 -27.02 -11.44
C ASP H 224 -40.87 -25.53 -11.11
N GLU H 225 -40.97 -24.74 -12.17
CA GLU H 225 -41.25 -23.32 -12.04
C GLU H 225 -42.20 -23.00 -10.89
N ASP H 226 -43.28 -23.78 -10.77
CA ASP H 226 -44.28 -23.46 -9.76
C ASP H 226 -43.75 -23.69 -8.35
N ALA H 227 -42.85 -24.65 -8.17
CA ALA H 227 -42.32 -24.89 -6.83
C ALA H 227 -41.59 -23.66 -6.30
N ILE H 228 -40.69 -23.11 -7.11
CA ILE H 228 -39.91 -21.98 -6.62
C ILE H 228 -40.76 -20.72 -6.68
N TYR H 229 -41.77 -20.64 -7.56
CA TYR H 229 -42.66 -19.49 -7.52
C TYR H 229 -43.43 -19.45 -6.20
N GLU H 230 -44.05 -20.58 -5.83
CA GLU H 230 -44.72 -20.67 -4.55
C GLU H 230 -43.76 -20.33 -3.43
N ALA H 231 -42.50 -20.76 -3.56
CA ALA H 231 -41.53 -20.44 -2.53
C ALA H 231 -41.23 -18.94 -2.47
N ILE H 232 -41.13 -18.27 -3.63
CA ILE H 232 -40.79 -16.86 -3.61
C ILE H 232 -41.92 -16.07 -2.97
N LYS H 233 -43.16 -16.53 -3.13
CA LYS H 233 -44.27 -15.80 -2.53
C LYS H 233 -44.03 -15.54 -1.04
N ASP H 234 -43.48 -16.53 -0.33
CA ASP H 234 -43.26 -16.44 1.11
C ASP H 234 -41.79 -16.19 1.43
N LEU H 235 -41.18 -15.18 0.81
CA LEU H 235 -39.78 -14.87 1.00
C LEU H 235 -39.60 -13.68 1.92
N GLU H 236 -38.63 -13.78 2.83
CA GLU H 236 -38.30 -12.68 3.72
C GLU H 236 -37.60 -11.57 2.94
N CYS H 237 -37.89 -10.32 3.31
CA CYS H 237 -37.31 -9.14 2.68
C CYS H 237 -36.47 -8.40 3.72
N GLY H 238 -35.22 -8.84 3.88
CA GLY H 238 -34.25 -8.17 4.73
C GLY H 238 -34.17 -6.67 4.49
N ASP H 239 -34.77 -5.88 5.38
CA ASP H 239 -34.80 -4.43 5.21
C ASP H 239 -33.40 -3.87 4.92
N GLU H 240 -32.41 -4.19 5.75
CA GLU H 240 -31.05 -3.73 5.49
C GLU H 240 -30.55 -4.24 4.14
N LEU H 241 -30.82 -5.50 3.82
CA LEU H 241 -30.47 -6.03 2.51
C LEU H 241 -31.18 -5.23 1.43
N ARG H 242 -32.44 -4.86 1.69
CA ARG H 242 -33.19 -4.04 0.76
C ARG H 242 -32.49 -2.69 0.53
N LEU H 243 -32.02 -2.06 1.60
CA LEU H 243 -31.31 -0.78 1.46
C LEU H 243 -30.07 -0.94 0.60
N GLN H 244 -29.28 -2.00 0.83
CA GLN H 244 -28.10 -2.22 0.01
C GLN H 244 -28.49 -2.39 -1.46
N ILE H 245 -29.49 -3.22 -1.73
CA ILE H 245 -29.96 -3.42 -3.10
C ILE H 245 -30.37 -2.10 -3.71
N ILE H 246 -31.07 -1.27 -2.92
CA ILE H 246 -31.56 0.00 -3.41
C ILE H 246 -30.40 0.91 -3.81
N ASN H 247 -29.39 0.99 -2.95
CA ASN H 247 -28.24 1.83 -3.25
C ASN H 247 -27.53 1.38 -4.52
N TYR H 248 -27.34 0.07 -4.68
CA TYR H 248 -26.64 -0.39 -5.88
C TYR H 248 -27.50 -0.18 -7.12
N THR H 249 -28.83 -0.30 -6.98
CA THR H 249 -29.72 0.03 -8.10
C THR H 249 -29.56 1.51 -8.47
N GLN H 250 -29.48 2.37 -7.47
CA GLN H 250 -29.18 3.78 -7.74
C GLN H 250 -27.93 3.91 -8.60
N LEU H 251 -26.87 3.21 -8.20
CA LEU H 251 -25.62 3.30 -8.97
C LEU H 251 -25.80 2.78 -10.39
N ILE H 252 -26.76 1.88 -10.64
CA ILE H 252 -26.98 1.48 -12.03
C ILE H 252 -27.30 2.70 -12.88
N LEU H 253 -28.06 3.66 -12.34
CA LEU H 253 -28.31 4.90 -13.08
C LEU H 253 -26.99 5.59 -13.39
N GLU H 254 -25.97 5.38 -12.56
CA GLU H 254 -24.66 5.90 -12.86
C GLU H 254 -24.07 5.08 -14.00
N ASN H 255 -23.03 5.64 -14.64
CA ASN H 255 -22.37 5.05 -15.79
C ASN H 255 -23.19 5.29 -17.05
N LYS H 256 -24.12 6.26 -17.00
CA LYS H 256 -25.00 6.61 -18.12
C LYS H 256 -26.00 5.50 -18.40
N GLN H 257 -26.55 4.91 -17.33
CA GLN H 257 -27.54 3.85 -17.47
C GLN H 257 -28.58 3.92 -16.36
N PRO I 9 -29.49 1.61 -60.60
CA PRO I 9 -30.68 0.78 -60.82
C PRO I 9 -30.52 -0.63 -60.27
N GLU I 10 -31.43 -1.53 -60.62
CA GLU I 10 -31.32 -2.93 -60.21
C GLU I 10 -30.06 -3.58 -60.76
N GLU I 11 -29.37 -2.95 -61.71
CA GLU I 11 -28.08 -3.45 -62.17
C GLU I 11 -27.01 -3.30 -61.10
N ARG I 12 -27.14 -2.30 -60.24
CA ARG I 12 -26.16 -2.11 -59.18
C ARG I 12 -26.14 -3.29 -58.22
N LEU I 13 -27.27 -3.97 -58.05
CA LEU I 13 -27.27 -5.19 -57.26
C LEU I 13 -26.45 -6.28 -57.93
N LEU I 14 -26.55 -6.39 -59.26
CA LEU I 14 -25.68 -7.30 -59.98
C LEU I 14 -24.22 -6.95 -59.77
N ASP I 15 -23.89 -5.66 -59.82
CA ASP I 15 -22.51 -5.23 -59.59
C ASP I 15 -22.06 -5.61 -58.18
N GLU I 16 -22.95 -5.48 -57.19
CA GLU I 16 -22.56 -5.80 -55.82
C GLU I 16 -22.40 -7.30 -55.61
N LEU I 17 -23.24 -8.10 -56.25
CA LEU I 17 -23.04 -9.55 -56.20
C LEU I 17 -21.71 -9.93 -56.84
N ASN I 18 -21.37 -9.28 -57.96
CA ASN I 18 -20.06 -9.46 -58.57
C ASN I 18 -18.95 -9.15 -57.56
N ASN I 19 -19.01 -7.96 -56.95
CA ASN I 19 -17.99 -7.56 -55.99
C ASN I 19 -17.90 -8.57 -54.84
N VAL I 20 -19.04 -9.10 -54.42
CA VAL I 20 -19.04 -10.05 -53.31
C VAL I 20 -18.34 -11.35 -53.71
N ILE I 21 -18.79 -11.96 -54.82
CA ILE I 21 -18.17 -13.22 -55.25
C ILE I 21 -16.68 -13.02 -55.48
N VAL I 22 -16.25 -11.81 -55.87
CA VAL I 22 -14.84 -11.58 -56.12
C VAL I 22 -14.07 -11.43 -54.79
N SER I 23 -14.58 -10.61 -53.88
CA SER I 23 -13.86 -10.31 -52.66
C SER I 23 -13.97 -11.39 -51.60
N PHE I 24 -14.77 -12.44 -51.83
CA PHE I 24 -14.92 -13.51 -50.86
C PHE I 24 -14.51 -14.87 -51.45
N LEU I 25 -15.21 -15.35 -52.47
CA LEU I 25 -14.93 -16.67 -53.04
C LEU I 25 -13.47 -16.75 -53.49
N SER I 47 -32.45 -17.84 -68.20
CA SER I 47 -31.48 -18.84 -68.62
C SER I 47 -30.14 -18.20 -68.95
N GLN I 48 -29.76 -17.19 -68.17
CA GLN I 48 -28.47 -16.51 -68.32
C GLN I 48 -27.86 -16.34 -66.93
N PRO I 49 -26.68 -16.90 -66.67
CA PRO I 49 -26.12 -16.81 -65.32
C PRO I 49 -25.49 -15.45 -65.04
N LEU I 50 -24.83 -15.34 -63.89
CA LEU I 50 -24.16 -14.10 -63.48
C LEU I 50 -22.73 -14.03 -63.98
N CYS I 51 -21.93 -15.06 -63.73
CA CYS I 51 -20.54 -15.07 -64.14
C CYS I 51 -20.08 -16.51 -64.35
N THR I 52 -18.82 -16.66 -64.78
CA THR I 52 -18.20 -17.95 -65.00
C THR I 52 -16.88 -18.00 -64.23
N VAL I 53 -16.66 -19.08 -63.50
CA VAL I 53 -15.45 -19.22 -62.69
C VAL I 53 -14.90 -20.62 -62.80
N ARG I 56 -10.45 -24.18 -60.50
CA ARG I 56 -9.01 -24.26 -60.72
C ARG I 56 -8.50 -25.61 -60.22
N HIS I 57 -7.50 -25.60 -59.34
CA HIS I 57 -6.94 -26.84 -58.81
C HIS I 57 -6.47 -26.63 -57.38
N GLY I 58 -6.87 -27.52 -56.49
CA GLY I 58 -6.40 -27.52 -55.12
C GLY I 58 -6.64 -26.23 -54.36
N GLN I 59 -7.44 -25.34 -54.92
CA GLN I 59 -7.70 -24.04 -54.30
C GLN I 59 -8.96 -24.12 -53.44
N ILE I 60 -8.93 -23.39 -52.33
CA ILE I 60 -10.08 -23.38 -51.42
C ILE I 60 -11.19 -22.53 -52.03
N TYR I 61 -12.33 -23.17 -52.29
CA TYR I 61 -13.46 -22.51 -52.93
C TYR I 61 -14.69 -22.67 -52.06
N HIS I 62 -15.16 -21.55 -51.49
CA HIS I 62 -16.38 -21.54 -50.72
C HIS I 62 -17.59 -21.64 -51.65
N LEU I 63 -18.66 -22.26 -51.13
CA LEU I 63 -19.86 -22.48 -51.94
C LEU I 63 -21.16 -22.17 -51.21
N GLU I 64 -21.20 -22.19 -49.88
CA GLU I 64 -22.39 -21.84 -49.13
C GLU I 64 -22.37 -20.39 -48.67
N PHE I 65 -21.21 -19.89 -48.25
CA PHE I 65 -21.08 -18.47 -47.93
C PHE I 65 -21.58 -17.61 -49.08
N VAL I 66 -21.13 -17.92 -50.30
CA VAL I 66 -21.53 -17.14 -51.46
C VAL I 66 -23.03 -17.20 -51.64
N TYR I 67 -23.60 -18.42 -51.65
CA TYR I 67 -25.03 -18.54 -51.94
C TYR I 67 -25.86 -17.80 -50.91
N LYS I 68 -25.48 -17.89 -49.63
CA LYS I 68 -26.29 -17.26 -48.60
C LYS I 68 -26.16 -15.73 -48.63
N PHE I 69 -24.96 -15.20 -48.90
CA PHE I 69 -24.85 -13.76 -49.02
C PHE I 69 -25.57 -13.25 -50.28
N LEU I 70 -25.53 -14.03 -51.36
CA LEU I 70 -26.29 -13.66 -52.55
C LEU I 70 -27.79 -13.62 -52.24
N ALA I 71 -28.28 -14.62 -51.50
CA ALA I 71 -29.69 -14.61 -51.11
C ALA I 71 -30.01 -13.40 -50.24
N PHE I 72 -29.10 -13.05 -49.33
CA PHE I 72 -29.29 -11.85 -48.52
C PHE I 72 -29.49 -10.63 -49.41
N LYS I 73 -28.53 -10.38 -50.30
CA LYS I 73 -28.65 -9.22 -51.19
C LYS I 73 -29.84 -9.33 -52.11
N LEU I 74 -30.33 -10.55 -52.38
CA LEU I 74 -31.38 -10.75 -53.36
C LEU I 74 -32.77 -10.50 -52.78
N LYS I 75 -33.07 -11.10 -51.64
CA LYS I 75 -34.42 -11.06 -51.09
C LYS I 75 -34.63 -9.95 -50.08
N ASN I 76 -33.71 -8.98 -49.99
CA ASN I 76 -34.03 -7.75 -49.29
C ASN I 76 -35.08 -6.95 -50.06
N CYS I 77 -34.92 -6.89 -51.37
CA CYS I 77 -35.98 -6.46 -52.28
C CYS I 77 -36.63 -7.70 -52.86
N ASN I 78 -37.92 -7.89 -52.58
CA ASN I 78 -38.63 -9.11 -52.94
C ASN I 78 -38.25 -9.60 -54.33
N TYR I 79 -37.96 -10.90 -54.42
CA TYR I 79 -37.47 -11.52 -55.64
C TYR I 79 -38.34 -12.71 -56.02
N PRO I 80 -38.64 -12.89 -57.31
CA PRO I 80 -39.37 -14.09 -57.74
C PRO I 80 -38.51 -15.36 -57.67
N PHE I 85 -26.49 -22.21 -58.38
CA PHE I 85 -25.04 -22.28 -58.52
C PHE I 85 -24.67 -23.63 -59.15
N VAL I 86 -24.37 -23.61 -60.46
CA VAL I 86 -24.08 -24.83 -61.22
C VAL I 86 -22.58 -24.90 -61.44
N ILE I 87 -21.99 -26.06 -61.11
CA ILE I 87 -20.56 -26.25 -61.29
C ILE I 87 -20.22 -26.23 -62.78
N ASN I 90 -16.75 -28.27 -69.44
CA ASN I 90 -16.58 -27.74 -70.78
C ASN I 90 -15.71 -28.66 -71.63
N GLY I 91 -14.74 -29.31 -70.98
CA GLY I 91 -13.76 -30.14 -71.63
C GLY I 91 -12.35 -29.59 -71.57
N LEU I 92 -12.22 -28.26 -71.60
CA LEU I 92 -10.93 -27.61 -71.47
C LEU I 92 -10.80 -26.82 -70.17
N ALA I 93 -11.86 -26.77 -69.36
CA ALA I 93 -11.82 -26.06 -68.08
C ALA I 93 -13.06 -26.37 -67.27
N THR I 94 -12.90 -26.65 -65.98
CA THR I 94 -14.02 -26.92 -65.08
C THR I 94 -14.67 -25.59 -64.74
N THR I 95 -15.66 -25.21 -65.53
CA THR I 95 -16.28 -23.89 -65.45
C THR I 95 -17.55 -23.98 -64.60
N LEU I 96 -17.59 -23.22 -63.50
CA LEU I 96 -18.76 -23.10 -62.65
C LEU I 96 -19.49 -21.81 -63.03
N ARG I 97 -20.76 -21.93 -63.39
CA ARG I 97 -21.57 -20.80 -63.84
C ARG I 97 -22.74 -20.62 -62.88
N CYS I 98 -22.90 -19.40 -62.39
CA CYS I 98 -23.99 -19.06 -61.49
C CYS I 98 -25.35 -19.36 -62.13
N HIS I 101 -32.48 -17.38 -60.40
CA HIS I 101 -33.27 -18.15 -61.35
C HIS I 101 -32.67 -19.53 -61.58
N GLU I 102 -33.51 -20.56 -61.49
CA GLU I 102 -33.06 -21.92 -61.76
C GLU I 102 -32.88 -22.11 -63.27
N PRO I 103 -31.68 -22.46 -63.74
CA PRO I 103 -31.52 -22.70 -65.18
C PRO I 103 -32.41 -23.83 -65.67
N SER I 104 -33.56 -23.48 -66.27
CA SER I 104 -34.46 -24.50 -66.78
C SER I 104 -33.89 -25.13 -68.05
N GLY I 105 -34.24 -26.39 -68.27
CA GLY I 105 -33.67 -27.17 -69.35
C GLY I 105 -32.42 -27.94 -68.97
N LEU I 106 -31.74 -27.54 -67.91
CA LEU I 106 -30.60 -28.26 -67.38
C LEU I 106 -30.98 -29.23 -66.26
N ARG I 107 -32.27 -29.57 -66.15
CA ARG I 107 -32.71 -30.49 -65.10
C ARG I 107 -32.50 -31.94 -65.51
N SER I 108 -32.87 -32.29 -66.74
CA SER I 108 -32.73 -33.66 -67.22
C SER I 108 -32.87 -33.68 -68.73
N GLY I 109 -32.53 -34.82 -69.32
CA GLY I 109 -32.67 -35.01 -70.74
C GLY I 109 -31.48 -34.51 -71.55
N GLN I 110 -31.26 -33.19 -71.52
CA GLN I 110 -30.15 -32.61 -72.25
C GLN I 110 -28.83 -33.26 -71.87
N SER I 111 -28.54 -33.30 -70.57
CA SER I 111 -27.28 -33.82 -70.06
C SER I 111 -27.46 -35.12 -69.30
N GLY I 112 -28.22 -35.09 -68.21
CA GLY I 112 -28.45 -36.28 -67.42
C GLY I 112 -29.11 -35.95 -66.09
N PRO I 113 -29.05 -36.90 -65.14
CA PRO I 113 -29.63 -36.61 -63.81
C PRO I 113 -29.06 -35.37 -63.16
N CYS I 114 -27.73 -35.24 -63.12
CA CYS I 114 -27.06 -34.06 -62.56
C CYS I 114 -27.41 -33.89 -61.08
N LEU I 115 -27.19 -34.95 -60.31
CA LEU I 115 -27.39 -34.90 -58.86
C LEU I 115 -26.10 -35.27 -58.14
N SER I 118 -22.88 -35.01 -52.94
CA SER I 118 -22.19 -36.15 -52.34
C SER I 118 -20.87 -35.70 -51.74
N THR I 119 -20.28 -36.57 -50.90
CA THR I 119 -19.00 -36.25 -50.30
C THR I 119 -17.90 -36.19 -51.35
N ASP I 120 -17.88 -37.16 -52.27
CA ASP I 120 -16.93 -37.18 -53.37
C ASP I 120 -17.71 -37.43 -54.66
N VAL I 121 -17.60 -36.50 -55.60
CA VAL I 121 -18.33 -36.56 -56.85
C VAL I 121 -17.34 -36.64 -58.01
N ASP I 122 -17.55 -37.62 -58.89
CA ASP I 122 -16.79 -37.65 -60.13
C ASP I 122 -17.09 -36.39 -60.94
N LEU I 123 -16.21 -36.07 -61.88
CA LEU I 123 -16.36 -34.90 -62.74
C LEU I 123 -16.56 -35.37 -64.19
N PRO I 124 -17.80 -35.57 -64.62
CA PRO I 124 -18.03 -35.98 -66.02
C PRO I 124 -18.11 -34.78 -66.95
N LYS I 125 -17.68 -35.02 -68.20
CA LYS I 125 -17.76 -33.98 -69.21
C LYS I 125 -19.15 -33.89 -69.82
N ASN I 126 -19.83 -35.03 -69.95
CA ASN I 126 -21.19 -35.02 -70.48
C ASN I 126 -22.12 -34.17 -69.63
N SER I 127 -22.05 -34.36 -68.30
CA SER I 127 -22.92 -33.65 -67.39
C SER I 127 -22.09 -33.04 -66.26
N ILE I 128 -22.58 -31.92 -65.73
CA ILE I 128 -21.97 -31.24 -64.59
C ILE I 128 -23.03 -31.11 -63.51
N ILE I 129 -22.69 -31.53 -62.28
CA ILE I 129 -23.68 -31.61 -61.23
C ILE I 129 -24.30 -30.24 -60.96
N MET I 130 -25.52 -30.25 -60.43
CA MET I 130 -26.30 -29.04 -60.19
C MET I 130 -26.69 -28.99 -58.72
N LEU I 131 -26.38 -27.89 -58.05
CA LEU I 131 -26.75 -27.69 -56.66
C LEU I 131 -27.18 -26.25 -56.41
N ASP I 134 -33.34 -25.83 -48.57
CA ASP I 134 -31.98 -25.67 -49.07
C ASP I 134 -31.32 -27.04 -49.24
N ASP I 135 -30.48 -27.17 -50.28
CA ASP I 135 -29.80 -28.42 -50.55
C ASP I 135 -28.45 -28.54 -49.85
N PHE I 136 -27.82 -27.41 -49.51
CA PHE I 136 -26.60 -27.47 -48.70
C PHE I 136 -26.87 -28.22 -47.41
N ILE I 137 -27.77 -27.70 -46.57
CA ILE I 137 -28.11 -28.34 -45.31
C ILE I 137 -28.82 -29.67 -45.49
N LYS I 138 -29.31 -29.96 -46.70
CA LYS I 138 -30.03 -31.21 -46.91
C LYS I 138 -29.11 -32.42 -46.81
N PHE I 139 -27.84 -32.28 -47.22
CA PHE I 139 -26.85 -33.31 -47.01
C PHE I 139 -25.76 -32.90 -46.03
N LYS I 140 -25.78 -31.67 -45.54
CA LYS I 140 -24.88 -31.32 -44.44
C LYS I 140 -25.28 -32.01 -43.14
N SER I 141 -26.51 -32.54 -43.07
CA SER I 141 -27.03 -33.08 -41.81
C SER I 141 -26.54 -34.49 -41.56
N PRO I 142 -26.65 -35.41 -42.52
CA PRO I 142 -26.17 -36.78 -42.26
C PRO I 142 -24.74 -36.84 -41.78
N LEU I 143 -23.91 -35.85 -42.14
CA LEU I 143 -22.51 -35.83 -41.75
C LEU I 143 -22.29 -35.10 -40.42
N VAL I 144 -22.85 -33.89 -40.29
CA VAL I 144 -22.55 -33.03 -39.14
C VAL I 144 -23.49 -33.34 -37.99
N PHE I 145 -23.19 -32.79 -36.82
CA PHE I 145 -24.05 -32.95 -35.64
C PHE I 145 -25.28 -32.05 -35.77
N PRO I 146 -26.47 -32.54 -35.41
CA PRO I 146 -27.68 -31.73 -35.62
C PRO I 146 -27.66 -30.39 -34.92
N ALA I 147 -26.85 -30.21 -33.87
CA ALA I 147 -26.88 -28.96 -33.13
C ALA I 147 -26.14 -27.84 -33.85
N GLU I 148 -25.13 -28.17 -34.65
CA GLU I 148 -24.33 -27.17 -35.33
C GLU I 148 -24.52 -27.28 -36.84
N LEU I 149 -25.78 -27.24 -37.29
CA LEU I 149 -26.13 -27.33 -38.69
C LEU I 149 -26.17 -25.97 -39.38
N ASP I 150 -26.12 -24.88 -38.62
CA ASP I 150 -26.18 -23.54 -39.20
C ASP I 150 -24.89 -23.22 -39.94
N LEU I 151 -24.99 -22.31 -40.91
CA LEU I 151 -23.83 -21.94 -41.70
C LEU I 151 -22.74 -21.32 -40.83
N LEU I 152 -23.13 -20.55 -39.82
CA LEU I 152 -22.14 -19.92 -38.95
C LEU I 152 -21.25 -20.95 -38.28
N LYS I 153 -21.78 -22.14 -38.01
CA LYS I 153 -21.01 -23.19 -37.34
C LYS I 153 -20.20 -24.03 -38.30
N SER I 154 -20.75 -24.34 -39.48
CA SER I 154 -20.05 -25.15 -40.47
C SER I 154 -20.44 -24.69 -41.86
N MET I 155 -19.44 -24.55 -42.74
CA MET I 155 -19.68 -24.11 -44.11
C MET I 155 -19.26 -25.20 -45.09
N VAL I 156 -20.00 -25.33 -46.18
CA VAL I 156 -19.68 -26.29 -47.23
C VAL I 156 -18.69 -25.66 -48.19
N VAL I 157 -17.71 -26.45 -48.64
CA VAL I 157 -16.68 -25.98 -49.55
C VAL I 157 -16.38 -27.08 -50.55
N CYS I 158 -15.79 -26.69 -51.68
CA CYS I 158 -15.43 -27.61 -52.75
C CYS I 158 -13.94 -27.52 -53.04
N ARG I 159 -13.27 -28.67 -53.04
CA ARG I 159 -11.83 -28.74 -53.25
C ARG I 159 -11.57 -29.14 -54.70
N ALA I 160 -10.99 -28.24 -55.47
CA ALA I 160 -10.71 -28.50 -56.87
C ALA I 160 -9.68 -29.62 -57.00
N TYR I 161 -9.88 -30.51 -57.98
CA TYR I 161 -8.97 -31.63 -58.20
C TYR I 161 -9.00 -32.01 -59.69
N ILE I 162 -8.38 -31.16 -60.50
CA ILE I 162 -8.15 -31.44 -61.92
C ILE I 162 -6.70 -31.88 -62.07
N THR I 163 -6.49 -33.04 -62.68
CA THR I 163 -5.18 -33.66 -62.77
C THR I 163 -4.76 -33.78 -64.23
N GLU I 164 -3.58 -34.36 -64.44
CA GLU I 164 -3.03 -34.46 -65.79
C GLU I 164 -3.70 -35.55 -66.61
N HIS I 165 -3.99 -36.70 -65.99
CA HIS I 165 -4.57 -37.83 -66.69
C HIS I 165 -5.95 -38.18 -66.17
N ARG I 166 -6.65 -37.22 -65.57
CA ARG I 166 -7.96 -37.45 -64.96
C ARG I 166 -8.46 -36.12 -64.43
N THR I 167 -9.77 -36.05 -64.22
CA THR I 167 -10.41 -34.92 -63.56
C THR I 167 -11.31 -35.46 -62.45
N THR I 168 -11.62 -34.59 -61.49
CA THR I 168 -12.56 -34.95 -60.44
C THR I 168 -12.78 -33.72 -59.57
N MET I 169 -13.72 -33.85 -58.63
CA MET I 169 -14.02 -32.78 -57.69
C MET I 169 -14.59 -33.42 -56.43
N GLN I 170 -14.58 -32.66 -55.35
CA GLN I 170 -15.00 -33.19 -54.06
C GLN I 170 -15.56 -32.06 -53.21
N PHE I 171 -16.59 -32.39 -52.44
CA PHE I 171 -17.22 -31.46 -51.51
C PHE I 171 -16.97 -31.92 -50.08
N LEU I 172 -16.69 -30.99 -49.19
CA LEU I 172 -16.58 -31.30 -47.77
C LEU I 172 -17.07 -30.10 -46.98
N VAL I 173 -16.98 -30.21 -45.65
CA VAL I 173 -17.49 -29.18 -44.76
C VAL I 173 -16.37 -28.74 -43.82
N PHE I 174 -16.52 -27.54 -43.28
CA PHE I 174 -15.51 -26.91 -42.45
C PHE I 174 -16.14 -26.38 -41.18
N GLN I 175 -15.60 -26.79 -40.04
CA GLN I 175 -15.89 -26.23 -38.74
C GLN I 175 -14.79 -25.23 -38.39
N ALA I 176 -14.73 -24.81 -37.13
CA ALA I 176 -13.71 -23.90 -36.65
C ALA I 176 -12.93 -24.52 -35.51
N ALA I 177 -11.64 -24.19 -35.43
CA ALA I 177 -10.78 -24.64 -34.35
C ALA I 177 -10.64 -23.61 -33.25
N ASN I 178 -10.66 -22.32 -33.58
CA ASN I 178 -10.60 -21.25 -32.58
C ASN I 178 -12.02 -20.82 -32.23
N ALA I 179 -12.52 -21.31 -31.09
CA ALA I 179 -13.81 -20.84 -30.60
C ALA I 179 -13.72 -19.40 -30.11
N GLN I 180 -12.60 -19.04 -29.49
CA GLN I 180 -12.40 -17.68 -29.01
C GLN I 180 -12.52 -16.68 -30.16
N LYS I 181 -11.68 -16.81 -31.17
CA LYS I 181 -11.69 -15.87 -32.29
C LYS I 181 -12.99 -15.98 -33.09
N ALA I 182 -13.56 -17.18 -33.16
CA ALA I 182 -14.86 -17.33 -33.84
C ALA I 182 -15.92 -16.47 -33.17
N SER I 183 -16.09 -16.62 -31.86
CA SER I 183 -17.08 -15.81 -31.16
C SER I 183 -16.70 -14.33 -31.16
N ARG I 184 -15.40 -14.02 -31.20
CA ARG I 184 -15.00 -12.62 -31.27
C ARG I 184 -15.49 -11.99 -32.57
N VAL I 185 -15.26 -12.66 -33.70
CA VAL I 185 -15.72 -12.13 -34.98
C VAL I 185 -17.24 -12.09 -35.02
N MET I 186 -17.90 -13.12 -34.48
CA MET I 186 -19.36 -13.12 -34.43
C MET I 186 -19.88 -11.90 -33.67
N ASP I 187 -19.28 -11.62 -32.51
CA ASP I 187 -19.75 -10.51 -31.69
C ASP I 187 -19.39 -9.16 -32.32
N MET I 188 -18.27 -9.09 -33.03
CA MET I 188 -17.95 -7.87 -33.75
C MET I 188 -18.98 -7.60 -34.85
N ILE I 189 -19.38 -8.64 -35.57
CA ILE I 189 -20.39 -8.46 -36.61
C ILE I 189 -21.73 -8.09 -35.99
N SER I 190 -22.05 -8.69 -34.83
CA SER I 190 -23.28 -8.32 -34.14
C SER I 190 -23.24 -6.87 -33.68
N ASP I 191 -22.07 -6.40 -33.27
CA ASP I 191 -21.94 -4.99 -32.86
C ASP I 191 -22.04 -4.07 -34.07
N MET I 192 -21.53 -4.49 -35.21
CA MET I 192 -21.71 -3.72 -36.43
C MET I 192 -23.18 -3.67 -36.83
N SER I 193 -23.93 -4.74 -36.55
CA SER I 193 -25.35 -4.74 -36.86
C SER I 193 -26.13 -3.85 -35.90
N GLN I 194 -25.81 -3.90 -34.61
CA GLN I 194 -26.52 -3.08 -33.64
C GLN I 194 -26.11 -1.61 -33.68
N GLN I 195 -24.95 -1.31 -34.28
CA GLN I 195 -24.59 0.08 -34.57
C GLN I 195 -25.35 0.65 -35.76
N LEU I 196 -26.04 -0.20 -36.53
CA LEU I 196 -26.80 0.24 -37.69
C LEU I 196 -28.30 0.08 -37.42
N SER J 22 -28.40 -14.02 -35.61
CA SER J 22 -29.21 -14.39 -36.77
C SER J 22 -28.38 -14.32 -38.05
N LEU J 23 -28.99 -14.72 -39.17
CA LEU J 23 -28.30 -14.78 -40.45
C LEU J 23 -28.33 -13.44 -41.18
N ARG J 24 -29.52 -12.85 -41.33
CA ARG J 24 -29.61 -11.55 -41.98
C ARG J 24 -28.74 -10.52 -41.26
N ASP J 25 -28.68 -10.59 -39.93
CA ASP J 25 -27.75 -9.74 -39.20
C ASP J 25 -26.31 -10.02 -39.64
N PHE J 26 -25.97 -11.28 -39.82
CA PHE J 26 -24.62 -11.66 -40.24
C PHE J 26 -24.26 -10.98 -41.56
N PHE J 27 -25.08 -11.19 -42.58
CA PHE J 27 -24.78 -10.65 -43.91
C PHE J 27 -25.07 -9.16 -44.02
N ARG J 28 -25.78 -8.57 -43.06
CA ARG J 28 -25.97 -7.13 -43.02
C ARG J 28 -24.79 -6.43 -42.38
N GLY J 29 -24.14 -7.09 -41.43
CA GLY J 29 -22.91 -6.56 -40.86
C GLY J 29 -21.72 -6.78 -41.77
N ILE J 30 -21.69 -7.92 -42.46
CA ILE J 30 -20.59 -8.19 -43.38
C ILE J 30 -20.64 -7.24 -44.57
N SER J 31 -21.84 -7.00 -45.11
CA SER J 31 -21.99 -5.98 -46.13
C SER J 31 -21.61 -4.62 -45.54
N ALA J 32 -20.86 -3.84 -46.34
CA ALA J 32 -20.25 -2.56 -45.94
C ALA J 32 -18.76 -2.79 -45.70
N ASN J 33 -18.39 -3.18 -44.48
CA ASN J 33 -17.00 -3.52 -44.17
C ASN J 33 -16.86 -5.03 -44.40
N PHE J 34 -16.47 -5.40 -45.62
CA PHE J 34 -16.36 -6.80 -45.99
C PHE J 34 -15.18 -7.50 -45.32
N GLU J 35 -14.28 -6.75 -44.70
CA GLU J 35 -13.14 -7.37 -44.04
C GLU J 35 -13.56 -8.20 -42.85
N LEU J 36 -14.67 -7.86 -42.19
CA LEU J 36 -15.16 -8.70 -41.11
C LEU J 36 -15.67 -10.04 -41.64
N GLY J 37 -16.42 -10.01 -42.74
CA GLY J 37 -16.83 -11.25 -43.36
C GLY J 37 -15.68 -12.09 -43.86
N LYS J 38 -14.59 -11.42 -44.28
CA LYS J 38 -13.39 -12.17 -44.66
C LYS J 38 -12.66 -12.71 -43.44
N ASP J 39 -12.74 -12.01 -42.31
CA ASP J 39 -12.15 -12.50 -41.07
C ASP J 39 -12.87 -13.75 -40.59
N PHE J 40 -14.20 -13.80 -40.77
CA PHE J 40 -14.95 -14.96 -40.34
C PHE J 40 -14.51 -16.25 -41.03
N LEU J 41 -13.92 -16.15 -42.23
CA LEU J 41 -13.60 -17.36 -43.00
C LEU J 41 -12.26 -17.97 -42.60
N ARG J 42 -11.29 -17.16 -42.16
CA ARG J 42 -9.99 -17.70 -41.79
C ARG J 42 -10.11 -18.66 -40.61
N GLU J 43 -10.81 -18.23 -39.56
CA GLU J 43 -10.95 -19.06 -38.35
C GLU J 43 -11.75 -20.32 -38.58
N MET J 44 -12.23 -20.56 -39.81
CA MET J 44 -12.84 -21.83 -40.18
C MET J 44 -11.77 -22.66 -40.87
N ASN J 45 -10.93 -23.29 -40.05
CA ASN J 45 -9.70 -23.91 -40.53
C ASN J 45 -9.48 -25.28 -39.90
N THR J 46 -10.55 -26.09 -39.86
CA THR J 46 -10.43 -27.47 -39.42
C THR J 46 -11.40 -28.36 -40.21
N PRO J 47 -10.89 -29.31 -41.00
CA PRO J 47 -11.81 -30.19 -41.74
C PRO J 47 -12.66 -31.02 -40.79
N ILE J 48 -13.83 -31.44 -41.29
CA ILE J 48 -14.75 -32.20 -40.45
C ILE J 48 -14.23 -33.60 -40.18
N HIS J 49 -13.63 -34.23 -41.20
CA HIS J 49 -13.10 -35.58 -41.04
C HIS J 49 -11.96 -35.75 -42.04
N VAL J 50 -10.74 -35.44 -41.57
CA VAL J 50 -9.56 -35.64 -42.40
C VAL J 50 -9.25 -37.12 -42.59
N SER J 51 -9.72 -37.98 -41.68
CA SER J 51 -9.35 -39.38 -41.67
C SER J 51 -10.58 -40.26 -41.92
N GLU J 52 -10.31 -41.56 -42.03
CA GLU J 52 -11.34 -42.54 -42.33
C GLU J 52 -10.82 -43.92 -41.92
N ALA J 53 -11.71 -44.76 -41.42
CA ALA J 53 -11.36 -46.14 -41.05
C ALA J 53 -11.44 -47.04 -42.27
N VAL J 54 -10.51 -47.98 -42.35
CA VAL J 54 -10.35 -48.83 -43.53
C VAL J 54 -10.34 -50.30 -43.10
N PHE J 55 -10.80 -51.17 -44.01
CA PHE J 55 -10.79 -52.60 -43.78
C PHE J 55 -9.46 -53.21 -44.18
N LEU J 56 -9.21 -54.43 -43.71
CA LEU J 56 -7.98 -55.13 -44.06
C LEU J 56 -7.90 -55.40 -45.56
N PRO J 57 -8.79 -56.18 -46.17
CA PRO J 57 -8.83 -56.21 -47.64
C PRO J 57 -9.33 -54.88 -48.19
N LEU J 58 -8.64 -54.37 -49.20
CA LEU J 58 -9.03 -53.10 -49.80
C LEU J 58 -8.54 -53.03 -51.24
N SER J 59 -9.46 -52.78 -52.16
CA SER J 59 -9.11 -52.50 -53.55
C SER J 59 -8.82 -51.01 -53.68
N LEU J 60 -7.61 -50.68 -54.12
CA LEU J 60 -7.17 -49.30 -54.19
C LEU J 60 -7.49 -48.64 -55.53
N CYS J 61 -8.22 -49.34 -56.42
CA CYS J 61 -8.61 -48.78 -57.71
C CYS J 61 -10.05 -48.28 -57.70
N THR J 62 -10.58 -47.94 -56.52
CA THR J 62 -11.94 -47.44 -56.42
C THR J 62 -12.10 -46.12 -57.17
N LEU J 63 -13.34 -45.63 -57.23
CA LEU J 63 -13.61 -44.37 -57.90
C LEU J 63 -13.26 -43.17 -57.04
N SER J 64 -13.25 -43.33 -55.72
CA SER J 64 -12.91 -42.22 -54.84
C SER J 64 -11.49 -41.74 -55.13
N PRO J 65 -11.24 -40.43 -55.11
CA PRO J 65 -9.91 -39.93 -55.52
C PRO J 65 -8.84 -40.34 -54.53
N GLY J 66 -7.59 -40.18 -54.98
CA GLY J 66 -6.43 -40.53 -54.18
C GLY J 66 -6.39 -39.84 -52.84
N ARG J 67 -6.09 -40.61 -51.80
CA ARG J 67 -5.94 -40.08 -50.44
C ARG J 67 -4.94 -40.96 -49.71
N CYS J 68 -3.86 -40.37 -49.21
CA CYS J 68 -2.80 -41.13 -48.57
C CYS J 68 -3.38 -42.06 -47.51
N LEU J 69 -2.65 -43.13 -47.18
CA LEU J 69 -3.15 -44.12 -46.24
C LEU J 69 -2.02 -44.52 -45.31
N ARG J 70 -2.39 -45.05 -44.14
CA ARG J 70 -1.42 -45.52 -43.15
C ARG J 70 -1.83 -46.93 -42.73
N LEU J 71 -0.93 -47.90 -42.94
CA LEU J 71 -1.18 -49.28 -42.57
C LEU J 71 -0.47 -49.58 -41.26
N SER J 72 -1.26 -49.96 -40.24
CA SER J 72 -0.77 -50.36 -38.94
C SER J 72 -1.84 -51.27 -38.35
N PRO J 73 -1.47 -52.39 -37.74
CA PRO J 73 -2.50 -53.33 -37.26
C PRO J 73 -3.53 -52.68 -36.33
N PHE J 74 -3.20 -51.53 -35.76
CA PHE J 74 -4.13 -50.84 -34.86
C PHE J 74 -4.27 -49.37 -35.25
N HIS J 76 -4.79 -49.47 -39.96
CA HIS J 76 -5.31 -49.17 -41.28
C HIS J 76 -6.22 -47.94 -41.22
N SER J 77 -5.72 -46.81 -41.71
CA SER J 77 -6.48 -45.57 -41.66
C SER J 77 -6.13 -44.72 -42.88
N LEU J 78 -7.15 -44.24 -43.57
CA LEU J 78 -6.99 -43.35 -44.71
C LEU J 78 -7.04 -41.90 -44.21
N THR J 79 -6.32 -41.03 -44.93
CA THR J 79 -6.34 -39.60 -44.62
C THR J 79 -6.19 -38.82 -45.93
N LEU J 80 -6.72 -37.60 -45.93
CA LEU J 80 -6.67 -36.77 -47.12
C LEU J 80 -5.25 -36.25 -47.34
N GLY J 81 -4.89 -36.10 -48.62
CA GLY J 81 -3.56 -35.63 -48.96
C GLY J 81 -3.30 -34.20 -48.53
N SER J 82 -4.35 -33.38 -48.49
CA SER J 82 -4.16 -31.99 -48.07
C SER J 82 -3.95 -31.88 -46.57
N HIS J 83 -4.46 -32.83 -45.79
CA HIS J 83 -4.35 -32.77 -44.34
C HIS J 83 -3.65 -34.00 -43.78
N CYS J 84 -2.39 -34.20 -44.19
CA CYS J 84 -1.53 -35.21 -43.62
C CYS J 84 -0.15 -34.60 -43.46
N GLU J 85 0.38 -34.61 -42.23
CA GLU J 85 1.64 -33.95 -41.97
C GLU J 85 2.76 -34.52 -42.84
N ILE J 86 2.94 -35.83 -42.81
CA ILE J 86 4.04 -36.45 -43.53
C ILE J 86 3.91 -36.20 -45.03
N CYS J 87 2.68 -36.23 -45.55
CA CYS J 87 2.48 -36.07 -46.99
C CYS J 87 2.92 -34.69 -47.46
N ILE J 88 2.29 -33.64 -46.95
CA ILE J 88 2.62 -32.29 -47.38
C ILE J 88 4.06 -31.96 -47.00
N ASN J 89 4.57 -32.56 -45.93
CA ASN J 89 5.96 -32.37 -45.52
C ASN J 89 6.91 -32.88 -46.60
N ARG J 90 6.82 -34.17 -46.92
CA ARG J 90 7.77 -34.78 -47.84
C ARG J 90 7.52 -34.37 -49.29
N SER J 91 6.32 -33.91 -49.62
CA SER J 91 6.07 -33.44 -50.98
C SER J 91 6.72 -32.08 -51.22
N GLN J 92 6.63 -31.18 -50.24
CA GLN J 92 7.18 -29.84 -50.38
C GLN J 92 8.71 -29.89 -50.42
N PHE J 99 8.42 -41.59 -62.69
CA PHE J 99 7.67 -40.51 -63.31
C PHE J 99 6.35 -41.03 -63.90
N SER J 100 5.54 -40.11 -64.42
CA SER J 100 4.23 -40.47 -64.93
C SER J 100 4.29 -41.37 -66.16
N SER J 101 5.46 -41.51 -66.77
CA SER J 101 5.61 -42.46 -67.86
C SER J 101 5.28 -43.87 -67.39
N THR J 102 4.64 -44.64 -68.26
CA THR J 102 4.32 -46.04 -67.97
C THR J 102 4.92 -46.99 -68.98
N GLN J 103 4.85 -46.68 -70.28
CA GLN J 103 5.60 -47.42 -71.28
C GLN J 103 7.00 -46.85 -71.46
N LEU J 104 7.12 -45.52 -71.46
CA LEU J 104 8.43 -44.90 -71.54
C LEU J 104 9.24 -45.16 -70.28
N SER J 105 8.57 -45.40 -69.14
CA SER J 105 9.30 -45.84 -67.95
C SER J 105 9.85 -47.25 -68.14
N PHE J 106 9.03 -48.15 -68.70
CA PHE J 106 9.52 -49.48 -69.04
C PHE J 106 10.70 -49.40 -70.02
N PHE J 107 10.72 -48.37 -70.88
CA PHE J 107 11.81 -48.20 -71.81
C PHE J 107 13.07 -47.69 -71.09
N ASN J 108 12.91 -46.66 -70.26
CA ASN J 108 14.06 -46.07 -69.58
C ASN J 108 14.69 -47.05 -68.60
N ASN J 109 13.89 -47.56 -67.66
CA ASN J 109 14.41 -48.38 -66.58
C ASN J 109 15.13 -49.62 -67.10
N VAL J 110 14.38 -50.56 -67.68
CA VAL J 110 14.96 -51.78 -68.22
C VAL J 110 15.38 -51.54 -69.67
N ILE J 113 19.32 -55.47 -65.77
CA ILE J 113 20.19 -54.38 -65.33
C ILE J 113 20.49 -54.56 -63.85
N ILE J 114 21.66 -54.12 -63.41
CA ILE J 114 22.09 -54.32 -62.03
C ILE J 114 21.20 -53.48 -61.10
N PRO J 115 20.94 -52.21 -61.41
CA PRO J 115 19.82 -51.54 -60.76
C PRO J 115 18.53 -52.35 -60.95
N ASN J 116 17.64 -52.26 -59.97
CA ASN J 116 16.42 -53.07 -59.92
C ASN J 116 16.73 -54.54 -60.21
N LYS J 117 17.88 -55.01 -59.72
CA LYS J 117 18.24 -56.41 -59.90
C LYS J 117 17.19 -57.34 -59.31
N THR J 118 16.53 -56.91 -58.23
CA THR J 118 15.58 -57.78 -57.56
C THR J 118 14.48 -58.24 -58.52
N PHE J 119 14.18 -57.45 -59.55
CA PHE J 119 13.18 -57.89 -60.52
C PHE J 119 13.65 -59.13 -61.28
N TYR J 120 14.84 -59.05 -61.89
CA TYR J 120 15.39 -60.20 -62.59
C TYR J 120 15.59 -61.37 -61.64
N VAL J 121 15.91 -61.11 -60.38
CA VAL J 121 16.20 -62.20 -59.45
C VAL J 121 14.91 -62.88 -58.98
N SER J 122 13.84 -62.11 -58.81
CA SER J 122 12.57 -62.70 -58.42
C SER J 122 11.92 -63.43 -59.58
N LEU J 123 12.07 -62.89 -60.80
CA LEU J 123 11.64 -63.64 -61.98
C LEU J 123 12.37 -64.99 -62.05
N LEU J 124 13.59 -65.06 -61.51
CA LEU J 124 14.33 -66.31 -61.43
C LEU J 124 14.45 -66.76 -59.98
N VAL J 131 8.07 -66.45 -66.63
CA VAL J 131 9.31 -65.68 -66.73
C VAL J 131 9.40 -65.06 -68.12
N LYS J 132 9.06 -65.86 -69.14
CA LYS J 132 9.05 -65.32 -70.50
C LYS J 132 8.00 -64.24 -70.65
N ALA J 133 6.92 -64.32 -69.87
CA ALA J 133 5.91 -63.27 -69.85
C ALA J 133 6.37 -62.02 -69.12
N GLY J 134 7.49 -62.09 -68.40
CA GLY J 134 7.96 -60.93 -67.66
C GLY J 134 8.26 -59.73 -68.54
N LEU J 135 8.69 -59.98 -69.78
CA LEU J 135 8.97 -58.88 -70.70
C LEU J 135 7.69 -58.35 -71.35
N SER J 136 6.72 -59.24 -71.63
CA SER J 136 5.49 -58.83 -72.29
C SER J 136 4.54 -58.06 -71.38
N GLN J 137 4.89 -57.88 -70.11
CA GLN J 137 4.08 -57.08 -69.18
C GLN J 137 4.94 -55.96 -68.61
N PRO J 138 4.71 -54.70 -69.00
CA PRO J 138 5.64 -53.64 -68.59
C PRO J 138 5.27 -52.97 -67.28
N SER J 139 4.04 -53.14 -66.82
CA SER J 139 3.54 -52.34 -65.70
C SER J 139 4.05 -52.84 -64.35
N LEU J 140 4.32 -54.13 -64.22
CA LEU J 140 4.84 -54.65 -62.96
C LEU J 140 6.21 -54.06 -62.66
N LEU J 141 7.04 -53.88 -63.69
CA LEU J 141 8.32 -53.21 -63.52
C LEU J 141 8.13 -51.84 -62.89
N TYR J 142 7.16 -51.07 -63.39
CA TYR J 142 6.93 -49.75 -62.83
C TYR J 142 6.35 -49.84 -61.42
N ALA J 143 5.50 -50.83 -61.17
CA ALA J 143 4.99 -51.02 -59.82
C ALA J 143 6.14 -51.15 -58.83
N TYR J 144 7.11 -52.01 -59.15
CA TYR J 144 8.30 -52.10 -58.30
C TYR J 144 8.98 -50.74 -58.20
N LEU J 145 9.35 -50.17 -59.35
CA LEU J 145 10.18 -48.97 -59.39
C LEU J 145 9.48 -47.72 -58.85
N VAL J 146 8.21 -47.80 -58.44
CA VAL J 146 7.51 -46.68 -57.81
C VAL J 146 7.17 -46.98 -56.36
N THR J 147 6.59 -48.16 -56.09
CA THR J 147 6.31 -48.51 -54.71
C THR J 147 7.57 -48.56 -53.88
N GLY J 148 8.70 -48.98 -54.47
CA GLY J 148 9.95 -48.95 -53.74
C GLY J 148 10.40 -47.53 -53.44
N HIS J 149 10.29 -46.63 -54.43
CA HIS J 149 10.70 -45.25 -54.22
C HIS J 149 9.91 -44.62 -53.09
N PHE J 150 8.59 -44.83 -53.06
CA PHE J 150 7.77 -44.14 -52.07
C PHE J 150 7.81 -44.82 -50.71
N CYS J 151 7.81 -46.16 -50.66
CA CYS J 151 7.79 -46.90 -49.42
C CYS J 151 9.15 -47.52 -49.07
N GLY J 152 10.23 -47.00 -49.64
CA GLY J 152 11.54 -47.55 -49.40
C GLY J 152 11.71 -48.89 -50.10
N THR J 153 12.92 -49.44 -49.98
CA THR J 153 13.24 -50.71 -50.61
C THR J 153 12.23 -51.78 -50.19
N ILE J 154 11.73 -52.52 -51.17
CA ILE J 154 10.73 -53.57 -50.96
C ILE J 154 11.25 -54.86 -51.56
N CYS J 155 10.40 -55.88 -51.62
CA CYS J 155 10.81 -57.13 -52.28
C CYS J 155 9.65 -57.70 -53.10
N PRO J 156 9.82 -57.91 -54.41
CA PRO J 156 8.72 -58.46 -55.20
C PRO J 156 8.79 -59.97 -55.34
N ILE J 157 7.67 -60.65 -55.10
CA ILE J 157 7.53 -62.07 -55.41
C ILE J 157 6.42 -62.22 -56.44
N PHE J 158 6.73 -62.95 -57.52
CA PHE J 158 5.77 -63.14 -58.62
C PHE J 158 5.05 -64.46 -58.39
N SER J 159 3.88 -64.38 -57.75
CA SER J 159 3.04 -65.55 -57.59
C SER J 159 2.56 -66.02 -58.97
N THR J 160 2.61 -67.33 -59.18
CA THR J 160 2.25 -67.90 -60.48
C THR J 160 0.77 -68.27 -60.51
N GLY J 162 -3.16 -67.16 -61.16
CA GLY J 162 -4.21 -66.41 -61.84
C GLY J 162 -4.78 -67.15 -63.03
N LYS J 163 -4.80 -68.49 -62.94
CA LYS J 163 -5.27 -69.34 -64.02
C LYS J 163 -4.46 -69.08 -65.30
N GLY J 164 -3.15 -69.26 -65.18
CA GLY J 164 -2.24 -69.01 -66.27
C GLY J 164 -1.87 -67.57 -66.49
N ARG J 165 -2.46 -66.64 -65.75
CA ARG J 165 -2.14 -65.21 -65.85
C ARG J 165 -1.31 -64.79 -64.66
N LEU J 166 -0.27 -64.00 -64.93
CA LEU J 166 0.72 -63.69 -63.91
C LEU J 166 0.18 -62.70 -62.89
N ILE J 167 0.64 -62.84 -61.65
CA ILE J 167 0.21 -62.01 -60.53
C ILE J 167 1.43 -61.71 -59.66
N MET J 168 1.41 -60.56 -59.00
CA MET J 168 2.58 -60.03 -58.31
C MET J 168 2.22 -59.54 -56.93
N HIS J 169 3.12 -59.80 -55.97
CA HIS J 169 3.00 -59.28 -54.62
C HIS J 169 4.25 -58.47 -54.29
N LEU J 170 4.06 -57.27 -53.75
CA LEU J 170 5.15 -56.36 -53.41
C LEU J 170 5.25 -56.30 -51.88
N LEU J 171 6.10 -57.15 -51.33
CA LEU J 171 6.31 -57.21 -49.89
C LEU J 171 6.96 -55.91 -49.40
N LEU J 172 6.25 -55.19 -48.53
CA LEU J 172 6.80 -53.98 -47.93
C LEU J 172 7.95 -54.29 -46.99
N GLN J 173 7.97 -55.49 -46.41
CA GLN J 173 9.00 -55.88 -45.44
C GLN J 173 8.94 -55.02 -44.18
N GLY J 174 7.74 -54.61 -43.79
CA GLY J 174 7.57 -53.80 -42.60
C GLY J 174 6.34 -54.22 -41.83
N THR J 175 6.34 -53.87 -40.54
CA THR J 175 5.21 -54.15 -39.67
C THR J 175 4.17 -53.04 -39.66
N SER J 176 4.53 -51.86 -40.14
CA SER J 176 3.60 -50.74 -40.23
C SER J 176 4.28 -49.56 -40.91
N LEU J 177 3.56 -48.82 -41.74
CA LEU J 177 4.17 -47.73 -42.49
C LEU J 177 3.07 -46.89 -43.17
N HIS J 178 3.49 -45.74 -43.68
CA HIS J 178 2.58 -44.76 -44.28
C HIS J 178 2.74 -44.79 -45.79
N ILE J 179 1.70 -45.25 -46.48
CA ILE J 179 1.66 -45.28 -47.94
C ILE J 179 1.26 -43.89 -48.44
N PRO J 180 2.14 -43.16 -49.12
CA PRO J 180 1.79 -41.81 -49.57
C PRO J 180 0.61 -41.82 -50.54
N GLU J 181 0.14 -40.61 -50.85
CA GLU J 181 -0.98 -40.47 -51.77
C GLU J 181 -0.53 -40.56 -53.22
N THR J 182 0.53 -39.84 -53.58
CA THR J 182 0.94 -39.79 -54.97
C THR J 182 1.36 -41.16 -55.48
N CYS J 183 1.92 -42.01 -54.62
CA CYS J 183 2.22 -43.38 -55.02
C CYS J 183 0.98 -44.07 -55.57
N LEU J 184 -0.07 -44.17 -54.73
CA LEU J 184 -1.29 -44.84 -55.15
C LEU J 184 -1.93 -44.13 -56.34
N LYS J 185 -1.84 -42.80 -56.37
CA LYS J 185 -2.45 -42.05 -57.47
C LYS J 185 -1.79 -42.38 -58.81
N LEU J 186 -0.45 -42.35 -58.84
CA LEU J 186 0.27 -42.69 -60.06
C LEU J 186 0.08 -44.16 -60.42
N LEU J 187 -0.09 -45.02 -59.42
CA LEU J 187 -0.33 -46.43 -59.72
C LEU J 187 -1.70 -46.65 -60.34
N CYS J 188 -2.72 -45.92 -59.87
CA CYS J 188 -4.06 -46.09 -60.41
C CYS J 188 -4.21 -45.40 -61.76
N GLU J 189 -3.55 -44.25 -61.94
CA GLU J 189 -3.72 -43.50 -63.19
C GLU J 189 -3.00 -44.15 -64.36
N ASN J 190 -1.89 -44.85 -64.10
CA ASN J 190 -1.05 -45.39 -65.17
C ASN J 190 -1.13 -46.91 -65.21
N ILE J 191 -0.62 -47.62 -64.19
CA ILE J 191 -0.61 -49.08 -64.22
C ILE J 191 -1.85 -49.68 -63.56
N GLY J 192 -2.78 -48.86 -63.09
CA GLY J 192 -3.97 -49.35 -62.45
C GLY J 192 -5.00 -49.95 -63.38
N PRO J 193 -5.27 -49.33 -64.53
CA PRO J 193 -6.37 -49.82 -65.38
C PRO J 193 -6.11 -51.21 -65.94
N THR J 194 -4.86 -51.57 -66.19
CA THR J 194 -4.57 -52.88 -66.77
C THR J 194 -4.49 -53.98 -65.71
N TYR J 195 -4.20 -53.64 -64.46
CA TYR J 195 -4.06 -54.63 -63.41
C TYR J 195 -4.68 -54.12 -62.13
N GLU J 196 -5.42 -54.98 -61.44
CA GLU J 196 -6.01 -54.63 -60.17
C GLU J 196 -4.92 -54.38 -59.13
N LEU J 197 -5.24 -53.51 -58.17
CA LEU J 197 -4.36 -53.21 -57.05
C LEU J 197 -5.13 -53.37 -55.75
N ALA J 198 -4.51 -54.01 -54.75
CA ALA J 198 -5.18 -54.14 -53.46
C ALA J 198 -4.15 -54.43 -52.38
N VAL J 199 -4.37 -53.83 -51.20
CA VAL J 199 -3.52 -54.11 -50.06
C VAL J 199 -3.87 -55.49 -49.51
N ASP J 200 -2.85 -56.31 -49.27
CA ASP J 200 -3.02 -57.70 -48.91
C ASP J 200 -2.33 -58.00 -47.59
N LEU J 201 -2.99 -58.85 -46.79
CA LEU J 201 -2.65 -59.12 -45.41
C LEU J 201 -2.03 -60.50 -45.20
N VAL J 202 -1.81 -61.26 -46.27
CA VAL J 202 -1.40 -62.66 -46.12
C VAL J 202 0.00 -62.75 -45.53
N GLY J 203 0.95 -62.01 -46.08
CA GLY J 203 2.29 -62.04 -45.57
C GLY J 203 2.41 -61.46 -44.18
N ASP J 204 3.44 -61.88 -43.45
CA ASP J 204 3.70 -61.31 -42.13
C ASP J 204 3.85 -59.80 -42.20
N ALA J 205 4.20 -59.26 -43.35
CA ALA J 205 4.19 -57.82 -43.61
C ALA J 205 3.18 -57.53 -44.71
N PHE J 206 2.50 -56.38 -44.59
CA PHE J 206 1.57 -55.96 -45.63
C PHE J 206 2.22 -56.08 -47.00
N CYS J 207 1.39 -56.23 -48.03
CA CYS J 207 1.90 -56.18 -49.40
C CYS J 207 0.91 -55.45 -50.28
N ILE J 208 1.42 -54.95 -51.42
CA ILE J 208 0.58 -54.28 -52.40
C ILE J 208 0.32 -55.26 -53.54
N LYS J 209 -0.63 -56.17 -53.34
CA LYS J 209 -0.90 -57.19 -54.34
C LYS J 209 -1.39 -56.56 -55.64
N VAL J 210 -0.56 -56.64 -56.68
CA VAL J 210 -1.01 -56.45 -58.05
C VAL J 210 -1.70 -57.74 -58.49
N SER J 211 -2.71 -57.62 -59.33
CA SER J 211 -3.48 -58.79 -59.75
C SER J 211 -3.93 -58.60 -61.18
N PRO J 212 -4.23 -59.68 -61.89
CA PRO J 212 -4.68 -59.53 -63.29
C PRO J 212 -6.18 -59.27 -63.39
N ARG J 213 -6.52 -58.31 -64.24
CA ARG J 213 -7.93 -58.04 -64.52
C ARG J 213 -8.49 -59.09 -65.47
N ASP J 214 -9.79 -59.35 -65.34
CA ASP J 214 -10.41 -60.39 -66.15
C ASP J 214 -10.55 -59.96 -67.61
N THR J 215 -10.71 -58.66 -67.86
CA THR J 215 -10.99 -58.17 -69.21
C THR J 215 -9.72 -57.77 -69.95
N VAL J 216 -9.03 -56.74 -69.47
CA VAL J 216 -7.91 -56.16 -70.21
C VAL J 216 -6.67 -57.03 -70.04
N TYR J 217 -5.93 -57.20 -71.13
CA TYR J 217 -4.69 -57.97 -71.14
C TYR J 217 -3.49 -57.06 -71.42
N GLU J 218 -3.34 -56.58 -72.65
CA GLU J 218 -2.19 -55.79 -73.05
C GLU J 218 -0.89 -56.52 -72.75
N ASP J 234 24.76 -66.54 -63.90
CA ASP J 234 24.81 -65.25 -64.57
C ASP J 234 24.67 -64.11 -63.57
N LEU J 235 23.70 -64.24 -62.67
CA LEU J 235 23.46 -63.26 -61.62
C LEU J 235 23.69 -63.91 -60.27
N GLU J 236 24.61 -63.36 -59.49
CA GLU J 236 24.83 -63.86 -58.13
C GLU J 236 23.56 -63.65 -57.32
N CYS J 237 23.10 -64.70 -56.66
CA CYS J 237 21.82 -64.69 -55.97
C CYS J 237 21.97 -64.30 -54.52
N GLY J 238 20.98 -63.54 -54.02
CA GLY J 238 20.92 -63.24 -52.61
C GLY J 238 20.23 -64.36 -51.84
N ASP J 239 20.95 -64.96 -50.88
CA ASP J 239 20.44 -66.16 -50.23
C ASP J 239 19.30 -65.83 -49.29
N GLU J 240 19.45 -64.78 -48.47
CA GLU J 240 18.35 -64.38 -47.60
C GLU J 240 17.13 -64.01 -48.42
N LEU J 241 17.34 -63.37 -49.58
CA LEU J 241 16.23 -63.05 -50.46
C LEU J 241 15.59 -64.31 -51.03
N ARG J 242 16.40 -65.33 -51.32
CA ARG J 242 15.85 -66.60 -51.79
C ARG J 242 14.95 -67.22 -50.73
N LEU J 243 15.45 -67.33 -49.50
CA LEU J 243 14.66 -67.88 -48.41
C LEU J 243 13.38 -67.06 -48.22
N GLN J 244 13.50 -65.73 -48.28
CA GLN J 244 12.34 -64.86 -48.16
C GLN J 244 11.31 -65.16 -49.25
N ILE J 245 11.77 -65.27 -50.50
CA ILE J 245 10.86 -65.55 -51.61
C ILE J 245 10.12 -66.86 -51.38
N ILE J 246 10.85 -67.91 -51.00
CA ILE J 246 10.22 -69.22 -50.86
C ILE J 246 9.22 -69.21 -49.71
N ASN J 247 9.60 -68.63 -48.57
CA ASN J 247 8.68 -68.59 -47.43
C ASN J 247 7.44 -67.77 -47.75
N TYR J 248 7.62 -66.62 -48.41
CA TYR J 248 6.47 -65.80 -48.76
C TYR J 248 5.58 -66.48 -49.78
N THR J 249 6.15 -67.25 -50.70
CA THR J 249 5.32 -67.98 -51.64
C THR J 249 4.52 -69.08 -50.93
N GLN J 250 5.15 -69.75 -49.95
CA GLN J 250 4.41 -70.73 -49.17
C GLN J 250 3.24 -70.08 -48.44
N LEU J 251 3.49 -68.93 -47.80
CA LEU J 251 2.41 -68.26 -47.08
C LEU J 251 1.39 -67.62 -48.01
N ILE J 252 1.76 -67.37 -49.27
CA ILE J 252 0.78 -66.93 -50.26
C ILE J 252 -0.15 -68.09 -50.61
N LEU J 253 0.43 -69.26 -50.87
CA LEU J 253 -0.39 -70.44 -51.16
C LEU J 253 -1.31 -70.77 -49.99
N GLU J 254 -0.77 -70.76 -48.78
CA GLU J 254 -1.60 -71.10 -47.62
C GLU J 254 -2.68 -70.05 -47.36
N ASN J 255 -2.40 -68.79 -47.67
CA ASN J 255 -3.36 -67.72 -47.43
C ASN J 255 -3.87 -67.15 -48.75
ZN ZN K . -8.48 33.46 -3.58
ZN ZN L . -14.56 38.59 46.20
ZN ZN M . 22.08 4.87 42.13
ZN ZN N . -3.84 -14.94 -6.43
ZN ZN O . 0.13 -39.06 -45.89
#